data_7TBE
#
_entry.id   7TBE
#
_cell.length_a   80.495
_cell.length_b   253.278
_cell.length_c   171.755
_cell.angle_alpha   90.000
_cell.angle_beta   90.000
_cell.angle_gamma   90.000
#
_symmetry.space_group_name_H-M   'C 2 2 21'
#
loop_
_entity.id
_entity.type
_entity.pdbx_description
1 polymer 'Plasmepsin X'
2 branched beta-D-mannopyranose-(1-4)-2-acetamido-2-deoxy-beta-D-glucopyranose-(1-4)-2-acetamido-2-deoxy-beta-D-glucopyranose
3 branched 2-acetamido-2-deoxy-beta-D-glucopyranose-(1-4)-2-acetamido-2-deoxy-beta-D-glucopyranose
4 non-polymer 3-[(R)-[(2E,4S)-2-imino-4-methyl-6-oxo-4-(propan-2-yl)-1,3-diazinan-1-yl](phenyl)methyl]-N-[(1S)-1-phenylethyl]benzamide
5 non-polymer 'SULFATE ION'
6 water water
#
_entity_poly.entity_id   1
_entity_poly.type   'polypeptide(L)'
_entity_poly.pdbx_seq_one_letter_code
;IDVKNAHAVVEQTEENVFLIPLKHLRDSQFVGTLLVGVPPQEIHPIFDTGSTNLWVVTTDCEEESCKKVKRYNPYKSKTF
RRSFIGKNLHIVFGSGSISGSIGKETFVLGDHTVRNQTFGLVESESNDSLNGDNIFDYIDFEGIVGLGFPEMLSAGKVSF
FDNLLSQNKNLSPQFSFYISPEDNTSTFLVGGVSKSFYEGSIYMLPVVKEYYWEVELDGIYVGEKKICCEEKSYAIFDTG
TSYNTMPSAQMKGFFDVVPSAPCTEENYQEVLKNYPVIKYLFGDLVIELLPEEYMILNEESCIPAYMQIDVPSEKNHAYL
LGSIAFMRHYYTVFVRGAGGQPSMVGVAKARAAAEAAQKVAELENLYFQGDYKDDDDKH
;
_entity_poly.pdbx_strand_id   A,B,C,D
#
# COMPACT_ATOMS: atom_id res chain seq x y z
N VAL A 3 -14.17 8.13 15.16
CA VAL A 3 -13.31 7.39 16.07
C VAL A 3 -11.86 7.68 15.76
N LYS A 4 -11.01 7.61 16.80
CA LYS A 4 -9.57 7.75 16.62
C LYS A 4 -8.89 7.05 17.81
N ASN A 5 -8.47 5.80 17.60
CA ASN A 5 -7.71 5.10 18.63
C ASN A 5 -6.27 5.58 18.62
N ALA A 6 -5.72 5.76 19.82
CA ALA A 6 -4.41 6.38 19.94
C ALA A 6 -3.31 5.31 19.95
N HIS A 7 -2.07 5.78 19.81
CA HIS A 7 -0.88 4.96 20.00
C HIS A 7 -0.44 5.05 21.46
N ALA A 8 0.76 4.56 21.76
CA ALA A 8 1.30 4.63 23.11
C ALA A 8 2.81 4.47 23.04
N VAL A 9 3.51 5.07 24.00
CA VAL A 9 4.99 4.99 24.04
C VAL A 9 5.30 3.82 24.97
N VAL A 10 5.32 2.62 24.37
CA VAL A 10 5.73 1.43 25.09
C VAL A 10 7.24 1.29 24.93
N GLU A 11 7.91 0.85 25.97
CA GLU A 11 9.37 0.79 25.94
C GLU A 11 9.86 -0.53 25.40
N GLN A 12 11.00 -0.48 24.71
CA GLN A 12 11.72 -1.62 24.16
C GLN A 12 13.09 -1.75 24.81
N THR A 13 13.74 -2.89 24.60
CA THR A 13 15.08 -3.06 25.14
C THR A 13 16.10 -2.37 24.23
N GLU A 14 17.33 -2.26 24.74
CA GLU A 14 18.34 -1.40 24.11
C GLU A 14 18.62 -1.80 22.65
N GLU A 15 18.77 -3.09 22.37
CA GLU A 15 19.06 -3.53 21.01
C GLU A 15 17.83 -3.60 20.14
N ASN A 16 16.72 -2.97 20.52
CA ASN A 16 15.57 -2.96 19.65
C ASN A 16 15.32 -1.61 19.02
N VAL A 17 16.01 -0.57 19.50
CA VAL A 17 16.06 0.74 18.86
C VAL A 17 17.53 1.10 18.78
N PHE A 18 18.05 1.25 17.57
CA PHE A 18 19.47 1.56 17.41
C PHE A 18 19.64 2.95 16.83
N LEU A 19 20.64 3.66 17.33
CA LEU A 19 20.87 5.06 17.01
C LEU A 19 22.06 5.16 16.05
N ILE A 20 21.84 5.82 14.93
CA ILE A 20 22.87 6.05 13.92
C ILE A 20 23.24 7.53 13.98
N PRO A 21 24.44 7.87 14.44
CA PRO A 21 24.82 9.29 14.46
C PRO A 21 24.90 9.86 13.06
N LEU A 22 24.48 11.11 12.91
CA LEU A 22 24.50 11.81 11.65
C LEU A 22 25.40 13.02 11.80
N LYS A 23 26.39 13.13 10.91
CA LYS A 23 27.32 14.25 10.93
C LYS A 23 26.82 15.29 9.94
N HIS A 24 26.75 16.54 10.39
CA HIS A 24 26.32 17.64 9.54
C HIS A 24 27.54 18.13 8.78
N LEU A 25 27.68 17.71 7.53
CA LEU A 25 28.83 18.11 6.77
C LEU A 25 28.73 19.58 6.38
N ARG A 26 29.88 20.18 6.10
CA ARG A 26 29.93 21.59 5.74
C ARG A 26 29.27 21.89 4.40
N ASP A 27 28.79 20.86 3.69
CA ASP A 27 28.07 21.05 2.44
C ASP A 27 26.58 20.73 2.58
N SER A 28 26.04 20.79 3.80
CA SER A 28 24.63 20.60 4.14
C SER A 28 24.18 19.16 4.06
N GLN A 29 25.10 18.20 4.00
CA GLN A 29 24.75 16.79 3.99
C GLN A 29 24.66 16.27 5.41
N PHE A 30 23.53 15.63 5.73
CA PHE A 30 23.36 14.91 6.98
C PHE A 30 23.70 13.45 6.69
N VAL A 31 24.93 13.06 7.00
CA VAL A 31 25.47 11.77 6.58
C VAL A 31 25.68 10.89 7.79
N GLY A 32 25.48 9.59 7.58
CA GLY A 32 25.72 8.58 8.60
C GLY A 32 26.74 7.57 8.11
N THR A 33 26.83 6.43 8.78
CA THR A 33 27.77 5.38 8.42
C THR A 33 26.99 4.15 7.95
N LEU A 34 27.44 3.55 6.85
CA LEU A 34 26.80 2.35 6.32
C LEU A 34 27.87 1.39 5.81
N LEU A 35 27.73 0.12 6.16
CA LEU A 35 28.70 -0.92 5.79
C LEU A 35 28.16 -1.75 4.64
N VAL A 36 28.96 -1.87 3.57
CA VAL A 36 28.58 -2.57 2.35
C VAL A 36 29.56 -3.71 2.10
N GLY A 37 29.02 -4.89 1.80
CA GLY A 37 29.84 -5.99 1.32
C GLY A 37 30.61 -6.74 2.37
N VAL A 38 31.38 -7.72 1.88
CA VAL A 38 32.23 -8.58 2.70
C VAL A 38 33.53 -8.81 1.95
N PRO A 39 34.68 -8.32 2.44
CA PRO A 39 34.86 -7.53 3.66
C PRO A 39 34.10 -6.22 3.61
N PRO A 40 33.80 -5.64 4.77
CA PRO A 40 33.00 -4.42 4.79
C PRO A 40 33.69 -3.28 4.05
N GLN A 41 32.88 -2.50 3.33
CA GLN A 41 33.32 -1.25 2.74
C GLN A 41 32.41 -0.16 3.28
N GLU A 42 33.01 0.89 3.83
CA GLU A 42 32.27 1.91 4.56
C GLU A 42 31.92 3.05 3.63
N ILE A 43 30.62 3.35 3.51
CA ILE A 43 30.15 4.52 2.78
C ILE A 43 29.30 5.34 3.73
N HIS A 44 29.28 6.65 3.49
CA HIS A 44 28.56 7.59 4.34
C HIS A 44 27.40 8.19 3.56
N PRO A 45 26.25 7.55 3.53
CA PRO A 45 25.14 8.04 2.71
C PRO A 45 24.25 9.00 3.49
N ILE A 46 23.39 9.65 2.75
CA ILE A 46 22.32 10.46 3.34
C ILE A 46 21.13 9.55 3.58
N PHE A 47 20.42 9.81 4.68
CA PHE A 47 19.21 9.04 5.01
C PHE A 47 18.00 9.88 4.64
N ASP A 48 17.23 9.41 3.67
CA ASP A 48 16.25 10.20 2.95
C ASP A 48 14.87 9.60 3.09
N THR A 49 13.91 10.40 3.56
CA THR A 49 12.52 10.01 3.62
C THR A 49 11.73 10.48 2.40
N GLY A 50 12.43 10.92 1.34
CA GLY A 50 11.81 11.30 0.09
C GLY A 50 12.10 10.40 -1.08
N SER A 51 12.81 9.28 -0.87
CA SER A 51 13.06 8.30 -1.91
C SER A 51 13.26 6.96 -1.21
N THR A 52 12.91 5.88 -1.91
CA THR A 52 13.02 4.53 -1.36
C THR A 52 14.24 3.79 -1.91
N ASN A 53 14.88 4.30 -2.95
CA ASN A 53 16.00 3.62 -3.58
C ASN A 53 17.25 3.69 -2.71
N LEU A 54 18.05 2.61 -2.74
CA LEU A 54 19.32 2.55 -2.03
C LEU A 54 20.42 2.77 -3.06
N TRP A 55 20.98 3.98 -3.06
CA TRP A 55 22.05 4.36 -3.97
C TRP A 55 23.39 4.26 -3.27
N VAL A 56 24.38 3.74 -3.98
CA VAL A 56 25.75 3.65 -3.49
C VAL A 56 26.68 4.09 -4.61
N VAL A 57 27.50 5.12 -4.34
CA VAL A 57 28.47 5.55 -5.33
C VAL A 57 29.57 4.51 -5.42
N THR A 58 29.79 4.00 -6.63
CA THR A 58 30.73 2.91 -6.84
C THR A 58 31.94 3.37 -7.63
N THR A 59 32.87 2.45 -7.83
CA THR A 59 34.05 2.71 -8.63
C THR A 59 33.77 2.63 -10.13
N ASP A 60 32.56 2.25 -10.52
CA ASP A 60 32.14 2.30 -11.91
C ASP A 60 31.76 3.69 -12.37
N CYS A 61 31.89 4.70 -11.50
CA CYS A 61 31.71 6.10 -11.87
C CYS A 61 33.08 6.75 -11.79
N GLU A 62 33.64 7.11 -12.94
CA GLU A 62 34.97 7.70 -13.02
C GLU A 62 34.92 9.20 -13.30
N GLU A 63 33.80 9.85 -12.99
CA GLU A 63 33.69 11.28 -13.22
C GLU A 63 34.44 12.05 -12.12
N GLU A 64 34.56 13.36 -12.33
CA GLU A 64 35.35 14.17 -11.41
C GLU A 64 34.71 14.25 -10.03
N SER A 65 33.39 14.42 -9.96
CA SER A 65 32.70 14.49 -8.68
C SER A 65 32.59 13.12 -8.01
N CYS A 66 32.90 12.04 -8.73
CA CYS A 66 32.83 10.70 -8.17
C CYS A 66 34.14 10.26 -7.55
N LYS A 67 35.28 10.70 -8.07
CA LYS A 67 36.57 10.24 -7.57
C LYS A 67 36.97 10.88 -6.25
N LYS A 68 36.39 12.03 -5.90
CA LYS A 68 36.80 12.70 -4.67
C LYS A 68 36.29 12.02 -3.41
N VAL A 69 35.35 11.09 -3.52
CA VAL A 69 34.73 10.45 -2.38
C VAL A 69 35.11 8.98 -2.33
N LYS A 70 34.73 8.32 -1.24
CA LYS A 70 35.03 6.91 -1.02
C LYS A 70 34.10 6.05 -1.88
N ARG A 71 34.54 5.75 -3.10
CA ARG A 71 33.75 4.93 -4.00
C ARG A 71 33.80 3.46 -3.60
N TYR A 72 32.69 2.76 -3.79
CA TYR A 72 32.58 1.36 -3.44
C TYR A 72 32.97 0.49 -4.63
N ASN A 73 33.89 -0.45 -4.38
CA ASN A 73 34.42 -1.30 -5.45
C ASN A 73 33.72 -2.67 -5.40
N PRO A 74 32.71 -2.90 -6.23
CA PRO A 74 32.00 -4.20 -6.16
C PRO A 74 32.88 -5.40 -6.41
N TYR A 75 33.94 -5.24 -7.19
CA TYR A 75 34.80 -6.37 -7.56
C TYR A 75 35.73 -6.78 -6.44
N LYS A 76 35.77 -6.02 -5.34
CA LYS A 76 36.49 -6.40 -4.14
C LYS A 76 35.58 -7.01 -3.08
N SER A 77 34.28 -7.07 -3.34
CA SER A 77 33.30 -7.59 -2.39
C SER A 77 32.97 -9.04 -2.70
N LYS A 78 32.98 -9.88 -1.67
CA LYS A 78 32.69 -11.30 -1.84
C LYS A 78 31.20 -11.60 -1.83
N THR A 79 30.38 -10.71 -1.27
CA THR A 79 28.94 -10.92 -1.25
C THR A 79 28.22 -10.25 -2.41
N PHE A 80 28.89 -9.40 -3.18
CA PHE A 80 28.24 -8.74 -4.31
C PHE A 80 27.94 -9.76 -5.39
N ARG A 81 26.72 -9.72 -5.93
CA ARG A 81 26.35 -10.66 -7.00
C ARG A 81 25.30 -10.00 -7.89
N ARG A 82 25.76 -9.58 -9.06
CA ARG A 82 24.92 -9.03 -10.12
C ARG A 82 24.19 -10.17 -10.81
N SER A 83 23.03 -9.86 -11.38
CA SER A 83 22.25 -10.90 -12.03
C SER A 83 22.64 -11.04 -13.50
N PHE A 84 22.37 -12.23 -14.05
CA PHE A 84 22.77 -12.56 -15.41
C PHE A 84 22.32 -11.49 -16.38
N ILE A 85 21.02 -11.23 -16.40
CA ILE A 85 20.48 -10.15 -17.23
C ILE A 85 20.41 -8.85 -16.43
N GLY A 86 21.58 -8.23 -16.18
CA GLY A 86 21.67 -6.94 -15.52
C GLY A 86 20.72 -5.86 -16.03
N LYS A 87 20.04 -5.15 -15.15
CA LYS A 87 19.18 -4.02 -15.50
C LYS A 87 19.89 -2.70 -15.25
N ASN A 88 19.30 -1.61 -15.77
CA ASN A 88 19.83 -0.27 -15.58
C ASN A 88 18.84 0.58 -14.79
N LEU A 89 19.34 1.70 -14.26
CA LEU A 89 18.60 2.56 -13.34
C LEU A 89 18.74 4.03 -13.73
N HIS A 90 17.62 4.76 -13.69
CA HIS A 90 17.57 6.17 -14.07
C HIS A 90 16.71 6.97 -13.09
N ILE A 91 17.27 8.06 -12.56
CA ILE A 91 16.59 8.95 -11.63
C ILE A 91 16.87 10.39 -12.03
N VAL A 92 15.82 11.17 -12.26
CA VAL A 92 15.95 12.59 -12.62
C VAL A 92 15.27 13.43 -11.54
N PHE A 93 16.04 14.25 -10.84
CA PHE A 93 15.49 15.20 -9.90
C PHE A 93 15.77 16.63 -10.37
N GLY A 94 15.36 17.59 -9.56
CA GLY A 94 15.41 19.00 -9.92
C GLY A 94 16.74 19.52 -10.41
N SER A 95 17.77 19.44 -9.56
CA SER A 95 19.05 20.09 -9.82
C SER A 95 20.15 19.09 -10.18
N GLY A 96 19.80 18.05 -10.93
CA GLY A 96 20.80 17.07 -11.33
C GLY A 96 20.14 15.78 -11.75
N SER A 97 20.94 14.70 -11.72
CA SER A 97 20.47 13.39 -12.15
C SER A 97 21.46 12.34 -11.66
N ILE A 98 21.00 11.09 -11.62
CA ILE A 98 21.80 9.97 -11.13
C ILE A 98 21.48 8.76 -11.99
N SER A 99 22.51 8.02 -12.40
CA SER A 99 22.33 6.86 -13.26
C SER A 99 23.26 5.75 -12.83
N GLY A 100 22.86 4.51 -13.12
CA GLY A 100 23.67 3.36 -12.78
C GLY A 100 22.91 2.08 -13.04
N SER A 101 23.54 0.97 -12.64
CA SER A 101 22.96 -0.35 -12.77
C SER A 101 22.43 -0.83 -11.43
N ILE A 102 21.83 -2.02 -11.44
CA ILE A 102 21.24 -2.61 -10.24
C ILE A 102 22.07 -3.82 -9.82
N GLY A 103 22.15 -4.02 -8.50
CA GLY A 103 22.84 -5.17 -7.96
C GLY A 103 22.28 -5.50 -6.59
N LYS A 104 22.59 -6.70 -6.12
CA LYS A 104 22.19 -7.16 -4.80
C LYS A 104 23.40 -7.26 -3.90
N GLU A 105 23.26 -6.79 -2.66
CA GLU A 105 24.37 -6.80 -1.74
C GLU A 105 23.88 -6.96 -0.31
N THR A 106 24.81 -7.25 0.58
CA THR A 106 24.56 -7.43 2.01
C THR A 106 25.08 -6.21 2.76
N PHE A 107 24.18 -5.50 3.44
CA PHE A 107 24.51 -4.27 4.14
C PHE A 107 24.39 -4.45 5.64
N VAL A 108 25.22 -3.70 6.37
CA VAL A 108 25.18 -3.64 7.83
C VAL A 108 24.89 -2.19 8.22
N LEU A 109 23.76 -1.97 8.88
CA LEU A 109 23.38 -0.64 9.37
C LEU A 109 23.33 -0.68 10.88
N GLY A 110 24.36 -0.12 11.52
CA GLY A 110 24.43 -0.07 12.97
C GLY A 110 24.31 -1.44 13.62
N ASP A 111 25.25 -2.34 13.32
CA ASP A 111 25.34 -3.68 13.90
C ASP A 111 24.19 -4.59 13.48
N HIS A 112 23.38 -4.18 12.50
CA HIS A 112 22.34 -5.03 11.93
C HIS A 112 22.69 -5.36 10.48
N THR A 113 22.60 -6.64 10.12
CA THR A 113 22.92 -7.12 8.79
C THR A 113 21.66 -7.31 7.96
N VAL A 114 21.77 -7.07 6.65
CA VAL A 114 20.67 -7.25 5.71
C VAL A 114 21.23 -7.90 4.45
N ARG A 115 20.58 -8.96 3.97
CA ARG A 115 21.06 -9.72 2.81
C ARG A 115 20.06 -9.66 1.66
N ASN A 116 20.58 -9.95 0.46
CA ASN A 116 19.81 -9.89 -0.79
C ASN A 116 19.20 -8.51 -0.99
N GLN A 117 19.94 -7.45 -0.66
CA GLN A 117 19.40 -6.10 -0.72
C GLN A 117 19.68 -5.54 -2.11
N THR A 118 18.62 -5.35 -2.89
CA THR A 118 18.77 -4.73 -4.20
C THR A 118 19.13 -3.25 -4.03
N PHE A 119 20.12 -2.81 -4.78
CA PHE A 119 20.51 -1.41 -4.74
C PHE A 119 21.06 -1.00 -6.10
N GLY A 120 21.18 0.30 -6.29
CA GLY A 120 21.68 0.86 -7.54
C GLY A 120 23.11 1.36 -7.37
N LEU A 121 23.95 0.99 -8.33
CA LEU A 121 25.35 1.39 -8.33
C LEU A 121 25.49 2.65 -9.18
N VAL A 122 25.79 3.79 -8.53
CA VAL A 122 25.91 5.05 -9.24
C VAL A 122 27.08 4.97 -10.21
N GLU A 123 26.81 5.27 -11.48
CA GLU A 123 27.84 5.26 -12.51
C GLU A 123 28.04 6.60 -13.20
N SER A 124 27.03 7.46 -13.25
CA SER A 124 27.17 8.79 -13.82
C SER A 124 26.47 9.81 -12.93
N GLU A 125 26.97 11.05 -12.96
CA GLU A 125 26.38 12.11 -12.14
C GLU A 125 26.26 13.44 -12.87
N SER A 126 26.33 13.46 -14.20
CA SER A 126 26.32 14.74 -14.90
C SER A 126 24.87 15.13 -15.17
N ASN A 127 24.63 16.43 -15.15
CA ASN A 127 23.28 16.95 -15.30
C ASN A 127 22.71 16.55 -16.65
N ASN A 134 25.32 19.24 -12.28
CA ASN A 134 26.30 20.22 -11.81
C ASN A 134 26.21 20.44 -10.30
N ILE A 135 25.27 19.77 -9.64
CA ILE A 135 25.11 20.00 -8.21
C ILE A 135 26.07 19.14 -7.39
N PHE A 136 26.53 18.03 -7.95
CA PHE A 136 27.41 17.15 -7.19
C PHE A 136 28.81 17.71 -7.05
N ASP A 137 29.09 18.84 -7.69
CA ASP A 137 30.36 19.52 -7.53
C ASP A 137 30.46 20.23 -6.20
N TYR A 138 29.33 20.56 -5.58
CA TYR A 138 29.33 21.25 -4.29
C TYR A 138 29.24 20.28 -3.12
N ILE A 139 29.12 18.98 -3.39
CA ILE A 139 28.80 18.00 -2.38
C ILE A 139 29.73 16.79 -2.48
N ASP A 140 30.19 16.29 -1.33
CA ASP A 140 30.92 15.02 -1.26
C ASP A 140 29.92 13.88 -1.09
N PHE A 141 29.23 13.57 -2.19
CA PHE A 141 28.14 12.60 -2.18
C PHE A 141 28.68 11.18 -2.23
N GLU A 142 28.09 10.30 -1.41
CA GLU A 142 28.51 8.90 -1.37
C GLU A 142 27.38 7.89 -1.39
N GLY A 143 26.13 8.31 -1.41
CA GLY A 143 25.02 7.38 -1.49
C GLY A 143 23.79 7.91 -0.78
N ILE A 144 22.70 7.18 -0.97
CA ILE A 144 21.40 7.52 -0.41
C ILE A 144 20.76 6.27 0.17
N VAL A 145 20.28 6.36 1.39
CA VAL A 145 19.49 5.30 2.01
C VAL A 145 18.04 5.70 1.91
N GLY A 146 17.25 4.93 1.17
CA GLY A 146 15.87 5.27 0.92
C GLY A 146 14.92 4.88 2.03
N LEU A 147 14.19 5.87 2.55
CA LEU A 147 13.24 5.63 3.64
C LEU A 147 11.79 5.88 3.24
N GLY A 148 11.53 6.32 2.02
CA GLY A 148 10.17 6.47 1.55
C GLY A 148 9.46 5.13 1.40
N PHE A 149 8.22 5.19 0.94
CA PHE A 149 7.38 4.01 0.80
C PHE A 149 7.77 3.20 -0.43
N PRO A 150 7.39 1.91 -0.48
CA PRO A 150 7.87 1.05 -1.58
C PRO A 150 7.37 1.45 -2.95
N GLU A 151 6.20 2.08 -3.04
CA GLU A 151 5.70 2.52 -4.35
C GLU A 151 6.66 3.45 -5.06
N MET A 152 7.57 4.09 -4.32
CA MET A 152 8.54 5.01 -4.90
C MET A 152 9.81 4.31 -5.38
N LEU A 153 9.83 2.99 -5.30
CA LEU A 153 11.00 2.21 -5.71
C LEU A 153 11.12 2.18 -7.23
N SER A 154 12.33 2.41 -7.74
CA SER A 154 12.57 2.28 -9.17
C SER A 154 12.88 0.84 -9.58
N ALA A 155 13.55 0.08 -8.72
CA ALA A 155 13.88 -1.31 -9.01
C ALA A 155 14.13 -2.04 -7.71
N GLY A 156 13.94 -3.34 -7.74
CA GLY A 156 14.08 -4.19 -6.59
C GLY A 156 12.74 -4.67 -6.08
N LYS A 157 12.77 -5.83 -5.40
CA LYS A 157 11.53 -6.43 -4.90
C LYS A 157 11.12 -5.81 -3.57
N VAL A 158 12.06 -5.72 -2.64
CA VAL A 158 11.80 -5.25 -1.30
C VAL A 158 12.61 -3.98 -1.06
N SER A 159 11.99 -3.01 -0.40
CA SER A 159 12.71 -1.81 -0.01
C SER A 159 13.70 -2.14 1.10
N PHE A 160 14.80 -1.38 1.14
CA PHE A 160 15.86 -1.64 2.12
C PHE A 160 15.30 -1.73 3.54
N PHE A 161 14.46 -0.77 3.92
CA PHE A 161 13.91 -0.77 5.27
C PHE A 161 13.00 -1.98 5.49
N ASP A 162 12.12 -2.27 4.53
CA ASP A 162 11.33 -3.49 4.62
C ASP A 162 12.22 -4.72 4.68
N ASN A 163 13.27 -4.75 3.87
CA ASN A 163 14.18 -5.90 3.85
C ASN A 163 14.95 -6.01 5.15
N LEU A 164 15.31 -4.88 5.75
CA LEU A 164 15.97 -4.93 7.05
C LEU A 164 15.03 -5.44 8.13
N LEU A 165 13.77 -4.99 8.10
CA LEU A 165 12.80 -5.46 9.09
C LEU A 165 12.56 -6.95 8.97
N SER A 166 12.56 -7.47 7.74
CA SER A 166 12.30 -8.89 7.55
C SER A 166 13.41 -9.77 8.12
N GLN A 167 14.66 -9.30 8.07
CA GLN A 167 15.79 -10.10 8.53
C GLN A 167 16.19 -9.80 9.97
N ASN A 168 15.62 -8.79 10.60
CA ASN A 168 15.83 -8.48 12.01
C ASN A 168 14.45 -8.22 12.59
N LYS A 169 13.81 -9.28 13.08
CA LYS A 169 12.45 -9.19 13.57
C LYS A 169 12.34 -8.49 14.92
N ASN A 170 13.47 -8.13 15.52
CA ASN A 170 13.43 -7.35 16.75
C ASN A 170 13.06 -5.90 16.51
N LEU A 171 13.26 -5.43 15.29
CA LEU A 171 13.02 -4.04 14.97
C LEU A 171 11.54 -3.86 14.64
N SER A 172 10.93 -2.84 15.24
CA SER A 172 9.56 -2.49 14.93
C SER A 172 9.54 -1.54 13.72
N PRO A 173 8.46 -1.58 12.89
CA PRO A 173 8.44 -0.80 11.64
C PRO A 173 8.33 0.70 11.86
N GLN A 174 9.38 1.30 12.39
CA GLN A 174 9.36 2.74 12.63
C GLN A 174 10.78 3.25 12.88
N PHE A 175 10.97 4.54 12.58
CA PHE A 175 12.24 5.22 12.79
C PHE A 175 11.96 6.66 13.15
N SER A 176 13.02 7.39 13.54
CA SER A 176 12.82 8.76 14.00
C SER A 176 14.10 9.56 13.85
N PHE A 177 13.93 10.86 13.66
CA PHE A 177 15.03 11.78 13.45
C PHE A 177 15.05 12.85 14.53
N TYR A 178 16.25 13.14 15.03
CA TYR A 178 16.50 14.27 15.91
C TYR A 178 17.60 15.12 15.28
N ILE A 179 17.24 16.29 14.79
CA ILE A 179 18.17 17.16 14.08
C ILE A 179 18.66 18.24 15.02
N SER A 180 19.99 18.38 15.12
CA SER A 180 20.64 19.43 15.89
C SER A 180 22.07 19.56 15.37
N PRO A 181 22.29 20.30 14.29
CA PRO A 181 23.64 20.38 13.73
C PRO A 181 24.65 21.12 14.60
N GLU A 182 24.22 22.14 15.36
CA GLU A 182 25.15 22.95 16.13
C GLU A 182 25.97 22.10 17.11
N ASP A 183 25.30 21.37 17.99
CA ASP A 183 26.01 20.51 18.95
C ASP A 183 26.64 19.30 18.29
N ASN A 184 26.26 18.98 17.04
CA ASN A 184 26.71 17.78 16.35
C ASN A 184 26.28 16.50 17.08
N THR A 185 25.04 16.50 17.59
CA THR A 185 24.52 15.33 18.28
C THR A 185 23.27 14.76 17.60
N SER A 186 22.96 15.21 16.38
CA SER A 186 21.84 14.67 15.63
C SER A 186 21.99 13.16 15.47
N THR A 187 20.87 12.45 15.56
CA THR A 187 20.89 10.99 15.58
C THR A 187 19.70 10.43 14.81
N PHE A 188 19.94 9.34 14.08
CA PHE A 188 18.90 8.60 13.39
C PHE A 188 18.59 7.31 14.15
N LEU A 189 17.34 7.15 14.55
CA LEU A 189 16.90 6.00 15.33
C LEU A 189 16.04 5.10 14.48
N VAL A 190 16.37 3.81 14.45
CA VAL A 190 15.62 2.80 13.72
C VAL A 190 14.98 1.86 14.73
N GLY A 191 13.68 1.63 14.56
CA GLY A 191 12.97 0.69 15.40
C GLY A 191 12.28 1.31 16.59
N GLY A 192 12.15 2.63 16.62
CA GLY A 192 11.46 3.28 17.71
C GLY A 192 11.95 4.71 17.88
N VAL A 193 11.71 5.25 19.07
CA VAL A 193 12.09 6.61 19.42
C VAL A 193 12.79 6.59 20.76
N SER A 194 13.36 7.73 21.12
CA SER A 194 14.02 7.89 22.40
C SER A 194 13.38 9.10 23.09
N LYS A 195 12.98 8.90 24.34
CA LYS A 195 12.27 9.95 25.06
C LYS A 195 13.15 11.13 25.45
N SER A 196 14.47 11.00 25.32
CA SER A 196 15.37 12.09 25.70
C SER A 196 15.56 13.13 24.60
N PHE A 197 14.96 12.94 23.42
CA PHE A 197 15.12 13.88 22.32
C PHE A 197 13.96 14.85 22.18
N TYR A 198 12.85 14.58 22.86
CA TYR A 198 11.68 15.45 22.77
C TYR A 198 11.05 15.62 24.14
N GLU A 199 10.29 16.69 24.30
CA GLU A 199 9.48 16.91 25.50
C GLU A 199 8.05 17.18 25.09
N GLY A 200 7.13 16.95 26.02
CA GLY A 200 5.72 17.08 25.75
C GLY A 200 5.11 15.81 25.20
N SER A 201 3.96 15.98 24.54
CA SER A 201 3.26 14.87 23.92
C SER A 201 3.66 14.73 22.46
N ILE A 202 3.37 13.57 21.89
CA ILE A 202 3.64 13.27 20.49
C ILE A 202 2.30 13.21 19.76
N TYR A 203 2.16 14.02 18.72
CA TYR A 203 0.94 14.08 17.93
C TYR A 203 1.16 13.43 16.57
N MET A 204 0.21 12.59 16.17
CA MET A 204 0.30 11.79 14.96
C MET A 204 -0.51 12.43 13.83
N LEU A 205 -0.02 12.28 12.61
CA LEU A 205 -0.68 12.79 11.41
C LEU A 205 -0.75 11.65 10.39
N PRO A 206 -1.94 11.26 9.94
CA PRO A 206 -2.04 10.10 9.04
C PRO A 206 -1.48 10.40 7.66
N VAL A 207 -0.86 9.39 7.06
CA VAL A 207 -0.29 9.52 5.73
C VAL A 207 -1.40 9.32 4.70
N VAL A 208 -1.62 10.32 3.85
CA VAL A 208 -2.68 10.22 2.84
C VAL A 208 -2.28 9.26 1.74
N LYS A 209 -1.07 9.42 1.21
CA LYS A 209 -0.60 8.64 0.07
C LYS A 209 0.74 7.99 0.42
N GLU A 210 0.78 6.66 0.38
CA GLU A 210 2.01 5.93 0.66
C GLU A 210 2.96 6.00 -0.53
N TYR A 211 3.40 7.23 -0.83
CA TYR A 211 4.45 7.48 -1.80
C TYR A 211 5.55 8.29 -1.13
N TYR A 212 5.31 9.55 -0.82
CA TYR A 212 6.10 10.26 0.17
C TYR A 212 5.44 10.09 1.54
N TRP A 213 6.16 10.49 2.58
CA TRP A 213 5.53 10.65 3.90
C TRP A 213 4.74 11.95 3.83
N GLU A 214 3.49 11.84 3.36
CA GLU A 214 2.70 13.00 2.96
C GLU A 214 1.42 13.04 3.79
N VAL A 215 1.11 14.24 4.31
CA VAL A 215 -0.07 14.47 5.14
C VAL A 215 -0.82 15.68 4.59
N GLU A 216 -2.11 15.75 4.90
CA GLU A 216 -2.91 16.88 4.48
C GLU A 216 -2.44 18.16 5.16
N LEU A 217 -2.39 19.24 4.39
CA LEU A 217 -2.02 20.55 4.90
C LEU A 217 -3.22 21.48 4.76
N ASP A 218 -3.66 22.06 5.88
CA ASP A 218 -4.85 22.88 5.87
C ASP A 218 -4.57 24.37 5.71
N GLY A 219 -3.37 24.83 6.04
CA GLY A 219 -3.05 26.23 5.86
C GLY A 219 -1.62 26.53 6.25
N ILE A 220 -1.16 27.70 5.80
CA ILE A 220 0.16 28.22 6.14
C ILE A 220 0.01 29.72 6.38
N TYR A 221 0.50 30.18 7.53
CA TYR A 221 0.42 31.59 7.89
C TYR A 221 1.80 32.12 8.25
N VAL A 222 2.23 33.19 7.58
CA VAL A 222 3.45 33.91 7.94
C VAL A 222 2.99 35.13 8.72
N GLY A 223 3.11 35.07 10.04
CA GLY A 223 2.45 36.07 10.85
C GLY A 223 0.95 35.95 10.70
N GLU A 224 0.29 37.01 10.23
CA GLU A 224 -1.16 37.01 10.04
C GLU A 224 -1.61 36.84 8.60
N LYS A 225 -0.67 36.72 7.65
CA LYS A 225 -1.01 36.64 6.24
C LYS A 225 -1.12 35.19 5.80
N LYS A 226 -2.25 34.85 5.17
CA LYS A 226 -2.52 33.50 4.71
C LYS A 226 -1.84 33.28 3.36
N ILE A 227 -0.81 32.44 3.37
CA ILE A 227 -0.11 32.12 2.13
C ILE A 227 -0.80 30.99 1.40
N CYS A 228 -1.41 30.10 2.17
CA CYS A 228 -2.13 28.94 1.68
C CYS A 228 -3.08 28.56 2.81
N CYS A 229 -4.19 27.88 2.50
CA CYS A 229 -4.46 27.18 1.25
C CYS A 229 -5.88 27.36 0.74
N GLU A 230 -5.99 27.78 -0.51
CA GLU A 230 -7.27 27.96 -1.19
C GLU A 230 -7.72 26.69 -1.91
N GLU A 231 -6.82 25.75 -2.13
CA GLU A 231 -7.12 24.45 -2.70
C GLU A 231 -6.37 23.40 -1.89
N LYS A 232 -6.97 22.22 -1.77
CA LYS A 232 -6.44 21.15 -0.95
C LYS A 232 -4.96 20.94 -1.20
N SER A 233 -4.14 21.16 -0.18
CA SER A 233 -2.70 21.01 -0.28
C SER A 233 -2.22 20.01 0.76
N TYR A 234 -0.96 19.62 0.60
CA TYR A 234 -0.37 18.56 1.42
C TYR A 234 1.05 18.94 1.81
N ALA A 235 1.54 18.30 2.86
CA ALA A 235 2.90 18.48 3.35
C ALA A 235 3.66 17.17 3.27
N ILE A 236 4.92 17.24 2.87
CA ILE A 236 5.78 16.07 2.73
C ILE A 236 6.94 16.20 3.70
N PHE A 237 7.16 15.15 4.48
CA PHE A 237 8.23 15.12 5.47
C PHE A 237 9.46 14.49 4.83
N ASP A 238 10.44 15.32 4.50
CA ASP A 238 11.61 14.90 3.72
C ASP A 238 12.86 15.22 4.53
N THR A 239 13.56 14.18 4.97
CA THR A 239 14.81 14.33 5.70
C THR A 239 16.01 14.49 4.78
N GLY A 240 15.79 14.47 3.46
CA GLY A 240 16.83 14.64 2.47
C GLY A 240 17.04 16.07 2.04
N THR A 241 16.31 17.01 2.63
CA THR A 241 16.41 18.41 2.28
C THR A 241 16.62 19.26 3.53
N SER A 242 17.42 20.33 3.38
CA SER A 242 17.63 21.29 4.47
C SER A 242 16.53 22.34 4.55
N TYR A 243 15.99 22.79 3.40
CA TYR A 243 15.05 23.89 3.36
C TYR A 243 13.60 23.43 3.31
N ASN A 244 12.71 24.24 3.87
CA ASN A 244 11.30 24.08 3.57
C ASN A 244 11.00 24.64 2.18
N THR A 245 9.90 24.17 1.60
CA THR A 245 9.59 24.51 0.22
C THR A 245 8.11 24.86 0.08
N MET A 246 7.78 25.40 -1.08
CA MET A 246 6.42 25.69 -1.50
C MET A 246 6.39 25.56 -3.01
N PRO A 247 5.22 25.39 -3.59
CA PRO A 247 5.15 25.38 -5.05
C PRO A 247 5.57 26.72 -5.64
N SER A 248 5.62 26.80 -6.97
CA SER A 248 6.14 28.00 -7.62
C SER A 248 5.31 29.23 -7.24
N ALA A 249 3.99 29.12 -7.30
CA ALA A 249 3.10 30.25 -7.06
C ALA A 249 3.28 30.83 -5.66
N GLN A 250 3.01 30.02 -4.62
CA GLN A 250 3.06 30.53 -3.25
C GLN A 250 4.43 31.01 -2.84
N MET A 251 5.50 30.58 -3.52
CA MET A 251 6.83 31.01 -3.11
C MET A 251 7.02 32.51 -3.30
N LYS A 252 6.50 33.06 -4.40
CA LYS A 252 6.58 34.50 -4.62
C LYS A 252 5.87 35.26 -3.50
N GLY A 253 4.60 34.91 -3.25
CA GLY A 253 3.84 35.55 -2.19
C GLY A 253 4.48 35.47 -0.82
N PHE A 254 5.38 34.52 -0.63
CA PHE A 254 6.07 34.38 0.67
C PHE A 254 7.23 35.36 0.78
N PHE A 255 8.08 35.41 -0.25
CA PHE A 255 9.25 36.29 -0.21
C PHE A 255 8.88 37.76 -0.16
N ASP A 256 7.60 38.09 -0.39
CA ASP A 256 7.13 39.46 -0.20
C ASP A 256 6.92 39.84 1.26
N VAL A 257 6.78 38.86 2.18
CA VAL A 257 6.58 39.19 3.58
C VAL A 257 7.85 38.93 4.37
N VAL A 258 8.61 37.92 3.98
CA VAL A 258 9.92 37.66 4.59
C VAL A 258 10.95 37.65 3.47
N PRO A 259 11.54 38.79 3.12
CA PRO A 259 12.57 38.80 2.08
C PRO A 259 13.98 38.72 2.66
N SER A 260 14.94 38.42 1.79
CA SER A 260 16.32 38.44 2.26
C SER A 260 16.82 39.88 2.32
N ALA A 261 17.90 40.07 3.06
CA ALA A 261 18.44 41.40 3.28
C ALA A 261 19.82 41.27 3.92
N PRO A 262 20.68 42.28 3.73
CA PRO A 262 21.98 42.26 4.42
C PRO A 262 21.78 42.33 5.92
N CYS A 263 22.62 41.61 6.66
CA CYS A 263 22.50 41.54 8.09
C CYS A 263 23.87 41.46 8.74
N THR A 264 24.00 42.11 9.89
CA THR A 264 25.21 42.11 10.69
C THR A 264 24.98 41.32 11.97
N GLU A 265 26.04 41.23 12.77
CA GLU A 265 25.97 40.50 14.03
C GLU A 265 24.90 41.07 14.93
N GLU A 266 24.68 42.39 14.86
CA GLU A 266 23.65 43.05 15.65
C GLU A 266 22.42 43.34 14.82
N ASN A 267 22.46 43.01 13.53
CA ASN A 267 21.31 43.18 12.67
C ASN A 267 20.49 41.91 12.61
N TYR A 268 21.15 40.74 12.65
CA TYR A 268 20.43 39.47 12.62
C TYR A 268 19.77 39.18 13.96
N GLN A 269 20.34 39.69 15.07
CA GLN A 269 19.74 39.44 16.37
C GLN A 269 18.39 40.15 16.48
N GLU A 270 18.23 41.27 15.78
CA GLU A 270 16.99 42.02 15.82
C GLU A 270 15.97 41.47 14.82
N VAL A 271 16.47 40.86 13.74
CA VAL A 271 15.61 40.19 12.78
C VAL A 271 14.81 39.09 13.45
N LEU A 272 15.43 38.38 14.39
CA LEU A 272 14.75 37.26 15.04
C LEU A 272 13.66 37.73 15.98
N LYS A 273 13.77 38.95 16.49
CA LYS A 273 12.74 39.44 17.42
C LYS A 273 11.55 40.02 16.67
N ASN A 274 11.78 40.72 15.55
CA ASN A 274 10.68 41.37 14.84
C ASN A 274 10.06 40.54 13.73
N TYR A 275 10.79 39.56 13.17
CA TYR A 275 10.27 38.79 12.05
C TYR A 275 9.04 37.97 12.45
N PRO A 276 8.17 37.66 11.49
CA PRO A 276 6.89 37.02 11.81
C PRO A 276 7.08 35.60 12.29
N VAL A 277 5.98 35.02 12.75
CA VAL A 277 5.93 33.63 13.18
C VAL A 277 5.15 32.84 12.14
N ILE A 278 5.79 31.86 11.52
CA ILE A 278 5.13 31.04 10.52
C ILE A 278 4.34 29.95 11.21
N LYS A 279 3.12 29.73 10.75
CA LYS A 279 2.24 28.71 11.33
C LYS A 279 1.83 27.72 10.25
N TYR A 280 2.03 26.44 10.54
CA TYR A 280 1.57 25.35 9.69
C TYR A 280 0.38 24.69 10.37
N LEU A 281 -0.74 24.62 9.66
CA LEU A 281 -1.98 24.10 10.21
C LEU A 281 -2.19 22.69 9.67
N PHE A 282 -2.02 21.70 10.54
CA PHE A 282 -2.29 20.29 10.21
C PHE A 282 -3.55 19.88 10.96
N GLY A 283 -4.70 20.26 10.40
CA GLY A 283 -5.95 19.96 11.08
C GLY A 283 -6.03 20.62 12.43
N ASP A 284 -6.19 19.80 13.47
CA ASP A 284 -6.28 20.31 14.82
C ASP A 284 -4.94 20.83 15.34
N LEU A 285 -3.83 20.37 14.77
CA LEU A 285 -2.50 20.76 15.20
C LEU A 285 -2.04 22.02 14.48
N VAL A 286 -1.39 22.91 15.22
CA VAL A 286 -0.77 24.12 14.67
C VAL A 286 0.69 24.11 15.07
N ILE A 287 1.58 24.01 14.09
CA ILE A 287 3.02 23.98 14.31
C ILE A 287 3.60 25.32 13.89
N GLU A 288 4.25 26.00 14.82
CA GLU A 288 4.81 27.32 14.56
C GLU A 288 6.32 27.24 14.46
N LEU A 289 6.88 28.12 13.61
CA LEU A 289 8.31 28.27 13.44
C LEU A 289 8.68 29.72 13.73
N LEU A 290 9.59 29.93 14.66
CA LEU A 290 9.95 31.28 15.07
C LEU A 290 11.02 31.85 14.15
N PRO A 291 11.25 33.16 14.21
CA PRO A 291 12.30 33.75 13.34
C PRO A 291 13.66 33.12 13.55
N GLU A 292 14.08 32.92 14.80
CA GLU A 292 15.36 32.27 15.06
C GLU A 292 15.40 30.84 14.54
N GLU A 293 14.27 30.30 14.12
CA GLU A 293 14.21 28.93 13.64
C GLU A 293 14.39 28.81 12.14
N TYR A 294 13.68 29.63 11.34
CA TYR A 294 13.75 29.54 9.89
C TYR A 294 14.62 30.60 9.24
N MET A 295 15.26 31.48 9.99
CA MET A 295 16.13 32.49 9.41
C MET A 295 17.58 32.06 9.57
N ILE A 296 18.35 32.17 8.50
CA ILE A 296 19.76 31.79 8.50
C ILE A 296 20.59 33.00 8.09
N LEU A 297 21.80 33.05 8.64
CA LEU A 297 22.76 34.12 8.34
C LEU A 297 23.81 33.53 7.41
N ASN A 298 23.98 34.14 6.25
CA ASN A 298 25.03 33.75 5.33
C ASN A 298 25.66 34.99 4.74
N GLU A 299 26.99 35.05 4.77
CA GLU A 299 27.76 36.18 4.23
C GLU A 299 27.10 37.52 4.54
N GLU A 300 26.81 37.74 5.82
CA GLU A 300 26.18 38.97 6.28
C GLU A 300 24.89 39.26 5.52
N SER A 301 23.99 38.27 5.53
CA SER A 301 22.73 38.37 4.80
C SER A 301 21.69 37.49 5.48
N CYS A 302 20.45 37.97 5.55
CA CYS A 302 19.32 37.29 6.20
C CYS A 302 18.47 36.54 5.18
N ILE A 303 18.61 35.24 5.06
CA ILE A 303 17.90 34.51 4.02
C ILE A 303 16.72 33.78 4.63
N PRO A 304 15.55 33.89 4.05
CA PRO A 304 14.46 33.05 4.52
C PRO A 304 14.88 31.61 4.19
N ALA A 305 14.88 30.68 5.13
CA ALA A 305 15.40 29.34 4.82
C ALA A 305 14.35 28.51 4.08
N TYR A 306 13.91 29.06 2.94
CA TYR A 306 12.95 28.45 2.05
C TYR A 306 13.44 28.46 0.60
N MET A 307 13.03 27.46 -0.18
CA MET A 307 13.35 27.40 -1.60
C MET A 307 12.12 26.93 -2.38
N GLN A 308 12.21 27.07 -3.70
CA GLN A 308 11.10 26.71 -4.59
C GLN A 308 11.29 25.29 -5.08
N ILE A 309 10.24 24.47 -4.95
CA ILE A 309 10.21 23.11 -5.45
C ILE A 309 8.79 22.78 -5.90
N ASP A 310 8.63 22.43 -7.17
CA ASP A 310 7.35 21.97 -7.70
C ASP A 310 7.34 20.45 -7.70
N VAL A 311 6.58 19.87 -6.77
CA VAL A 311 6.48 18.40 -6.73
C VAL A 311 5.78 17.92 -8.00
N PRO A 312 6.26 16.85 -8.64
CA PRO A 312 5.74 16.47 -9.97
C PRO A 312 4.24 16.18 -10.02
N SER A 313 3.77 15.21 -9.23
CA SER A 313 2.39 14.76 -9.33
C SER A 313 1.40 15.66 -8.60
N GLU A 314 1.87 16.48 -7.66
CA GLU A 314 0.97 17.32 -6.88
C GLU A 314 0.90 18.74 -7.42
N LYS A 315 1.38 18.96 -8.64
CA LYS A 315 1.36 20.27 -9.28
C LYS A 315 1.89 21.36 -8.35
N ASN A 316 1.03 22.31 -8.00
CA ASN A 316 1.38 23.40 -7.10
C ASN A 316 0.68 23.26 -5.75
N HIS A 317 0.46 22.02 -5.31
CA HIS A 317 -0.24 21.74 -4.06
C HIS A 317 0.59 20.99 -3.02
N ALA A 318 1.90 20.90 -3.19
CA ALA A 318 2.75 20.11 -2.29
C ALA A 318 3.80 21.00 -1.63
N TYR A 319 3.86 20.92 -0.29
CA TYR A 319 4.80 21.68 0.51
C TYR A 319 5.71 20.73 1.27
N LEU A 320 7.02 20.91 1.13
CA LEU A 320 7.99 20.06 1.81
C LEU A 320 8.42 20.67 3.13
N LEU A 321 8.82 19.81 4.07
CA LEU A 321 9.32 20.22 5.37
C LEU A 321 10.70 19.59 5.56
N GLY A 322 11.73 20.43 5.66
CA GLY A 322 13.09 19.98 5.62
C GLY A 322 13.71 19.81 7.00
N SER A 323 15.02 19.51 6.98
CA SER A 323 15.76 19.21 8.19
C SER A 323 16.12 20.45 8.99
N ILE A 324 16.57 21.52 8.33
CA ILE A 324 17.06 22.69 9.06
C ILE A 324 15.92 23.64 9.43
N ALA A 325 14.90 23.75 8.61
CA ALA A 325 13.82 24.69 8.89
C ALA A 325 12.66 24.06 9.66
N PHE A 326 12.72 22.76 9.97
CA PHE A 326 11.64 22.13 10.73
C PHE A 326 12.15 21.08 11.70
N MET A 327 12.69 19.97 11.17
CA MET A 327 13.10 18.85 12.02
C MET A 327 14.11 19.27 13.09
N ARG A 328 14.92 20.30 12.82
CA ARG A 328 15.82 20.81 13.84
C ARG A 328 15.07 21.30 15.06
N HIS A 329 13.81 21.70 14.89
CA HIS A 329 12.99 22.17 16.00
C HIS A 329 11.97 21.15 16.48
N TYR A 330 11.65 20.14 15.67
CA TYR A 330 10.60 19.18 16.01
C TYR A 330 11.10 17.76 15.80
N TYR A 331 11.13 16.99 16.88
CA TYR A 331 11.40 15.56 16.79
C TYR A 331 10.31 14.89 15.97
N THR A 332 10.72 14.12 14.96
CA THR A 332 9.79 13.52 14.01
C THR A 332 9.92 12.01 14.03
N VAL A 333 8.78 11.33 14.14
CA VAL A 333 8.70 9.87 14.16
C VAL A 333 7.91 9.41 12.94
N PHE A 334 8.31 8.27 12.38
CA PHE A 334 7.64 7.68 11.24
C PHE A 334 7.16 6.29 11.63
N VAL A 335 5.84 6.09 11.59
CA VAL A 335 5.21 4.83 11.98
C VAL A 335 4.60 4.22 10.73
N ARG A 336 5.11 3.07 10.30
CA ARG A 336 4.61 2.40 9.11
C ARG A 336 3.31 1.69 9.41
N GLY A 337 2.25 2.07 8.70
CA GLY A 337 0.97 1.41 8.83
C GLY A 337 0.99 0.04 8.16
N ALA A 338 -0.20 -0.56 8.10
CA ALA A 338 -0.37 -1.88 7.51
C ALA A 338 -1.84 -2.24 7.35
N GLY A 339 -2.24 -2.63 6.15
CA GLY A 339 -3.64 -2.96 5.90
C GLY A 339 -4.54 -1.75 6.12
N GLY A 340 -5.46 -1.88 7.07
CA GLY A 340 -6.43 -0.80 7.29
C GLY A 340 -5.82 0.40 7.98
N GLN A 341 -5.00 0.19 8.99
CA GLN A 341 -4.44 1.32 9.73
C GLN A 341 -3.40 2.02 8.86
N PRO A 342 -3.36 3.35 8.89
CA PRO A 342 -2.45 4.09 8.01
C PRO A 342 -1.11 4.37 8.67
N SER A 343 -0.14 4.69 7.82
CA SER A 343 1.14 5.18 8.31
C SER A 343 0.95 6.60 8.83
N MET A 344 1.82 7.00 9.76
CA MET A 344 1.63 8.30 10.39
C MET A 344 2.97 8.92 10.74
N VAL A 345 2.97 10.25 10.79
CA VAL A 345 4.14 11.03 11.15
C VAL A 345 3.88 11.68 12.50
N GLY A 346 4.79 11.47 13.45
CA GLY A 346 4.67 12.05 14.78
C GLY A 346 5.61 13.21 14.93
N VAL A 347 5.07 14.33 15.41
CA VAL A 347 5.84 15.55 15.63
C VAL A 347 5.75 15.93 17.09
N ALA A 348 6.86 16.38 17.65
CA ALA A 348 6.90 16.88 19.02
C ALA A 348 8.00 17.91 19.10
N LYS A 349 8.03 18.65 20.20
CA LYS A 349 9.11 19.61 20.39
C LYS A 349 10.41 18.85 20.57
N ALA A 350 11.48 19.33 19.95
CA ALA A 350 12.77 18.69 20.17
C ALA A 350 13.26 19.14 21.53
N ARG A 351 13.75 18.20 22.34
CA ARG A 351 14.25 18.57 23.66
C ARG A 351 15.51 19.42 23.57
N ALA A 352 16.27 19.27 22.50
CA ALA A 352 17.54 19.95 22.29
C ALA A 352 18.42 19.90 23.54
N ALA A 353 18.73 18.69 23.96
CA ALA A 353 19.58 18.44 25.11
C ALA A 353 20.18 17.06 24.95
N ALA A 354 21.36 16.87 25.54
CA ALA A 354 22.07 15.60 25.48
C ALA A 354 21.39 14.51 26.32
N GLU A 355 21.06 14.81 27.57
CA GLU A 355 20.41 13.87 28.51
C GLU A 355 21.23 12.58 28.54
N ALA A 356 20.62 11.40 28.39
CA ALA A 356 21.34 10.14 28.32
C ALA A 356 20.48 9.09 27.62
N ALA A 357 20.48 9.09 26.29
CA ALA A 357 19.57 8.27 25.50
C ALA A 357 19.99 6.79 25.50
N GLN A 358 20.08 6.23 26.71
CA GLN A 358 20.23 4.79 26.87
C GLN A 358 18.89 4.09 26.92
N LYS A 359 17.85 4.79 27.36
CA LYS A 359 16.50 4.24 27.44
C LYS A 359 15.70 4.68 26.22
N VAL A 360 15.11 3.73 25.52
CA VAL A 360 14.40 4.00 24.28
C VAL A 360 13.08 3.25 24.29
N ALA A 361 12.12 3.75 23.52
CA ALA A 361 10.77 3.18 23.47
C ALA A 361 10.28 3.17 22.03
N GLU A 362 9.06 2.67 21.83
CA GLU A 362 8.47 2.57 20.51
C GLU A 362 6.98 2.85 20.60
N LEU A 363 6.39 3.27 19.47
CA LEU A 363 4.97 3.58 19.42
C LEU A 363 4.21 2.33 18.99
N GLU A 364 3.31 1.85 19.86
CA GLU A 364 2.47 0.69 19.61
C GLU A 364 1.03 1.13 19.38
N ASN A 365 0.15 0.16 19.14
CA ASN A 365 -1.29 0.40 19.10
C ASN A 365 -1.70 1.45 18.08
N VAL B 3 11.29 -2.70 -18.21
CA VAL B 3 11.68 -4.01 -17.73
C VAL B 3 10.43 -4.75 -17.24
N LYS B 4 9.48 -4.96 -18.13
CA LYS B 4 8.27 -5.69 -17.76
C LYS B 4 8.62 -7.13 -17.39
N ASN B 5 8.38 -7.49 -16.14
CA ASN B 5 8.56 -8.87 -15.70
C ASN B 5 7.34 -9.70 -16.10
N ALA B 6 7.46 -11.01 -15.93
CA ALA B 6 6.45 -11.96 -16.40
C ALA B 6 6.06 -12.91 -15.29
N HIS B 7 4.75 -13.00 -15.02
CA HIS B 7 4.23 -14.03 -14.16
C HIS B 7 4.13 -15.35 -14.94
N ALA B 8 3.81 -16.43 -14.22
CA ALA B 8 3.75 -17.74 -14.84
C ALA B 8 2.63 -18.57 -14.20
N VAL B 9 1.81 -19.17 -15.05
CA VAL B 9 0.71 -20.03 -14.64
C VAL B 9 1.27 -21.37 -14.17
N VAL B 10 1.33 -21.58 -12.86
CA VAL B 10 1.80 -22.82 -12.24
C VAL B 10 0.65 -23.47 -11.50
N GLU B 11 0.62 -24.80 -11.52
CA GLU B 11 -0.52 -25.57 -11.04
C GLU B 11 -0.39 -25.92 -9.56
N GLN B 12 -1.54 -25.94 -8.88
CA GLN B 12 -1.64 -26.29 -7.47
C GLN B 12 -2.57 -27.49 -7.29
N THR B 13 -2.73 -27.93 -6.05
CA THR B 13 -3.67 -29.00 -5.74
C THR B 13 -5.07 -28.41 -5.58
N GLU B 14 -6.06 -29.28 -5.36
CA GLU B 14 -7.45 -28.85 -5.36
C GLU B 14 -7.81 -28.01 -4.13
N GLU B 15 -7.26 -28.34 -2.97
CA GLU B 15 -7.56 -27.57 -1.76
C GLU B 15 -6.62 -26.39 -1.57
N ASN B 16 -5.98 -25.92 -2.64
CA ASN B 16 -5.18 -24.71 -2.61
C ASN B 16 -5.87 -23.56 -3.32
N VAL B 17 -6.78 -23.87 -4.25
CA VAL B 17 -7.66 -22.90 -4.86
C VAL B 17 -9.07 -23.45 -4.68
N PHE B 18 -9.92 -22.72 -3.99
CA PHE B 18 -11.26 -23.22 -3.69
C PHE B 18 -12.30 -22.43 -4.47
N LEU B 19 -13.33 -23.13 -4.91
CA LEU B 19 -14.32 -22.60 -5.82
C LEU B 19 -15.59 -22.26 -5.07
N ILE B 20 -16.05 -21.03 -5.23
CA ILE B 20 -17.31 -20.58 -4.64
C ILE B 20 -18.31 -20.42 -5.78
N PRO B 21 -19.30 -21.29 -5.91
CA PRO B 21 -20.30 -21.11 -6.96
C PRO B 21 -21.11 -19.84 -6.72
N LEU B 22 -21.42 -19.14 -7.81
CA LEU B 22 -22.18 -17.91 -7.75
C LEU B 22 -23.43 -18.08 -8.60
N LYS B 23 -24.59 -17.86 -7.99
CA LYS B 23 -25.86 -17.96 -8.69
C LYS B 23 -26.33 -16.58 -9.14
N HIS B 24 -26.82 -16.50 -10.36
CA HIS B 24 -27.35 -15.25 -10.91
C HIS B 24 -28.78 -15.11 -10.42
N LEU B 25 -28.98 -14.29 -9.39
CA LEU B 25 -30.31 -14.12 -8.82
C LEU B 25 -31.20 -13.28 -9.74
N ARG B 26 -32.51 -13.40 -9.52
CA ARG B 26 -33.50 -12.69 -10.30
C ARG B 26 -33.48 -11.19 -10.09
N ASP B 27 -32.65 -10.69 -9.18
CA ASP B 27 -32.49 -9.25 -8.97
C ASP B 27 -31.12 -8.74 -9.42
N SER B 28 -30.43 -9.49 -10.29
CA SER B 28 -29.15 -9.15 -10.89
C SER B 28 -28.00 -9.28 -9.90
N GLN B 29 -28.21 -9.94 -8.76
CA GLN B 29 -27.16 -10.15 -7.77
C GLN B 29 -26.41 -11.44 -8.07
N PHE B 30 -25.09 -11.35 -8.10
CA PHE B 30 -24.23 -12.54 -8.17
C PHE B 30 -23.83 -12.87 -6.74
N VAL B 31 -24.55 -13.81 -6.13
CA VAL B 31 -24.42 -14.10 -4.71
C VAL B 31 -23.84 -15.49 -4.53
N GLY B 32 -23.09 -15.65 -3.45
CA GLY B 32 -22.55 -16.94 -3.08
C GLY B 32 -22.99 -17.35 -1.69
N THR B 33 -22.31 -18.33 -1.13
CA THR B 33 -22.64 -18.85 0.19
C THR B 33 -21.55 -18.45 1.17
N LEU B 34 -21.96 -18.00 2.35
CA LEU B 34 -21.04 -17.61 3.41
C LEU B 34 -21.59 -18.11 4.73
N LEU B 35 -20.73 -18.74 5.52
CA LEU B 35 -21.12 -19.28 6.82
C LEU B 35 -20.62 -18.33 7.90
N VAL B 36 -21.54 -17.87 8.75
CA VAL B 36 -21.22 -16.90 9.78
C VAL B 36 -21.55 -17.52 11.13
N GLY B 37 -20.61 -17.41 12.06
CA GLY B 37 -20.88 -17.80 13.43
C GLY B 37 -20.80 -19.30 13.66
N VAL B 38 -21.03 -19.65 14.93
CA VAL B 38 -21.03 -21.04 15.38
C VAL B 38 -22.16 -21.18 16.39
N PRO B 39 -23.23 -21.94 16.10
CA PRO B 39 -23.44 -22.71 14.85
C PRO B 39 -23.52 -21.85 13.59
N PRO B 40 -23.21 -22.45 12.44
CA PRO B 40 -23.19 -21.70 11.18
C PRO B 40 -24.57 -21.15 10.82
N GLN B 41 -24.57 -19.94 10.27
CA GLN B 41 -25.76 -19.34 9.67
C GLN B 41 -25.44 -18.95 8.23
N GLU B 42 -26.30 -19.35 7.30
CA GLU B 42 -26.05 -19.18 5.88
C GLU B 42 -26.62 -17.85 5.40
N ILE B 43 -25.75 -17.00 4.85
CA ILE B 43 -26.16 -15.76 4.19
C ILE B 43 -25.59 -15.76 2.78
N HIS B 44 -26.28 -15.07 1.88
CA HIS B 44 -25.90 -15.03 0.47
C HIS B 44 -25.44 -13.63 0.09
N PRO B 45 -24.17 -13.30 0.30
CA PRO B 45 -23.69 -11.95 -0.01
C PRO B 45 -23.17 -11.86 -1.44
N ILE B 46 -23.00 -10.63 -1.90
CA ILE B 46 -22.32 -10.39 -3.16
C ILE B 46 -20.84 -10.26 -2.87
N PHE B 47 -20.02 -10.71 -3.81
CA PHE B 47 -18.57 -10.62 -3.70
C PHE B 47 -18.12 -9.44 -4.53
N ASP B 48 -17.54 -8.44 -3.87
CA ASP B 48 -17.39 -7.10 -4.43
C ASP B 48 -15.93 -6.72 -4.49
N THR B 49 -15.45 -6.38 -5.69
CA THR B 49 -14.12 -5.84 -5.89
C THR B 49 -14.14 -4.31 -5.91
N GLY B 50 -15.25 -3.71 -5.52
CA GLY B 50 -15.37 -2.28 -5.35
C GLY B 50 -15.55 -1.84 -3.92
N SER B 51 -15.45 -2.75 -2.95
CA SER B 51 -15.54 -2.42 -1.54
C SER B 51 -14.75 -3.46 -0.76
N THR B 52 -14.15 -3.02 0.35
CA THR B 52 -13.39 -3.90 1.22
C THR B 52 -14.19 -4.29 2.47
N ASN B 53 -15.30 -3.62 2.73
CA ASN B 53 -16.12 -3.90 3.90
C ASN B 53 -16.85 -5.22 3.75
N LEU B 54 -16.99 -5.92 4.87
CA LEU B 54 -17.73 -7.17 4.90
C LEU B 54 -19.06 -6.90 5.59
N TRP B 55 -20.11 -6.75 4.80
CA TRP B 55 -21.43 -6.40 5.29
C TRP B 55 -22.27 -7.67 5.40
N VAL B 56 -23.02 -7.77 6.50
CA VAL B 56 -23.92 -8.89 6.80
C VAL B 56 -25.22 -8.33 7.34
N VAL B 57 -26.34 -8.64 6.69
CA VAL B 57 -27.64 -8.22 7.20
C VAL B 57 -27.97 -9.03 8.45
N THR B 58 -28.22 -8.34 9.56
CA THR B 58 -28.47 -8.96 10.86
C THR B 58 -29.88 -8.66 11.33
N THR B 59 -30.22 -9.22 12.49
CA THR B 59 -31.52 -9.01 13.12
C THR B 59 -31.65 -7.67 13.83
N ASP B 60 -30.58 -6.88 13.88
CA ASP B 60 -30.69 -5.52 14.42
C ASP B 60 -31.31 -4.55 13.43
N CYS B 61 -31.73 -5.03 12.26
CA CYS B 61 -32.47 -4.26 11.27
C CYS B 61 -33.89 -4.78 11.17
N GLU B 62 -34.87 -3.97 11.57
CA GLU B 62 -36.27 -4.38 11.58
C GLU B 62 -37.06 -3.77 10.43
N GLU B 63 -36.39 -3.34 9.36
CA GLU B 63 -37.05 -2.76 8.21
C GLU B 63 -37.63 -3.86 7.31
N GLU B 64 -38.42 -3.45 6.33
CA GLU B 64 -39.05 -4.43 5.44
C GLU B 64 -38.03 -5.11 4.53
N SER B 65 -37.07 -4.34 4.01
CA SER B 65 -36.07 -4.91 3.12
C SER B 65 -35.10 -5.80 3.87
N CYS B 66 -35.12 -5.77 5.20
CA CYS B 66 -34.28 -6.64 6.01
C CYS B 66 -35.00 -7.92 6.40
N LYS B 67 -36.32 -7.87 6.53
CA LYS B 67 -37.09 -9.03 6.96
C LYS B 67 -37.27 -10.06 5.86
N LYS B 68 -37.14 -9.65 4.59
CA LYS B 68 -37.35 -10.55 3.47
C LYS B 68 -36.19 -11.52 3.23
N VAL B 69 -35.06 -11.32 3.88
CA VAL B 69 -33.88 -12.14 3.68
C VAL B 69 -33.55 -12.89 4.97
N LYS B 70 -32.61 -13.83 4.86
CA LYS B 70 -32.15 -14.63 5.99
C LYS B 70 -31.20 -13.77 6.83
N ARG B 71 -31.76 -13.10 7.82
CA ARG B 71 -30.97 -12.20 8.66
C ARG B 71 -30.11 -12.98 9.63
N TYR B 72 -28.93 -12.44 9.92
CA TYR B 72 -27.99 -13.07 10.83
C TYR B 72 -28.26 -12.60 12.26
N ASN B 73 -28.42 -13.53 13.18
CA ASN B 73 -28.78 -13.20 14.54
C ASN B 73 -27.54 -13.22 15.43
N PRO B 74 -26.96 -12.06 15.77
CA PRO B 74 -25.71 -12.08 16.56
C PRO B 74 -25.84 -12.79 17.91
N TYR B 75 -27.04 -12.79 18.50
CA TYR B 75 -27.25 -13.42 19.80
C TYR B 75 -27.34 -14.93 19.71
N LYS B 76 -27.34 -15.51 18.51
CA LYS B 76 -27.34 -16.95 18.35
C LYS B 76 -25.96 -17.53 18.09
N SER B 77 -24.94 -16.69 17.93
CA SER B 77 -23.58 -17.15 17.66
C SER B 77 -22.76 -17.18 18.94
N LYS B 78 -22.03 -18.28 19.14
CA LYS B 78 -21.20 -18.43 20.32
C LYS B 78 -19.84 -17.77 20.15
N THR B 79 -19.43 -17.52 18.90
CA THR B 79 -18.15 -16.89 18.62
C THR B 79 -18.24 -15.37 18.48
N PHE B 80 -19.44 -14.80 18.47
CA PHE B 80 -19.59 -13.36 18.31
C PHE B 80 -19.09 -12.61 19.53
N ARG B 81 -18.35 -11.53 19.30
CA ARG B 81 -17.86 -10.70 20.40
C ARG B 81 -17.71 -9.26 19.94
N ARG B 82 -18.63 -8.42 20.39
CA ARG B 82 -18.53 -6.98 20.20
C ARG B 82 -17.48 -6.42 21.15
N SER B 83 -16.73 -5.42 20.69
CA SER B 83 -15.79 -4.78 21.59
C SER B 83 -16.58 -4.00 22.66
N PHE B 84 -15.93 -3.75 23.80
CA PHE B 84 -16.61 -3.06 24.89
C PHE B 84 -17.18 -1.74 24.40
N ILE B 85 -16.32 -0.90 23.88
CA ILE B 85 -16.78 0.32 23.23
C ILE B 85 -17.22 -0.05 21.82
N GLY B 86 -18.35 0.50 21.37
CA GLY B 86 -18.92 0.18 20.07
C GLY B 86 -18.79 1.32 19.08
N LYS B 87 -18.37 0.96 17.86
CA LYS B 87 -18.27 1.89 16.74
C LYS B 87 -19.50 1.74 15.84
N ASN B 88 -19.77 2.78 15.05
CA ASN B 88 -20.88 2.75 14.11
C ASN B 88 -20.35 2.80 12.69
N LEU B 89 -21.19 2.38 11.75
CA LEU B 89 -20.78 2.25 10.36
C LEU B 89 -21.87 2.73 9.42
N HIS B 90 -21.51 3.59 8.46
CA HIS B 90 -22.46 4.09 7.47
C HIS B 90 -21.75 4.22 6.12
N ILE B 91 -22.38 3.72 5.07
CA ILE B 91 -21.85 3.79 3.71
C ILE B 91 -22.96 4.27 2.79
N VAL B 92 -22.71 5.35 2.06
CA VAL B 92 -23.68 5.92 1.14
C VAL B 92 -23.13 5.83 -0.27
N PHE B 93 -23.83 5.08 -1.11
CA PHE B 93 -23.55 4.96 -2.53
C PHE B 93 -24.70 5.60 -3.31
N GLY B 94 -24.67 5.47 -4.63
CA GLY B 94 -25.63 6.12 -5.51
C GLY B 94 -27.09 5.93 -5.15
N SER B 95 -27.57 4.69 -5.12
CA SER B 95 -29.00 4.42 -5.00
C SER B 95 -29.38 3.88 -3.62
N GLY B 96 -28.74 4.37 -2.57
CA GLY B 96 -29.12 3.94 -1.23
C GLY B 96 -27.97 4.18 -0.25
N SER B 97 -28.07 3.47 0.87
CA SER B 97 -27.09 3.59 1.95
C SER B 97 -27.31 2.42 2.91
N ILE B 98 -26.27 2.14 3.71
CA ILE B 98 -26.30 1.04 4.66
C ILE B 98 -25.58 1.48 5.92
N SER B 99 -26.19 1.20 7.07
CA SER B 99 -25.64 1.61 8.35
C SER B 99 -25.84 0.50 9.37
N GLY B 100 -24.96 0.48 10.37
CA GLY B 100 -25.03 -0.54 11.40
C GLY B 100 -23.85 -0.43 12.34
N SER B 101 -23.75 -1.42 13.22
CA SER B 101 -22.67 -1.46 14.22
C SER B 101 -21.57 -2.40 13.75
N ILE B 102 -20.50 -2.48 14.56
CA ILE B 102 -19.33 -3.29 14.26
C ILE B 102 -19.26 -4.46 15.23
N GLY B 103 -18.78 -5.59 14.72
CA GLY B 103 -18.54 -6.76 15.55
C GLY B 103 -17.49 -7.61 14.88
N LYS B 104 -16.91 -8.52 15.67
CA LYS B 104 -15.95 -9.50 15.17
C LYS B 104 -16.59 -10.87 15.22
N GLU B 105 -16.39 -11.66 14.16
CA GLU B 105 -17.03 -12.95 14.04
C GLU B 105 -16.12 -13.94 13.33
N THR B 106 -16.51 -15.21 13.39
CA THR B 106 -15.80 -16.31 12.75
C THR B 106 -16.59 -16.74 11.52
N PHE B 107 -15.98 -16.61 10.34
CA PHE B 107 -16.62 -16.96 9.08
C PHE B 107 -15.95 -18.19 8.48
N VAL B 108 -16.76 -18.98 7.77
CA VAL B 108 -16.28 -20.11 7.00
C VAL B 108 -16.70 -19.87 5.56
N LEU B 109 -15.73 -19.71 4.68
CA LEU B 109 -15.98 -19.47 3.25
C LEU B 109 -15.38 -20.63 2.46
N GLY B 110 -16.24 -21.51 1.96
CA GLY B 110 -15.81 -22.65 1.18
C GLY B 110 -14.83 -23.55 1.90
N ASP B 111 -15.26 -24.10 3.03
CA ASP B 111 -14.53 -25.06 3.85
C ASP B 111 -13.28 -24.48 4.48
N HIS B 112 -13.09 -23.16 4.44
CA HIS B 112 -11.99 -22.48 5.12
C HIS B 112 -12.56 -21.61 6.23
N THR B 113 -11.96 -21.68 7.42
CA THR B 113 -12.42 -20.94 8.58
C THR B 113 -11.58 -19.67 8.77
N VAL B 114 -12.21 -18.61 9.25
CA VAL B 114 -11.55 -17.34 9.51
C VAL B 114 -12.04 -16.80 10.86
N ARG B 115 -11.11 -16.40 11.72
CA ARG B 115 -11.41 -15.98 13.09
C ARG B 115 -10.97 -14.53 13.31
N ASN B 116 -11.54 -13.90 14.35
CA ASN B 116 -11.32 -12.48 14.69
C ASN B 116 -11.67 -11.58 13.50
N GLN B 117 -12.73 -11.89 12.77
CA GLN B 117 -13.04 -11.15 11.55
C GLN B 117 -13.95 -9.98 11.88
N THR B 118 -13.42 -8.77 11.75
CA THR B 118 -14.23 -7.57 11.93
C THR B 118 -15.21 -7.46 10.77
N PHE B 119 -16.48 -7.19 11.09
CA PHE B 119 -17.49 -7.01 10.07
C PHE B 119 -18.55 -6.03 10.56
N GLY B 120 -19.38 -5.57 9.64
CA GLY B 120 -20.46 -4.66 9.96
C GLY B 120 -21.79 -5.38 9.95
N LEU B 121 -22.57 -5.14 11.00
CA LEU B 121 -23.90 -5.73 11.15
C LEU B 121 -24.92 -4.73 10.64
N VAL B 122 -25.57 -5.05 9.52
CA VAL B 122 -26.54 -4.14 8.93
C VAL B 122 -27.71 -3.94 9.89
N GLU B 123 -27.98 -2.67 10.22
CA GLU B 123 -29.08 -2.31 11.09
C GLU B 123 -30.09 -1.40 10.44
N SER B 124 -29.70 -0.64 9.42
CA SER B 124 -30.61 0.20 8.66
C SER B 124 -30.27 0.08 7.19
N GLU B 125 -31.28 0.29 6.33
CA GLU B 125 -31.08 0.24 4.89
C GLU B 125 -31.83 1.33 4.16
N SER B 126 -32.24 2.39 4.85
CA SER B 126 -33.09 3.41 4.23
C SER B 126 -32.21 4.49 3.62
N ASN B 127 -32.69 5.03 2.50
CA ASN B 127 -31.96 6.04 1.74
C ASN B 127 -31.76 7.32 2.54
N ASN B 134 -35.43 3.31 -3.31
CA ASN B 134 -34.62 2.44 -2.46
C ASN B 134 -34.31 1.15 -3.22
N ILE B 135 -33.02 0.85 -3.39
CA ILE B 135 -32.64 -0.29 -4.21
C ILE B 135 -32.77 -1.59 -3.46
N PHE B 136 -32.79 -1.54 -2.13
CA PHE B 136 -32.91 -2.78 -1.39
C PHE B 136 -34.32 -3.35 -1.42
N ASP B 137 -35.28 -2.61 -1.96
CA ASP B 137 -36.63 -3.13 -2.13
C ASP B 137 -36.77 -4.02 -3.35
N TYR B 138 -35.93 -3.83 -4.37
CA TYR B 138 -35.96 -4.67 -5.56
C TYR B 138 -34.97 -5.82 -5.51
N ILE B 139 -34.18 -5.93 -4.45
CA ILE B 139 -33.12 -6.92 -4.35
C ILE B 139 -33.28 -7.65 -3.03
N ASP B 140 -33.09 -8.97 -3.05
CA ASP B 140 -33.06 -9.76 -1.83
C ASP B 140 -31.63 -9.80 -1.29
N PHE B 141 -31.24 -8.66 -0.73
CA PHE B 141 -29.87 -8.43 -0.30
C PHE B 141 -29.62 -9.10 1.06
N GLU B 142 -28.47 -9.76 1.18
CA GLU B 142 -28.13 -10.48 2.39
C GLU B 142 -26.73 -10.18 2.91
N GLY B 143 -25.95 -9.35 2.22
CA GLY B 143 -24.63 -9.02 2.71
C GLY B 143 -23.68 -8.72 1.57
N ILE B 144 -22.48 -8.27 1.95
CA ILE B 144 -21.42 -7.91 1.03
C ILE B 144 -20.11 -8.50 1.53
N VAL B 145 -19.41 -9.21 0.65
CA VAL B 145 -18.05 -9.69 0.94
C VAL B 145 -17.08 -8.75 0.25
N GLY B 146 -16.26 -8.06 1.04
CA GLY B 146 -15.34 -7.09 0.50
C GLY B 146 -14.06 -7.67 -0.04
N LEU B 147 -13.79 -7.45 -1.32
CA LEU B 147 -12.58 -7.95 -1.97
C LEU B 147 -11.65 -6.84 -2.44
N GLY B 148 -12.03 -5.58 -2.26
CA GLY B 148 -11.16 -4.46 -2.57
C GLY B 148 -9.96 -4.41 -1.62
N PHE B 149 -9.14 -3.39 -1.83
CA PHE B 149 -7.91 -3.26 -1.07
C PHE B 149 -8.18 -2.78 0.36
N PRO B 150 -7.23 -3.01 1.27
CA PRO B 150 -7.48 -2.67 2.68
C PRO B 150 -7.63 -1.18 2.93
N GLU B 151 -7.05 -0.34 2.09
CA GLU B 151 -7.17 1.11 2.25
C GLU B 151 -8.63 1.56 2.22
N MET B 152 -9.51 0.77 1.63
CA MET B 152 -10.93 1.08 1.53
C MET B 152 -11.73 0.57 2.73
N LEU B 153 -11.05 0.05 3.75
CA LEU B 153 -11.74 -0.51 4.91
C LEU B 153 -12.38 0.59 5.75
N SER B 154 -13.63 0.37 6.15
CA SER B 154 -14.30 1.31 7.02
C SER B 154 -13.97 1.08 8.49
N ALA B 155 -13.77 -0.17 8.89
CA ALA B 155 -13.41 -0.48 10.27
C ALA B 155 -12.71 -1.83 10.30
N GLY B 156 -11.86 -2.01 11.28
CA GLY B 156 -11.10 -3.24 11.37
C GLY B 156 -9.67 -3.05 10.92
N LYS B 157 -8.78 -3.91 11.44
CA LYS B 157 -7.38 -3.79 11.08
C LYS B 157 -7.11 -4.48 9.76
N VAL B 158 -7.60 -5.70 9.60
CA VAL B 158 -7.25 -6.52 8.46
C VAL B 158 -8.51 -6.78 7.64
N SER B 159 -8.38 -6.69 6.31
CA SER B 159 -9.48 -7.01 5.41
C SER B 159 -9.76 -8.51 5.41
N PHE B 160 -11.02 -8.87 5.17
CA PHE B 160 -11.44 -10.27 5.20
C PHE B 160 -10.53 -11.13 4.32
N PHE B 161 -10.26 -10.68 3.10
CA PHE B 161 -9.42 -11.46 2.20
C PHE B 161 -8.01 -11.58 2.76
N ASP B 162 -7.44 -10.46 3.23
CA ASP B 162 -6.17 -10.51 3.91
C ASP B 162 -6.24 -11.43 5.13
N ASN B 163 -7.33 -11.33 5.91
CA ASN B 163 -7.49 -12.15 7.10
C ASN B 163 -7.69 -13.61 6.78
N LEU B 164 -8.39 -13.90 5.67
CA LEU B 164 -8.56 -15.29 5.26
C LEU B 164 -7.23 -15.90 4.82
N LEU B 165 -6.44 -15.16 4.05
CA LEU B 165 -5.13 -15.66 3.64
C LEU B 165 -4.20 -15.85 4.83
N SER B 166 -4.31 -14.98 5.84
CA SER B 166 -3.41 -15.06 6.98
C SER B 166 -3.59 -16.35 7.76
N GLN B 167 -4.82 -16.87 7.82
CA GLN B 167 -5.11 -18.08 8.56
C GLN B 167 -5.07 -19.35 7.71
N ASN B 168 -4.88 -19.21 6.39
CA ASN B 168 -4.79 -20.35 5.47
C ASN B 168 -3.56 -20.13 4.59
N LYS B 169 -2.43 -20.67 5.03
CA LYS B 169 -1.19 -20.50 4.29
C LYS B 169 -1.14 -21.33 3.02
N ASN B 170 -2.16 -22.17 2.80
CA ASN B 170 -2.27 -22.90 1.54
C ASN B 170 -2.73 -22.02 0.40
N LEU B 171 -3.43 -20.93 0.71
CA LEU B 171 -4.00 -20.05 -0.31
C LEU B 171 -2.97 -18.99 -0.71
N SER B 172 -2.84 -18.78 -2.01
CA SER B 172 -1.98 -17.74 -2.55
C SER B 172 -2.74 -16.43 -2.63
N PRO B 173 -2.05 -15.28 -2.49
CA PRO B 173 -2.76 -14.00 -2.44
C PRO B 173 -3.35 -13.57 -3.78
N GLN B 174 -4.39 -14.28 -4.23
CA GLN B 174 -5.03 -13.96 -5.49
C GLN B 174 -6.38 -14.66 -5.59
N PHE B 175 -7.25 -14.09 -6.41
CA PHE B 175 -8.55 -14.68 -6.68
C PHE B 175 -8.91 -14.36 -8.12
N SER B 176 -9.99 -14.98 -8.60
CA SER B 176 -10.38 -14.81 -9.99
C SER B 176 -11.86 -15.12 -10.14
N PHE B 177 -12.47 -14.48 -11.14
CA PHE B 177 -13.90 -14.63 -11.41
C PHE B 177 -14.10 -15.19 -12.81
N TYR B 178 -15.04 -16.12 -12.95
CA TYR B 178 -15.52 -16.60 -14.24
C TYR B 178 -17.02 -16.44 -14.23
N ILE B 179 -17.53 -15.49 -15.02
CA ILE B 179 -18.95 -15.17 -15.04
C ILE B 179 -19.59 -15.82 -16.26
N SER B 180 -20.67 -16.58 -16.02
CA SER B 180 -21.46 -17.18 -17.09
C SER B 180 -22.84 -17.51 -16.57
N PRO B 181 -23.76 -16.54 -16.51
CA PRO B 181 -25.10 -16.86 -15.99
C PRO B 181 -25.86 -17.80 -16.91
N GLU B 182 -25.64 -17.71 -18.23
CA GLU B 182 -26.32 -18.58 -19.17
C GLU B 182 -26.10 -20.05 -18.82
N ASP B 183 -24.84 -20.44 -18.68
CA ASP B 183 -24.49 -21.80 -18.31
C ASP B 183 -24.86 -22.12 -16.87
N ASN B 184 -25.12 -21.09 -16.06
CA ASN B 184 -25.31 -21.22 -14.63
C ASN B 184 -24.08 -21.86 -13.98
N THR B 185 -22.91 -21.55 -14.53
CA THR B 185 -21.65 -22.08 -14.06
C THR B 185 -20.68 -21.00 -13.63
N SER B 186 -21.15 -19.76 -13.46
CA SER B 186 -20.27 -18.70 -12.99
C SER B 186 -19.66 -19.11 -11.64
N THR B 187 -18.38 -18.82 -11.46
CA THR B 187 -17.65 -19.34 -10.32
C THR B 187 -16.68 -18.30 -9.77
N PHE B 188 -16.55 -18.27 -8.45
CA PHE B 188 -15.56 -17.46 -7.77
C PHE B 188 -14.46 -18.38 -7.26
N LEU B 189 -13.24 -18.15 -7.73
CA LEU B 189 -12.10 -18.97 -7.39
C LEU B 189 -11.17 -18.19 -6.48
N VAL B 190 -10.79 -18.79 -5.36
CA VAL B 190 -9.93 -18.15 -4.37
C VAL B 190 -8.59 -18.85 -4.36
N GLY B 191 -7.52 -18.06 -4.49
CA GLY B 191 -6.17 -18.57 -4.39
C GLY B 191 -5.53 -18.95 -5.69
N GLY B 192 -6.12 -18.57 -6.83
CA GLY B 192 -5.53 -18.89 -8.12
C GLY B 192 -6.59 -18.92 -9.21
N VAL B 193 -6.25 -19.60 -10.31
CA VAL B 193 -7.10 -19.71 -11.48
C VAL B 193 -7.14 -21.16 -11.96
N SER B 194 -8.02 -21.40 -12.93
CA SER B 194 -8.15 -22.69 -13.59
C SER B 194 -8.14 -22.50 -15.10
N LYS B 195 -7.37 -23.34 -15.80
CA LYS B 195 -7.28 -23.25 -17.26
C LYS B 195 -8.57 -23.63 -17.95
N SER B 196 -9.57 -24.13 -17.20
CA SER B 196 -10.82 -24.54 -17.80
C SER B 196 -11.78 -23.38 -18.07
N PHE B 197 -11.44 -22.17 -17.65
CA PHE B 197 -12.32 -21.03 -17.81
C PHE B 197 -11.89 -20.03 -18.88
N TYR B 198 -10.66 -20.11 -19.37
CA TYR B 198 -10.18 -19.16 -20.36
C TYR B 198 -9.41 -19.89 -21.45
N GLU B 199 -9.33 -19.26 -22.62
CA GLU B 199 -8.49 -19.72 -23.71
C GLU B 199 -7.58 -18.57 -24.12
N GLY B 200 -6.44 -18.93 -24.70
CA GLY B 200 -5.44 -17.94 -25.06
C GLY B 200 -4.52 -17.65 -23.89
N SER B 201 -3.86 -16.49 -23.97
CA SER B 201 -2.96 -16.03 -22.93
C SER B 201 -3.69 -15.09 -21.98
N ILE B 202 -3.07 -14.88 -20.82
CA ILE B 202 -3.57 -13.96 -19.79
C ILE B 202 -2.62 -12.78 -19.74
N TYR B 203 -3.16 -11.57 -19.92
CA TYR B 203 -2.38 -10.35 -19.93
C TYR B 203 -2.61 -9.55 -18.65
N MET B 204 -1.52 -9.03 -18.09
CA MET B 204 -1.52 -8.37 -16.80
C MET B 204 -1.54 -6.85 -16.97
N LEU B 205 -2.24 -6.18 -16.07
CA LEU B 205 -2.35 -4.72 -16.06
C LEU B 205 -2.06 -4.22 -14.65
N PRO B 206 -1.06 -3.37 -14.46
CA PRO B 206 -0.71 -2.94 -13.10
C PRO B 206 -1.76 -2.03 -12.49
N VAL B 207 -1.95 -2.17 -11.18
CA VAL B 207 -2.91 -1.34 -10.45
C VAL B 207 -2.24 -0.02 -10.09
N VAL B 208 -2.82 1.09 -10.55
CA VAL B 208 -2.23 2.40 -10.29
C VAL B 208 -2.43 2.81 -8.84
N LYS B 209 -3.66 2.70 -8.34
CA LYS B 209 -4.01 3.15 -7.00
C LYS B 209 -4.69 1.99 -6.28
N GLU B 210 -4.07 1.53 -5.20
CA GLU B 210 -4.61 0.43 -4.39
C GLU B 210 -5.76 0.93 -3.51
N TYR B 211 -6.84 1.34 -4.20
CA TYR B 211 -8.10 1.66 -3.54
C TYR B 211 -9.20 0.78 -4.15
N TYR B 212 -9.56 1.01 -5.41
CA TYR B 212 -10.26 0.01 -6.20
C TYR B 212 -9.23 -0.83 -6.95
N TRP B 213 -9.69 -1.91 -7.57
CA TRP B 213 -8.87 -2.60 -8.56
C TRP B 213 -8.90 -1.75 -9.82
N GLU B 214 -8.00 -0.77 -9.88
CA GLU B 214 -8.08 0.32 -10.85
C GLU B 214 -6.80 0.37 -11.68
N VAL B 215 -6.96 0.45 -13.01
CA VAL B 215 -5.85 0.47 -13.96
C VAL B 215 -6.05 1.65 -14.91
N GLU B 216 -4.94 2.10 -15.49
CA GLU B 216 -4.96 3.20 -16.45
C GLU B 216 -5.71 2.78 -17.71
N LEU B 217 -6.54 3.69 -18.21
CA LEU B 217 -7.25 3.52 -19.47
C LEU B 217 -6.78 4.60 -20.44
N ASP B 218 -6.29 4.18 -21.60
CA ASP B 218 -5.72 5.11 -22.55
C ASP B 218 -6.73 5.66 -23.54
N GLY B 219 -7.83 4.95 -23.77
CA GLY B 219 -8.84 5.45 -24.69
C GLY B 219 -10.02 4.50 -24.75
N ILE B 220 -11.10 5.03 -25.31
CA ILE B 220 -12.32 4.27 -25.56
C ILE B 220 -12.83 4.70 -26.93
N TYR B 221 -13.10 3.72 -27.78
CA TYR B 221 -13.61 3.96 -29.13
C TYR B 221 -14.92 3.22 -29.29
N VAL B 222 -15.97 3.94 -29.66
CA VAL B 222 -17.26 3.35 -29.98
C VAL B 222 -17.33 3.34 -31.50
N GLY B 223 -17.09 2.17 -32.08
CA GLY B 223 -16.91 2.13 -33.51
C GLY B 223 -15.66 2.90 -33.87
N GLU B 224 -15.85 3.97 -34.63
CA GLU B 224 -14.76 4.81 -35.10
C GLU B 224 -14.63 6.11 -34.31
N LYS B 225 -15.50 6.33 -33.33
CA LYS B 225 -15.52 7.59 -32.56
C LYS B 225 -14.77 7.42 -31.26
N LYS B 226 -13.80 8.31 -31.02
CA LYS B 226 -12.99 8.29 -29.79
C LYS B 226 -13.76 9.04 -28.71
N ILE B 227 -14.19 8.31 -27.68
CA ILE B 227 -14.89 8.95 -26.57
C ILE B 227 -13.91 9.49 -25.55
N CYS B 228 -12.77 8.83 -25.40
CA CYS B 228 -11.79 9.15 -24.38
C CYS B 228 -10.45 8.68 -24.90
N CYS B 229 -9.35 9.26 -24.39
CA CYS B 229 -9.32 10.07 -23.19
C CYS B 229 -8.45 11.30 -23.42
N GLU B 230 -9.03 12.47 -23.19
CA GLU B 230 -8.29 13.71 -23.37
C GLU B 230 -7.55 14.12 -22.11
N GLU B 231 -7.93 13.55 -20.97
CA GLU B 231 -7.23 13.75 -19.71
C GLU B 231 -7.11 12.38 -19.05
N LYS B 232 -6.02 12.18 -18.32
CA LYS B 232 -5.71 10.88 -17.73
C LYS B 232 -6.92 10.29 -17.03
N SER B 233 -7.39 9.15 -17.53
CA SER B 233 -8.55 8.48 -16.98
C SER B 233 -8.18 7.05 -16.59
N TYR B 234 -9.06 6.40 -15.84
CA TYR B 234 -8.77 5.10 -15.29
C TYR B 234 -9.99 4.20 -15.39
N ALA B 235 -9.72 2.89 -15.32
CA ALA B 235 -10.74 1.85 -15.37
C ALA B 235 -10.69 1.04 -14.09
N ILE B 236 -11.87 0.67 -13.59
CA ILE B 236 -11.99 -0.09 -12.35
C ILE B 236 -12.67 -1.41 -12.67
N PHE B 237 -12.09 -2.51 -12.19
CA PHE B 237 -12.69 -3.83 -12.34
C PHE B 237 -13.52 -4.09 -11.09
N ASP B 238 -14.83 -3.96 -11.22
CA ASP B 238 -15.75 -4.03 -10.08
C ASP B 238 -16.79 -5.11 -10.34
N THR B 239 -16.79 -6.15 -9.50
CA THR B 239 -17.77 -7.22 -9.59
C THR B 239 -19.07 -6.88 -8.88
N GLY B 240 -19.21 -5.68 -8.32
CA GLY B 240 -20.42 -5.28 -7.64
C GLY B 240 -21.48 -4.66 -8.51
N THR B 241 -21.22 -4.51 -9.80
CA THR B 241 -22.19 -3.96 -10.76
C THR B 241 -22.28 -4.89 -11.96
N SER B 242 -23.49 -4.99 -12.52
CA SER B 242 -23.68 -5.77 -13.73
C SER B 242 -23.27 -5.01 -14.99
N TYR B 243 -23.47 -3.70 -15.00
CA TYR B 243 -23.26 -2.88 -16.19
C TYR B 243 -21.87 -2.27 -16.20
N ASN B 244 -21.35 -2.05 -17.41
CA ASN B 244 -20.23 -1.14 -17.54
C ASN B 244 -20.73 0.29 -17.40
N THR B 245 -19.83 1.20 -17.02
CA THR B 245 -20.26 2.55 -16.70
C THR B 245 -19.33 3.57 -17.31
N MET B 246 -19.77 4.82 -17.30
CA MET B 246 -18.99 5.96 -17.75
C MET B 246 -19.41 7.17 -16.94
N PRO B 247 -18.57 8.18 -16.85
CA PRO B 247 -18.97 9.43 -16.18
C PRO B 247 -20.07 10.19 -16.88
N SER B 248 -20.47 11.30 -16.27
CA SER B 248 -21.61 12.07 -16.77
C SER B 248 -21.35 12.59 -18.18
N ALA B 249 -20.18 13.21 -18.40
CA ALA B 249 -19.89 13.85 -19.69
C ALA B 249 -19.91 12.83 -20.83
N GLN B 250 -19.01 11.85 -20.78
CA GLN B 250 -18.88 10.86 -21.84
C GLN B 250 -20.14 10.00 -22.01
N MET B 251 -21.07 10.02 -21.06
CA MET B 251 -22.28 9.21 -21.15
C MET B 251 -23.13 9.59 -22.36
N LYS B 252 -23.14 10.87 -22.72
CA LYS B 252 -23.92 11.32 -23.87
C LYS B 252 -23.58 10.52 -25.13
N GLY B 253 -22.29 10.39 -25.43
CA GLY B 253 -21.87 9.70 -26.62
C GLY B 253 -22.40 8.30 -26.80
N PHE B 254 -22.86 7.63 -25.73
CA PHE B 254 -23.40 6.29 -25.93
C PHE B 254 -24.85 6.33 -26.39
N PHE B 255 -25.71 7.08 -25.69
CA PHE B 255 -27.08 7.18 -26.18
C PHE B 255 -27.17 7.93 -27.49
N ASP B 256 -26.11 8.66 -27.87
CA ASP B 256 -26.04 9.24 -29.19
C ASP B 256 -25.47 8.30 -30.26
N VAL B 257 -24.63 7.34 -29.88
CA VAL B 257 -24.05 6.43 -30.85
C VAL B 257 -24.55 5.00 -30.70
N VAL B 258 -24.96 4.58 -29.50
CA VAL B 258 -25.43 3.21 -29.28
C VAL B 258 -26.88 3.23 -28.79
N PRO B 259 -27.86 3.13 -29.68
CA PRO B 259 -29.26 3.13 -29.25
C PRO B 259 -29.81 1.73 -29.05
N SER B 260 -30.91 1.67 -28.30
CA SER B 260 -31.64 0.43 -28.07
C SER B 260 -32.56 0.13 -29.24
N ALA B 261 -33.10 -1.09 -29.28
CA ALA B 261 -33.99 -1.49 -30.35
C ALA B 261 -34.73 -2.76 -29.96
N PRO B 262 -35.93 -2.96 -30.47
CA PRO B 262 -36.64 -4.23 -30.22
C PRO B 262 -35.94 -5.39 -30.91
N CYS B 263 -35.89 -6.53 -30.21
CA CYS B 263 -35.23 -7.72 -30.73
C CYS B 263 -35.97 -8.95 -30.21
N THR B 264 -35.95 -10.01 -31.03
CA THR B 264 -36.59 -11.27 -30.70
C THR B 264 -35.53 -12.31 -30.31
N GLU B 265 -36.01 -13.49 -29.92
CA GLU B 265 -35.12 -14.56 -29.48
C GLU B 265 -34.15 -14.98 -30.58
N GLU B 266 -34.59 -14.95 -31.83
CA GLU B 266 -33.75 -15.34 -32.96
C GLU B 266 -33.26 -14.14 -33.74
N ASN B 267 -33.62 -12.93 -33.33
CA ASN B 267 -33.24 -11.70 -34.03
C ASN B 267 -31.97 -11.07 -33.48
N TYR B 268 -31.22 -11.79 -32.65
CA TYR B 268 -30.03 -11.18 -32.04
C TYR B 268 -28.96 -10.90 -33.07
N GLN B 269 -28.68 -11.89 -33.93
CA GLN B 269 -27.64 -11.70 -34.94
C GLN B 269 -28.04 -10.68 -36.00
N GLU B 270 -29.33 -10.59 -36.32
CA GLU B 270 -29.72 -9.71 -37.42
C GLU B 270 -30.02 -8.27 -36.98
N VAL B 271 -30.60 -8.07 -35.81
CA VAL B 271 -30.79 -6.70 -35.34
C VAL B 271 -29.44 -6.06 -35.03
N LEU B 272 -28.62 -6.78 -34.27
CA LEU B 272 -27.31 -6.29 -33.83
C LEU B 272 -26.22 -6.47 -34.89
N LYS B 273 -26.51 -6.15 -36.15
CA LYS B 273 -25.52 -6.27 -37.21
C LYS B 273 -24.68 -5.00 -37.38
N ASN B 274 -25.31 -3.83 -37.31
CA ASN B 274 -24.62 -2.56 -37.49
C ASN B 274 -24.16 -1.93 -36.19
N TYR B 275 -24.66 -2.39 -35.06
CA TYR B 275 -24.33 -1.74 -33.80
C TYR B 275 -22.83 -1.83 -33.59
N PRO B 276 -22.20 -0.81 -33.02
CA PRO B 276 -20.74 -0.71 -33.06
C PRO B 276 -20.03 -1.74 -32.18
N VAL B 277 -18.72 -1.77 -32.34
CA VAL B 277 -17.82 -2.61 -31.56
C VAL B 277 -17.02 -1.68 -30.66
N ILE B 278 -17.18 -1.85 -29.35
CA ILE B 278 -16.50 -1.02 -28.36
C ILE B 278 -15.13 -1.61 -28.08
N LYS B 279 -14.12 -0.74 -28.02
CA LYS B 279 -12.74 -1.14 -27.74
C LYS B 279 -12.21 -0.37 -26.54
N TYR B 280 -11.63 -1.09 -25.59
CA TYR B 280 -10.95 -0.52 -24.43
C TYR B 280 -9.44 -0.66 -24.60
N LEU B 281 -8.72 0.45 -24.50
CA LEU B 281 -7.28 0.48 -24.73
C LEU B 281 -6.56 0.56 -23.38
N PHE B 282 -5.91 -0.55 -22.98
CA PHE B 282 -5.09 -0.60 -21.78
C PHE B 282 -3.63 -0.74 -22.21
N GLY B 283 -3.02 0.37 -22.61
CA GLY B 283 -1.66 0.32 -23.11
C GLY B 283 -1.60 -0.55 -24.35
N ASP B 284 -0.76 -1.59 -24.30
CA ASP B 284 -0.63 -2.49 -25.44
C ASP B 284 -1.86 -3.35 -25.65
N LEU B 285 -2.66 -3.54 -24.60
CA LEU B 285 -3.82 -4.41 -24.68
C LEU B 285 -5.02 -3.64 -25.20
N VAL B 286 -5.78 -4.27 -26.10
CA VAL B 286 -7.01 -3.71 -26.65
C VAL B 286 -8.10 -4.71 -26.37
N ILE B 287 -9.06 -4.33 -25.53
CA ILE B 287 -10.17 -5.21 -25.16
C ILE B 287 -11.41 -4.72 -25.88
N GLU B 288 -11.96 -5.58 -26.73
CA GLU B 288 -13.11 -5.25 -27.56
C GLU B 288 -14.35 -5.99 -27.08
N LEU B 289 -15.51 -5.34 -27.23
CA LEU B 289 -16.79 -5.94 -26.91
C LEU B 289 -17.73 -5.84 -28.10
N LEU B 290 -18.27 -6.98 -28.53
CA LEU B 290 -19.11 -7.08 -29.71
C LEU B 290 -20.56 -6.75 -29.36
N PRO B 291 -21.41 -6.55 -30.37
CA PRO B 291 -22.83 -6.24 -30.07
C PRO B 291 -23.50 -7.30 -29.19
N GLU B 292 -23.37 -8.58 -29.56
CA GLU B 292 -23.95 -9.64 -28.75
C GLU B 292 -23.33 -9.75 -27.37
N GLU B 293 -22.24 -9.03 -27.10
CA GLU B 293 -21.54 -9.13 -25.84
C GLU B 293 -22.05 -8.11 -24.80
N TYR B 294 -22.25 -6.87 -25.20
CA TYR B 294 -22.72 -5.84 -24.28
C TYR B 294 -24.21 -5.54 -24.42
N MET B 295 -24.94 -6.25 -25.26
CA MET B 295 -26.39 -6.10 -25.38
C MET B 295 -27.08 -7.26 -24.68
N ILE B 296 -28.10 -6.96 -23.87
CA ILE B 296 -28.86 -7.99 -23.17
C ILE B 296 -30.33 -7.87 -23.56
N LEU B 297 -31.02 -9.00 -23.64
CA LEU B 297 -32.42 -9.05 -24.06
C LEU B 297 -33.36 -9.42 -22.92
N ASN B 298 -34.28 -8.51 -22.60
CA ASN B 298 -35.45 -8.82 -21.79
C ASN B 298 -36.59 -7.92 -22.26
N GLU B 299 -37.81 -8.41 -22.10
CA GLU B 299 -39.02 -7.72 -22.52
C GLU B 299 -38.89 -7.16 -23.94
N GLU B 300 -38.50 -8.04 -24.85
CA GLU B 300 -38.42 -7.75 -26.28
C GLU B 300 -37.66 -6.46 -26.58
N SER B 301 -36.47 -6.34 -26.00
CA SER B 301 -35.66 -5.15 -26.24
C SER B 301 -34.19 -5.45 -25.99
N CYS B 302 -33.31 -4.97 -26.89
CA CYS B 302 -31.87 -5.15 -26.78
C CYS B 302 -31.31 -3.83 -26.25
N ILE B 303 -31.09 -3.77 -24.94
CA ILE B 303 -30.76 -2.52 -24.29
C ILE B 303 -29.25 -2.44 -24.11
N PRO B 304 -28.62 -1.30 -24.43
CA PRO B 304 -27.19 -1.17 -24.17
C PRO B 304 -26.93 -1.44 -22.68
N ALA B 305 -26.03 -2.36 -22.37
CA ALA B 305 -25.77 -2.72 -20.98
C ALA B 305 -24.72 -1.80 -20.35
N TYR B 306 -25.01 -0.50 -20.35
CA TYR B 306 -24.15 0.52 -19.74
C TYR B 306 -24.94 1.43 -18.79
N MET B 307 -24.25 1.95 -17.77
CA MET B 307 -24.86 2.89 -16.84
C MET B 307 -23.91 4.04 -16.53
N GLN B 308 -24.44 5.08 -15.89
CA GLN B 308 -23.66 6.28 -15.59
C GLN B 308 -23.22 6.26 -14.12
N ILE B 309 -21.92 6.47 -13.88
CA ILE B 309 -21.39 6.57 -12.52
C ILE B 309 -20.22 7.55 -12.45
N ASP B 310 -20.36 8.60 -11.64
CA ASP B 310 -19.26 9.51 -11.34
C ASP B 310 -18.67 9.10 -9.99
N VAL B 311 -17.50 8.45 -10.03
CA VAL B 311 -16.87 8.03 -8.77
C VAL B 311 -16.44 9.27 -7.99
N PRO B 312 -16.52 9.26 -6.66
CA PRO B 312 -16.26 10.49 -5.89
C PRO B 312 -14.91 11.13 -6.17
N SER B 313 -13.82 10.36 -6.10
CA SER B 313 -12.49 10.95 -6.19
C SER B 313 -12.08 11.33 -7.62
N GLU B 314 -12.67 10.73 -8.65
CA GLU B 314 -12.29 11.04 -10.02
C GLU B 314 -13.40 11.86 -10.67
N LYS B 315 -13.03 13.08 -11.08
CA LYS B 315 -13.97 14.03 -11.71
C LYS B 315 -14.21 13.59 -13.13
N ASN B 316 -15.09 12.59 -13.27
CA ASN B 316 -15.48 12.05 -14.57
C ASN B 316 -14.31 11.38 -15.28
N HIS B 317 -13.38 10.79 -14.52
CA HIS B 317 -12.23 10.10 -15.10
C HIS B 317 -12.20 8.61 -14.79
N ALA B 318 -13.28 8.05 -14.27
CA ALA B 318 -13.29 6.65 -13.87
C ALA B 318 -14.37 5.88 -14.62
N TYR B 319 -13.97 4.79 -15.25
CA TYR B 319 -14.85 3.95 -16.04
C TYR B 319 -14.89 2.57 -15.41
N LEU B 320 -16.09 2.09 -15.12
CA LEU B 320 -16.26 0.80 -14.45
C LEU B 320 -16.43 -0.30 -15.48
N LEU B 321 -16.02 -1.50 -15.12
CA LEU B 321 -16.19 -2.69 -15.95
C LEU B 321 -16.91 -3.73 -15.10
N GLY B 322 -18.12 -4.10 -15.49
CA GLY B 322 -18.99 -4.89 -14.67
C GLY B 322 -18.93 -6.38 -14.99
N SER B 323 -19.81 -7.12 -14.31
CA SER B 323 -19.81 -8.58 -14.41
C SER B 323 -20.46 -9.06 -15.71
N ILE B 324 -21.60 -8.49 -16.10
CA ILE B 324 -22.33 -9.00 -17.25
C ILE B 324 -21.80 -8.42 -18.56
N ALA B 325 -21.35 -7.16 -18.54
CA ALA B 325 -20.91 -6.50 -19.75
C ALA B 325 -19.41 -6.66 -20.02
N PHE B 326 -18.69 -7.38 -19.15
CA PHE B 326 -17.26 -7.60 -19.34
C PHE B 326 -16.83 -9.00 -18.92
N MET B 327 -16.88 -9.26 -17.60
CA MET B 327 -16.36 -10.51 -17.07
C MET B 327 -17.03 -11.74 -17.68
N ARG B 328 -18.29 -11.63 -18.10
CA ARG B 328 -18.91 -12.75 -18.80
C ARG B 328 -18.13 -13.12 -20.07
N HIS B 329 -17.46 -12.13 -20.67
CA HIS B 329 -16.66 -12.35 -21.87
C HIS B 329 -15.17 -12.44 -21.59
N TYR B 330 -14.72 -11.96 -20.44
CA TYR B 330 -13.29 -11.96 -20.12
C TYR B 330 -13.09 -12.50 -18.71
N TYR B 331 -12.40 -13.63 -18.62
CA TYR B 331 -11.95 -14.16 -17.34
C TYR B 331 -10.97 -13.16 -16.72
N THR B 332 -11.19 -12.81 -15.46
CA THR B 332 -10.41 -11.79 -14.79
C THR B 332 -9.71 -12.39 -13.58
N VAL B 333 -8.41 -12.13 -13.48
CA VAL B 333 -7.58 -12.60 -12.38
C VAL B 333 -7.10 -11.40 -11.59
N PHE B 334 -7.05 -11.55 -10.27
CA PHE B 334 -6.60 -10.49 -9.37
C PHE B 334 -5.45 -11.01 -8.55
N VAL B 335 -4.27 -10.42 -8.72
CA VAL B 335 -3.05 -10.85 -8.05
C VAL B 335 -2.64 -9.74 -7.10
N ARG B 336 -2.68 -10.02 -5.79
CA ARG B 336 -2.35 -9.01 -4.80
C ARG B 336 -0.83 -8.86 -4.70
N GLY B 337 -0.34 -7.66 -4.99
CA GLY B 337 1.06 -7.35 -4.85
C GLY B 337 1.48 -7.18 -3.39
N ALA B 338 2.72 -6.75 -3.21
CA ALA B 338 3.31 -6.51 -1.90
C ALA B 338 4.67 -5.83 -2.04
N GLY B 339 4.87 -4.73 -1.32
CA GLY B 339 6.11 -3.99 -1.43
C GLY B 339 6.31 -3.42 -2.82
N GLY B 340 7.40 -3.84 -3.48
CA GLY B 340 7.73 -3.26 -4.77
C GLY B 340 6.81 -3.69 -5.90
N GLN B 341 6.48 -4.97 -5.96
CA GLN B 341 5.65 -5.46 -7.05
C GLN B 341 4.22 -4.96 -6.89
N PRO B 342 3.58 -4.55 -7.96
CA PRO B 342 2.22 -4.00 -7.87
C PRO B 342 1.16 -5.07 -8.03
N SER B 343 -0.05 -4.74 -7.56
CA SER B 343 -1.18 -5.59 -7.83
C SER B 343 -1.58 -5.45 -9.29
N MET B 344 -2.19 -6.50 -9.84
CA MET B 344 -2.45 -6.50 -11.27
C MET B 344 -3.73 -7.26 -11.56
N VAL B 345 -4.36 -6.90 -12.69
CA VAL B 345 -5.58 -7.53 -13.16
C VAL B 345 -5.24 -8.32 -14.42
N GLY B 346 -5.60 -9.60 -14.44
CA GLY B 346 -5.33 -10.45 -15.58
C GLY B 346 -6.61 -10.61 -16.39
N VAL B 347 -6.46 -10.41 -17.70
CA VAL B 347 -7.59 -10.49 -18.62
C VAL B 347 -7.32 -11.59 -19.63
N ALA B 348 -8.36 -12.36 -19.95
CA ALA B 348 -8.28 -13.38 -20.97
C ALA B 348 -9.67 -13.55 -21.57
N LYS B 349 -9.73 -14.25 -22.70
CA LYS B 349 -11.01 -14.55 -23.31
C LYS B 349 -11.79 -15.50 -22.41
N ALA B 350 -13.11 -15.32 -22.32
CA ALA B 350 -13.90 -16.26 -21.55
C ALA B 350 -14.07 -17.54 -22.35
N ARG B 351 -13.79 -18.67 -21.72
CA ARG B 351 -14.04 -19.95 -22.36
C ARG B 351 -15.52 -20.30 -22.25
N ALA B 352 -16.26 -19.89 -23.28
CA ALA B 352 -17.70 -20.11 -23.38
C ALA B 352 -18.14 -21.49 -22.89
N ALA B 353 -17.47 -22.56 -23.32
CA ALA B 353 -17.94 -23.92 -23.00
C ALA B 353 -17.12 -24.53 -21.86
N ALA B 354 -17.36 -23.97 -20.67
CA ALA B 354 -16.65 -24.33 -19.46
C ALA B 354 -17.65 -24.76 -18.41
N GLU B 355 -17.57 -26.02 -17.98
CA GLU B 355 -18.50 -26.57 -17.00
C GLU B 355 -17.93 -26.55 -15.58
N ALA B 356 -16.83 -27.27 -15.36
CA ALA B 356 -16.21 -27.38 -14.05
C ALA B 356 -14.75 -26.97 -14.11
N ALA B 357 -14.22 -26.49 -12.98
CA ALA B 357 -12.79 -26.17 -12.88
C ALA B 357 -12.06 -27.46 -12.53
N GLN B 358 -11.74 -28.21 -13.58
CA GLN B 358 -11.28 -29.58 -13.42
C GLN B 358 -9.90 -29.64 -12.78
N LYS B 359 -9.02 -28.72 -13.12
CA LYS B 359 -7.73 -28.61 -12.46
C LYS B 359 -7.30 -27.15 -12.36
N VAL B 360 -6.68 -26.79 -11.23
CA VAL B 360 -6.45 -25.40 -10.85
C VAL B 360 -4.95 -25.11 -10.82
N ALA B 361 -4.62 -23.87 -11.20
CA ALA B 361 -3.23 -23.41 -11.21
C ALA B 361 -3.08 -22.12 -10.39
N GLU B 362 -2.02 -21.36 -10.65
CA GLU B 362 -1.69 -20.19 -9.86
C GLU B 362 -0.59 -19.39 -10.55
N LEU B 363 -0.61 -18.08 -10.35
CA LEU B 363 0.39 -17.18 -10.90
C LEU B 363 1.58 -17.09 -9.95
N GLU B 364 2.78 -16.96 -10.53
CA GLU B 364 4.01 -17.16 -9.78
C GLU B 364 4.76 -15.84 -9.67
N ASN B 365 5.78 -15.61 -10.50
CA ASN B 365 6.76 -14.51 -10.39
C ASN B 365 6.28 -13.25 -9.66
N HIS C 7 -0.20 -5.03 -20.64
CA HIS C 7 1.22 -4.99 -20.96
C HIS C 7 1.79 -6.41 -21.03
N ALA C 8 2.54 -6.79 -20.00
CA ALA C 8 3.19 -8.09 -19.96
C ALA C 8 2.17 -9.23 -20.02
N VAL C 9 2.65 -10.42 -20.37
CA VAL C 9 1.81 -11.60 -20.57
C VAL C 9 2.09 -12.56 -19.43
N VAL C 10 1.33 -13.64 -19.35
CA VAL C 10 1.56 -14.75 -18.43
C VAL C 10 1.77 -16.01 -19.24
N GLU C 11 2.77 -16.79 -18.85
CA GLU C 11 3.20 -18.00 -19.53
C GLU C 11 2.54 -19.23 -18.92
N GLN C 12 2.61 -20.33 -19.65
CA GLN C 12 2.01 -21.59 -19.22
C GLN C 12 3.14 -22.56 -18.87
N THR C 13 3.59 -22.50 -17.62
CA THR C 13 4.63 -23.39 -17.10
C THR C 13 4.06 -24.73 -16.66
N GLU C 14 2.83 -25.04 -17.01
CA GLU C 14 2.17 -26.24 -16.51
C GLU C 14 2.43 -27.38 -17.47
N GLU C 15 2.20 -28.59 -17.01
CA GLU C 15 2.44 -29.72 -17.90
C GLU C 15 1.27 -29.98 -18.85
N ASN C 16 0.92 -28.87 -19.49
CA ASN C 16 0.07 -28.74 -20.67
C ASN C 16 0.92 -28.36 -21.87
N VAL C 17 2.22 -28.55 -21.74
CA VAL C 17 3.23 -28.13 -22.70
C VAL C 17 3.91 -29.39 -23.22
N PHE C 18 3.99 -29.48 -24.54
CA PHE C 18 4.48 -30.67 -25.23
C PHE C 18 5.86 -30.40 -25.81
N LEU C 19 6.74 -31.40 -25.71
CA LEU C 19 8.15 -31.27 -26.05
C LEU C 19 8.47 -31.97 -27.36
N ILE C 20 9.08 -31.24 -28.29
CA ILE C 20 9.57 -31.79 -29.54
C ILE C 20 11.10 -31.74 -29.51
N PRO C 21 11.79 -32.88 -29.37
CA PRO C 21 13.25 -32.86 -29.35
C PRO C 21 13.85 -32.41 -30.68
N LEU C 22 14.96 -31.67 -30.58
CA LEU C 22 15.70 -31.19 -31.74
C LEU C 22 17.14 -31.70 -31.67
N LYS C 23 17.59 -32.37 -32.73
CA LYS C 23 18.95 -32.88 -32.80
C LYS C 23 19.84 -31.90 -33.56
N HIS C 24 21.02 -31.62 -33.01
CA HIS C 24 22.00 -30.74 -33.65
C HIS C 24 22.83 -31.60 -34.60
N LEU C 25 22.53 -31.50 -35.89
CA LEU C 25 23.25 -32.31 -36.88
C LEU C 25 24.68 -31.81 -37.04
N ARG C 26 25.54 -32.68 -37.57
CA ARG C 26 26.94 -32.34 -37.77
C ARG C 26 27.12 -31.27 -38.85
N ASP C 27 26.04 -30.82 -39.49
CA ASP C 27 26.09 -29.74 -40.47
C ASP C 27 25.44 -28.47 -39.95
N SER C 28 25.35 -28.31 -38.63
CA SER C 28 24.82 -27.14 -37.93
C SER C 28 23.31 -27.00 -37.99
N GLN C 29 22.59 -28.06 -38.38
CA GLN C 29 21.14 -28.03 -38.40
C GLN C 29 20.56 -28.48 -37.06
N PHE C 30 19.66 -27.65 -36.52
CA PHE C 30 18.86 -28.02 -35.36
C PHE C 30 17.52 -28.53 -35.90
N VAL C 31 17.39 -29.85 -36.02
CA VAL C 31 16.27 -30.46 -36.72
C VAL C 31 15.39 -31.23 -35.73
N GLY C 32 14.10 -31.24 -36.03
CA GLY C 32 13.14 -32.02 -35.28
C GLY C 32 12.38 -33.00 -36.13
N THR C 33 11.28 -33.54 -35.61
CA THR C 33 10.49 -34.54 -36.31
C THR C 33 9.12 -33.98 -36.68
N LEU C 34 8.70 -34.25 -37.91
CA LEU C 34 7.40 -33.84 -38.42
C LEU C 34 6.84 -34.97 -39.27
N LEU C 35 5.57 -35.29 -39.04
CA LEU C 35 4.89 -36.34 -39.79
C LEU C 35 4.01 -35.69 -40.84
N VAL C 36 4.19 -36.10 -42.10
CA VAL C 36 3.51 -35.49 -43.23
C VAL C 36 2.68 -36.56 -43.91
N GLY C 37 1.42 -36.23 -44.19
CA GLY C 37 0.60 -37.09 -45.02
C GLY C 37 0.00 -38.28 -44.31
N VAL C 38 -0.71 -39.07 -45.09
CA VAL C 38 -1.38 -40.29 -44.63
C VAL C 38 -1.23 -41.35 -45.70
N PRO C 39 -0.50 -42.46 -45.42
CA PRO C 39 0.19 -42.75 -44.16
C PRO C 39 1.28 -41.73 -43.82
N PRO C 40 1.64 -41.62 -42.54
CA PRO C 40 2.63 -40.62 -42.14
C PRO C 40 3.97 -40.87 -42.80
N GLN C 41 4.63 -39.78 -43.19
CA GLN C 41 6.00 -39.81 -43.70
C GLN C 41 6.85 -38.88 -42.84
N GLU C 42 7.99 -39.38 -42.39
CA GLU C 42 8.83 -38.66 -41.44
C GLU C 42 9.83 -37.79 -42.18
N ILE C 43 9.80 -36.50 -41.90
CA ILE C 43 10.80 -35.55 -42.39
C ILE C 43 11.39 -34.83 -41.19
N HIS C 44 12.66 -34.43 -41.31
CA HIS C 44 13.37 -33.79 -40.21
C HIS C 44 13.67 -32.34 -40.59
N PRO C 45 12.73 -31.42 -40.35
CA PRO C 45 12.94 -30.03 -40.74
C PRO C 45 13.58 -29.24 -39.61
N ILE C 46 14.05 -28.06 -39.96
CA ILE C 46 14.48 -27.09 -38.95
C ILE C 46 13.26 -26.27 -38.59
N PHE C 47 13.22 -25.84 -37.33
CA PHE C 47 12.14 -25.00 -36.82
C PHE C 47 12.63 -23.56 -36.83
N ASP C 48 11.96 -22.72 -37.61
CA ASP C 48 12.45 -21.41 -38.01
C ASP C 48 11.48 -20.34 -37.57
N THR C 49 11.99 -19.38 -36.79
CA THR C 49 11.20 -18.21 -36.43
C THR C 49 11.46 -17.02 -37.35
N GLY C 50 12.15 -17.24 -38.46
CA GLY C 50 12.40 -16.19 -39.44
C GLY C 50 11.66 -16.39 -40.74
N SER C 51 10.78 -17.38 -40.78
CA SER C 51 9.96 -17.65 -41.94
C SER C 51 8.68 -18.33 -41.50
N THR C 52 7.58 -18.06 -42.20
CA THR C 52 6.31 -18.67 -41.88
C THR C 52 5.93 -19.80 -42.84
N ASN C 53 6.60 -19.90 -43.98
CA ASN C 53 6.28 -20.95 -44.94
C ASN C 53 6.80 -22.29 -44.42
N LEU C 54 6.01 -23.34 -44.66
CA LEU C 54 6.37 -24.70 -44.28
C LEU C 54 6.84 -25.42 -45.53
N TRP C 55 8.16 -25.60 -45.66
CA TRP C 55 8.74 -26.26 -46.81
C TRP C 55 9.00 -27.72 -46.51
N VAL C 56 8.73 -28.57 -47.49
CA VAL C 56 8.95 -30.01 -47.39
C VAL C 56 9.63 -30.47 -48.68
N VAL C 57 10.79 -31.11 -48.56
CA VAL C 57 11.47 -31.65 -49.73
C VAL C 57 10.69 -32.86 -50.23
N THR C 58 10.28 -32.81 -51.50
CA THR C 58 9.43 -33.84 -52.07
C THR C 58 10.19 -34.61 -53.16
N THR C 59 9.52 -35.64 -53.68
CA THR C 59 10.08 -36.43 -54.78
C THR C 59 9.92 -35.76 -56.13
N ASP C 60 9.24 -34.63 -56.21
CA ASP C 60 9.20 -33.84 -57.43
C ASP C 60 10.46 -33.00 -57.60
N CYS C 61 11.42 -33.15 -56.70
CA CYS C 61 12.75 -32.56 -56.80
C CYS C 61 13.72 -33.69 -57.05
N GLU C 62 14.28 -33.77 -58.26
CA GLU C 62 15.17 -34.86 -58.64
C GLU C 62 16.63 -34.42 -58.68
N GLU C 63 16.97 -33.34 -57.98
CA GLU C 63 18.36 -32.88 -57.94
C GLU C 63 19.19 -33.74 -57.00
N GLU C 64 20.51 -33.51 -57.03
CA GLU C 64 21.42 -34.28 -56.21
C GLU C 64 21.20 -34.01 -54.72
N SER C 65 21.00 -32.75 -54.35
CA SER C 65 20.79 -32.37 -52.96
C SER C 65 19.42 -32.76 -52.43
N CYS C 66 18.49 -33.15 -53.30
CA CYS C 66 17.19 -33.57 -52.81
C CYS C 66 17.12 -35.07 -52.59
N LYS C 67 17.78 -35.88 -53.41
CA LYS C 67 17.68 -37.33 -53.31
C LYS C 67 18.49 -37.90 -52.17
N LYS C 68 19.49 -37.17 -51.66
CA LYS C 68 20.33 -37.72 -50.60
C LYS C 68 19.60 -37.81 -49.27
N VAL C 69 18.43 -37.20 -49.15
CA VAL C 69 17.66 -37.19 -47.92
C VAL C 69 16.37 -37.97 -48.14
N LYS C 70 15.63 -38.19 -47.05
CA LYS C 70 14.36 -38.91 -47.10
C LYS C 70 13.30 -37.98 -47.66
N ARG C 71 13.13 -38.01 -48.98
CA ARG C 71 12.17 -37.14 -49.65
C ARG C 71 10.74 -37.60 -49.41
N TYR C 72 9.84 -36.63 -49.34
CA TYR C 72 8.43 -36.86 -49.13
C TYR C 72 7.74 -37.08 -50.47
N ASN C 73 6.98 -38.17 -50.57
CA ASN C 73 6.31 -38.50 -51.82
C ASN C 73 4.86 -38.07 -51.71
N PRO C 74 4.48 -36.90 -52.23
CA PRO C 74 3.08 -36.45 -52.09
C PRO C 74 2.10 -37.42 -52.71
N TYR C 75 2.53 -38.16 -53.74
CA TYR C 75 1.67 -39.08 -54.45
C TYR C 75 1.48 -40.41 -53.71
N LYS C 76 2.19 -40.61 -52.61
CA LYS C 76 1.96 -41.76 -51.74
C LYS C 76 1.05 -41.42 -50.57
N SER C 77 0.72 -40.15 -50.38
CA SER C 77 -0.15 -39.72 -49.30
C SER C 77 -1.54 -39.51 -49.85
N LYS C 78 -2.54 -40.08 -49.17
CA LYS C 78 -3.93 -40.01 -49.59
C LYS C 78 -4.64 -38.75 -49.13
N THR C 79 -4.06 -38.01 -48.19
CA THR C 79 -4.64 -36.74 -47.76
C THR C 79 -4.16 -35.58 -48.62
N PHE C 80 -3.24 -35.84 -49.54
CA PHE C 80 -2.68 -34.80 -50.39
C PHE C 80 -3.69 -34.24 -51.36
N ARG C 81 -3.70 -32.91 -51.47
CA ARG C 81 -4.55 -32.17 -52.40
C ARG C 81 -3.86 -30.86 -52.74
N ARG C 82 -3.46 -30.71 -53.99
CA ARG C 82 -2.78 -29.50 -54.47
C ARG C 82 -3.69 -28.28 -54.45
N SER C 83 -3.08 -27.12 -54.24
CA SER C 83 -3.74 -25.82 -54.34
C SER C 83 -3.00 -24.95 -55.35
N PHE C 84 -3.71 -23.95 -55.87
CA PHE C 84 -3.18 -23.03 -56.88
C PHE C 84 -2.50 -23.81 -58.00
N ILE C 85 -3.32 -24.46 -58.82
CA ILE C 85 -2.80 -25.27 -59.90
C ILE C 85 -2.21 -24.36 -60.96
N GLY C 86 -0.92 -24.53 -61.22
CA GLY C 86 -0.19 -23.70 -62.15
C GLY C 86 0.57 -22.56 -61.51
N LYS C 87 0.38 -22.31 -60.22
CA LYS C 87 1.13 -21.26 -59.55
C LYS C 87 2.36 -21.86 -58.88
N ASN C 88 3.39 -21.03 -58.75
CA ASN C 88 4.67 -21.46 -58.20
C ASN C 88 5.04 -20.67 -56.95
N LEU C 89 6.07 -21.17 -56.28
CA LEU C 89 6.64 -20.56 -55.09
C LEU C 89 8.15 -20.56 -55.28
N HIS C 90 8.77 -19.40 -55.09
CA HIS C 90 10.21 -19.28 -55.27
C HIS C 90 10.74 -18.34 -54.20
N ILE C 91 11.78 -18.78 -53.50
CA ILE C 91 12.40 -18.02 -52.42
C ILE C 91 13.91 -18.05 -52.62
N VAL C 92 14.51 -16.87 -52.72
CA VAL C 92 15.95 -16.72 -52.86
C VAL C 92 16.45 -15.99 -51.63
N PHE C 93 17.30 -16.65 -50.85
CA PHE C 93 17.93 -16.05 -49.70
C PHE C 93 19.42 -15.90 -49.97
N GLY C 94 20.15 -15.46 -48.94
CA GLY C 94 21.54 -15.11 -49.10
C GLY C 94 22.40 -16.17 -49.75
N SER C 95 22.45 -17.35 -49.14
CA SER C 95 23.38 -18.42 -49.53
C SER C 95 22.67 -19.59 -50.21
N GLY C 96 21.67 -19.31 -51.02
CA GLY C 96 20.98 -20.34 -51.78
C GLY C 96 19.60 -19.87 -52.21
N SER C 97 18.76 -20.83 -52.54
CA SER C 97 17.41 -20.56 -52.98
C SER C 97 16.58 -21.84 -52.96
N ILE C 98 15.26 -21.68 -52.95
CA ILE C 98 14.33 -22.79 -52.95
C ILE C 98 13.08 -22.40 -53.73
N SER C 99 12.60 -23.31 -54.58
CA SER C 99 11.43 -23.07 -55.40
C SER C 99 10.58 -24.34 -55.47
N GLY C 100 9.30 -24.15 -55.74
CA GLY C 100 8.39 -25.28 -55.82
C GLY C 100 6.95 -24.83 -56.00
N SER C 101 6.05 -25.81 -55.91
CA SER C 101 4.62 -25.60 -56.06
C SER C 101 3.95 -25.55 -54.69
N ILE C 102 2.63 -25.37 -54.71
CA ILE C 102 1.83 -25.22 -53.50
C ILE C 102 0.98 -26.48 -53.31
N GLY C 103 0.79 -26.86 -52.05
CA GLY C 103 -0.11 -27.97 -51.75
C GLY C 103 -0.60 -27.89 -50.33
N LYS C 104 -1.69 -28.62 -50.08
CA LYS C 104 -2.26 -28.78 -48.74
C LYS C 104 -2.07 -30.21 -48.28
N GLU C 105 -1.69 -30.38 -47.01
CA GLU C 105 -1.42 -31.70 -46.48
C GLU C 105 -1.81 -31.75 -45.01
N THR C 106 -1.81 -32.96 -44.45
CA THR C 106 -2.11 -33.22 -43.06
C THR C 106 -0.80 -33.51 -42.31
N PHE C 107 -0.49 -32.67 -41.33
CA PHE C 107 0.75 -32.75 -40.58
C PHE C 107 0.46 -33.16 -39.13
N VAL C 108 1.40 -33.91 -38.55
CA VAL C 108 1.38 -34.28 -37.14
C VAL C 108 2.69 -33.81 -36.52
N LEU C 109 2.60 -32.90 -35.54
CA LEU C 109 3.78 -32.41 -34.83
C LEU C 109 3.69 -32.80 -33.36
N GLY C 110 4.45 -33.82 -32.97
CA GLY C 110 4.48 -34.27 -31.59
C GLY C 110 3.12 -34.58 -30.99
N ASP C 111 2.42 -35.55 -31.58
CA ASP C 111 1.12 -36.02 -31.12
C ASP C 111 0.03 -34.96 -31.28
N HIS C 112 0.33 -33.86 -31.97
CA HIS C 112 -0.67 -32.86 -32.33
C HIS C 112 -0.84 -32.86 -33.85
N THR C 113 -2.09 -32.92 -34.29
CA THR C 113 -2.40 -32.97 -35.71
C THR C 113 -2.84 -31.59 -36.21
N VAL C 114 -2.54 -31.33 -37.48
CA VAL C 114 -2.95 -30.12 -38.16
C VAL C 114 -3.47 -30.56 -39.53
N ARG C 115 -4.68 -30.13 -39.87
CA ARG C 115 -5.32 -30.58 -41.10
C ARG C 115 -5.55 -29.38 -42.02
N ASN C 116 -5.65 -29.67 -43.32
CA ASN C 116 -5.87 -28.64 -44.34
C ASN C 116 -4.78 -27.55 -44.26
N GLN C 117 -3.55 -27.97 -43.98
CA GLN C 117 -2.44 -27.05 -43.78
C GLN C 117 -1.69 -26.80 -45.08
N THR C 118 -1.70 -25.55 -45.54
CA THR C 118 -0.96 -25.17 -46.72
C THR C 118 0.55 -25.25 -46.50
N PHE C 119 1.26 -25.82 -47.47
CA PHE C 119 2.71 -25.92 -47.42
C PHE C 119 3.25 -25.86 -48.85
N GLY C 120 4.57 -25.70 -48.96
CA GLY C 120 5.25 -25.64 -50.24
C GLY C 120 6.01 -26.92 -50.52
N LEU C 121 5.86 -27.43 -51.75
CA LEU C 121 6.54 -28.64 -52.17
C LEU C 121 7.83 -28.28 -52.88
N VAL C 122 8.96 -28.60 -52.24
CA VAL C 122 10.27 -28.26 -52.78
C VAL C 122 10.50 -29.06 -54.07
N GLU C 123 10.82 -28.35 -55.15
CA GLU C 123 11.13 -29.00 -56.41
C GLU C 123 12.52 -28.68 -56.95
N SER C 124 13.09 -27.53 -56.59
CA SER C 124 14.43 -27.19 -57.03
C SER C 124 15.23 -26.60 -55.89
N GLU C 125 16.54 -26.77 -55.98
CA GLU C 125 17.47 -26.22 -55.00
C GLU C 125 18.69 -25.59 -55.68
N SER C 126 18.76 -25.64 -57.01
CA SER C 126 19.87 -25.03 -57.72
C SER C 126 19.52 -23.60 -58.01
N ASN C 127 20.53 -22.76 -58.07
CA ASN C 127 20.26 -21.35 -58.33
C ASN C 127 19.65 -21.17 -59.72
N ASN C 134 24.87 -23.34 -53.87
CA ASN C 134 24.05 -23.19 -52.66
C ASN C 134 24.75 -23.75 -51.44
N ILE C 135 24.15 -23.51 -50.27
CA ILE C 135 24.62 -24.12 -49.05
C ILE C 135 23.98 -25.52 -48.87
N PHE C 136 23.10 -25.92 -49.77
CA PHE C 136 22.46 -27.24 -49.70
C PHE C 136 23.44 -28.36 -50.02
N ASP C 137 24.68 -28.02 -50.43
CA ASP C 137 25.69 -29.04 -50.63
C ASP C 137 26.26 -29.49 -49.29
N TYR C 138 26.19 -28.63 -48.29
CA TYR C 138 26.69 -28.89 -46.95
C TYR C 138 25.60 -29.37 -46.00
N ILE C 139 24.36 -29.46 -46.45
CA ILE C 139 23.23 -29.71 -45.57
C ILE C 139 22.39 -30.88 -46.08
N ASP C 140 21.99 -31.75 -45.15
CA ASP C 140 20.98 -32.77 -45.41
C ASP C 140 19.60 -32.18 -45.08
N PHE C 141 19.18 -31.28 -45.96
CA PHE C 141 17.98 -30.49 -45.73
C PHE C 141 16.74 -31.30 -46.08
N GLU C 142 15.72 -31.19 -45.21
CA GLU C 142 14.47 -31.91 -45.41
C GLU C 142 13.22 -31.06 -45.22
N GLY C 143 13.35 -29.79 -44.89
CA GLY C 143 12.18 -28.94 -44.75
C GLY C 143 12.39 -27.86 -43.71
N ILE C 144 11.41 -26.97 -43.66
CA ILE C 144 11.40 -25.83 -42.74
C ILE C 144 10.02 -25.75 -42.13
N VAL C 145 9.93 -25.67 -40.80
CA VAL C 145 8.67 -25.43 -40.12
C VAL C 145 8.58 -23.95 -39.79
N GLY C 146 7.62 -23.26 -40.38
CA GLY C 146 7.51 -21.82 -40.21
C GLY C 146 6.84 -21.41 -38.92
N LEU C 147 7.53 -20.62 -38.11
CA LEU C 147 7.01 -20.15 -36.85
C LEU C 147 6.80 -18.64 -36.81
N GLY C 148 7.16 -17.93 -37.86
CA GLY C 148 6.90 -16.52 -37.95
C GLY C 148 5.41 -16.22 -38.09
N PHE C 149 5.11 -14.94 -38.21
CA PHE C 149 3.74 -14.46 -38.29
C PHE C 149 3.15 -14.69 -39.67
N PRO C 150 1.81 -14.68 -39.80
CA PRO C 150 1.20 -15.03 -41.08
C PRO C 150 1.50 -14.04 -42.20
N GLU C 151 1.79 -12.78 -41.86
CA GLU C 151 2.12 -11.79 -42.89
C GLU C 151 3.31 -12.21 -43.74
N MET C 152 4.14 -13.12 -43.24
CA MET C 152 5.33 -13.56 -43.94
C MET C 152 5.07 -14.74 -44.88
N LEU C 153 3.81 -15.16 -45.00
CA LEU C 153 3.48 -16.29 -45.87
C LEU C 153 3.62 -15.90 -47.34
N SER C 154 4.24 -16.77 -48.12
CA SER C 154 4.31 -16.55 -49.56
C SER C 154 3.02 -16.99 -50.24
N ALA C 155 2.37 -18.02 -49.72
CA ALA C 155 1.10 -18.52 -50.22
C ALA C 155 0.42 -19.27 -49.09
N GLY C 156 -0.90 -19.33 -49.16
CA GLY C 156 -1.63 -20.00 -48.11
C GLY C 156 -2.43 -19.03 -47.25
N LYS C 157 -3.51 -19.55 -46.66
CA LYS C 157 -4.44 -18.75 -45.88
C LYS C 157 -3.99 -18.59 -44.43
N VAL C 158 -3.66 -19.69 -43.77
CA VAL C 158 -3.36 -19.71 -42.34
C VAL C 158 -1.92 -20.15 -42.13
N SER C 159 -1.25 -19.51 -41.17
CA SER C 159 0.08 -19.96 -40.80
C SER C 159 0.00 -21.32 -40.11
N PHE C 160 1.03 -22.14 -40.33
CA PHE C 160 1.03 -23.50 -39.78
C PHE C 160 0.78 -23.49 -38.27
N PHE C 161 1.53 -22.65 -37.54
CA PHE C 161 1.37 -22.63 -36.09
C PHE C 161 -0.01 -22.12 -35.69
N ASP C 162 -0.48 -21.04 -36.32
CA ASP C 162 -1.83 -20.57 -36.05
C ASP C 162 -2.86 -21.65 -36.32
N ASN C 163 -2.73 -22.37 -37.43
CA ASN C 163 -3.69 -23.43 -37.73
C ASN C 163 -3.58 -24.56 -36.72
N LEU C 164 -2.38 -24.81 -36.19
CA LEU C 164 -2.25 -25.80 -35.13
C LEU C 164 -3.01 -25.36 -33.89
N LEU C 165 -2.90 -24.08 -33.52
CA LEU C 165 -3.64 -23.58 -32.37
C LEU C 165 -5.13 -23.64 -32.62
N SER C 166 -5.56 -23.36 -33.85
CA SER C 166 -6.99 -23.36 -34.16
C SER C 166 -7.61 -24.75 -34.07
N GLN C 167 -6.85 -25.79 -34.43
CA GLN C 167 -7.37 -27.15 -34.42
C GLN C 167 -7.11 -27.88 -33.12
N ASN C 168 -6.35 -27.28 -32.20
CA ASN C 168 -6.12 -27.84 -30.86
C ASN C 168 -6.32 -26.72 -29.84
N LYS C 169 -7.56 -26.57 -29.35
CA LYS C 169 -7.89 -25.51 -28.40
C LYS C 169 -7.35 -25.76 -27.00
N ASN C 170 -6.75 -26.92 -26.74
CA ASN C 170 -6.13 -27.14 -25.43
C ASN C 170 -4.81 -26.39 -25.28
N LEU C 171 -4.17 -26.02 -26.38
CA LEU C 171 -2.88 -25.36 -26.35
C LEU C 171 -3.01 -23.86 -26.16
N SER C 172 -2.16 -23.32 -25.31
CA SER C 172 -2.10 -21.87 -25.18
C SER C 172 -1.17 -21.32 -26.27
N PRO C 173 -1.44 -20.11 -26.74
CA PRO C 173 -0.70 -19.57 -27.89
C PRO C 173 0.74 -19.17 -27.60
N GLN C 174 1.64 -20.13 -27.32
CA GLN C 174 3.02 -19.75 -27.09
C GLN C 174 3.92 -20.99 -27.18
N PHE C 175 5.19 -20.75 -27.52
CA PHE C 175 6.17 -21.82 -27.60
C PHE C 175 7.52 -21.25 -27.15
N SER C 176 8.50 -22.13 -27.02
CA SER C 176 9.79 -21.71 -26.49
C SER C 176 10.88 -22.65 -26.97
N PHE C 177 12.10 -22.12 -27.02
CA PHE C 177 13.27 -22.84 -27.49
C PHE C 177 14.30 -22.97 -26.38
N TYR C 178 14.90 -24.15 -26.28
CA TYR C 178 16.04 -24.40 -25.40
C TYR C 178 17.16 -24.96 -26.26
N ILE C 179 18.21 -24.18 -26.47
CA ILE C 179 19.32 -24.55 -27.33
C ILE C 179 20.45 -25.08 -26.47
N SER C 180 20.95 -26.26 -26.81
CA SER C 180 22.10 -26.83 -26.11
C SER C 180 22.78 -27.87 -26.98
N PRO C 181 23.61 -27.46 -27.95
CA PRO C 181 24.30 -28.46 -28.79
C PRO C 181 25.34 -29.27 -28.04
N GLU C 182 26.03 -28.66 -27.06
CA GLU C 182 27.04 -29.38 -26.30
C GLU C 182 26.46 -30.63 -25.67
N ASP C 183 25.39 -30.46 -24.89
CA ASP C 183 24.69 -31.61 -24.32
C ASP C 183 23.92 -32.37 -25.40
N ASN C 184 23.69 -31.73 -26.55
CA ASN C 184 22.86 -32.29 -27.62
C ASN C 184 21.47 -32.64 -27.11
N THR C 185 20.94 -31.78 -26.23
CA THR C 185 19.64 -31.97 -25.61
C THR C 185 18.67 -30.85 -25.93
N SER C 186 18.97 -30.04 -26.95
CA SER C 186 18.08 -28.96 -27.35
C SER C 186 16.67 -29.47 -27.62
N THR C 187 15.68 -28.68 -27.24
CA THR C 187 14.28 -29.09 -27.28
C THR C 187 13.40 -27.92 -27.68
N PHE C 188 12.36 -28.23 -28.46
CA PHE C 188 11.34 -27.26 -28.85
C PHE C 188 10.08 -27.53 -28.02
N LEU C 189 9.61 -26.50 -27.32
CA LEU C 189 8.46 -26.61 -26.43
C LEU C 189 7.26 -25.91 -27.07
N VAL C 190 6.13 -26.62 -27.12
CA VAL C 190 4.89 -26.11 -27.69
C VAL C 190 3.88 -25.90 -26.58
N GLY C 191 3.32 -24.70 -26.51
CA GLY C 191 2.24 -24.42 -25.57
C GLY C 191 2.66 -23.87 -24.23
N GLY C 192 3.90 -23.42 -24.07
CA GLY C 192 4.33 -22.87 -22.80
C GLY C 192 5.83 -23.03 -22.62
N VAL C 193 6.24 -23.01 -21.35
CA VAL C 193 7.63 -23.10 -20.97
C VAL C 193 7.78 -24.13 -19.84
N SER C 194 9.04 -24.46 -19.55
CA SER C 194 9.37 -25.34 -18.43
C SER C 194 10.50 -24.74 -17.62
N LYS C 195 10.36 -24.77 -16.29
CA LYS C 195 11.38 -24.21 -15.41
C LYS C 195 12.69 -25.00 -15.44
N SER C 196 12.73 -26.14 -16.12
CA SER C 196 13.95 -26.92 -16.21
C SER C 196 14.93 -26.40 -17.25
N PHE C 197 14.51 -25.40 -18.05
CA PHE C 197 15.36 -24.88 -19.10
C PHE C 197 15.89 -23.48 -18.83
N TYR C 198 15.32 -22.74 -17.89
CA TYR C 198 15.75 -21.37 -17.62
C TYR C 198 15.84 -21.14 -16.12
N GLU C 199 16.68 -20.15 -15.76
CA GLU C 199 16.78 -19.71 -14.38
C GLU C 199 16.58 -18.19 -14.32
N GLY C 200 16.15 -17.74 -13.15
CA GLY C 200 15.84 -16.33 -12.97
C GLY C 200 14.43 -16.03 -13.43
N SER C 201 14.18 -14.76 -13.72
CA SER C 201 12.89 -14.34 -14.23
C SER C 201 12.92 -14.32 -15.75
N ILE C 202 11.74 -14.28 -16.35
CA ILE C 202 11.59 -14.19 -17.80
C ILE C 202 11.17 -12.77 -18.12
N TYR C 203 11.95 -12.10 -18.95
CA TYR C 203 11.73 -10.70 -19.26
C TYR C 203 11.11 -10.59 -20.64
N MET C 204 10.08 -9.77 -20.76
CA MET C 204 9.30 -9.71 -21.99
C MET C 204 9.72 -8.52 -22.83
N LEU C 205 9.70 -8.71 -24.15
CA LEU C 205 10.05 -7.66 -25.10
C LEU C 205 8.93 -7.60 -26.13
N PRO C 206 8.25 -6.48 -26.29
CA PRO C 206 7.09 -6.44 -27.20
C PRO C 206 7.53 -6.50 -28.65
N VAL C 207 6.73 -7.19 -29.46
CA VAL C 207 7.00 -7.31 -30.88
C VAL C 207 6.46 -6.06 -31.58
N VAL C 208 7.34 -5.35 -32.27
CA VAL C 208 6.94 -4.11 -32.93
C VAL C 208 6.06 -4.40 -34.14
N LYS C 209 6.52 -5.30 -35.01
CA LYS C 209 5.83 -5.60 -36.26
C LYS C 209 5.62 -7.10 -36.36
N GLU C 210 4.36 -7.51 -36.46
CA GLU C 210 4.06 -8.94 -36.58
C GLU C 210 4.42 -9.43 -37.98
N TYR C 211 5.71 -9.40 -38.30
CA TYR C 211 6.22 -10.02 -39.52
C TYR C 211 7.30 -11.02 -39.13
N TYR C 212 8.44 -10.56 -38.64
CA TYR C 212 9.33 -11.39 -37.85
C TYR C 212 8.99 -11.20 -36.37
N TRP C 213 9.57 -12.06 -35.53
CA TRP C 213 9.56 -11.80 -34.10
C TRP C 213 10.60 -10.72 -33.83
N GLU C 214 10.16 -9.47 -33.96
CA GLU C 214 11.05 -8.32 -34.03
C GLU C 214 10.72 -7.38 -32.89
N VAL C 215 11.75 -6.95 -32.16
CA VAL C 215 11.59 -6.09 -31.00
C VAL C 215 12.53 -4.90 -31.14
N GLU C 216 12.21 -3.83 -30.42
CA GLU C 216 13.03 -2.62 -30.48
C GLU C 216 14.41 -2.90 -29.93
N LEU C 217 15.42 -2.37 -30.61
CA LEU C 217 16.80 -2.44 -30.15
C LEU C 217 17.27 -1.01 -29.90
N ASP C 218 17.68 -0.73 -28.67
CA ASP C 218 18.07 0.62 -28.31
C ASP C 218 19.57 0.87 -28.40
N GLY C 219 20.40 -0.16 -28.36
CA GLY C 219 21.83 0.05 -28.48
C GLY C 219 22.59 -1.26 -28.46
N ILE C 220 23.84 -1.17 -28.91
CA ILE C 220 24.79 -2.28 -28.92
C ILE C 220 26.16 -1.74 -28.55
N TYR C 221 26.82 -2.38 -27.59
CA TYR C 221 28.16 -1.98 -27.16
C TYR C 221 29.07 -3.20 -27.27
N VAL C 222 30.14 -3.06 -28.04
CA VAL C 222 31.16 -4.10 -28.15
C VAL C 222 32.32 -3.61 -27.30
N GLY C 223 32.49 -4.23 -26.14
CA GLY C 223 33.37 -3.68 -25.12
C GLY C 223 32.79 -2.36 -24.65
N GLU C 224 33.56 -1.29 -24.78
CA GLU C 224 33.07 0.03 -24.41
C GLU C 224 32.70 0.90 -25.60
N LYS C 225 32.81 0.38 -26.82
CA LYS C 225 32.52 1.19 -28.00
C LYS C 225 31.07 0.98 -28.40
N LYS C 226 30.34 2.08 -28.51
CA LYS C 226 28.92 2.02 -28.84
C LYS C 226 28.78 1.84 -30.35
N ILE C 227 28.42 0.63 -30.77
CA ILE C 227 28.25 0.34 -32.19
C ILE C 227 26.85 0.72 -32.66
N CYS C 228 25.90 0.82 -31.75
CA CYS C 228 24.53 1.10 -32.15
C CYS C 228 23.88 1.92 -31.03
N CYS C 229 22.91 2.76 -31.39
CA CYS C 229 22.24 2.84 -32.70
C CYS C 229 22.07 4.31 -33.11
N GLU C 230 22.41 4.66 -34.34
CA GLU C 230 22.24 6.05 -34.76
C GLU C 230 20.84 6.34 -35.32
N GLU C 231 20.12 5.31 -35.72
CA GLU C 231 18.74 5.41 -36.19
C GLU C 231 17.96 4.24 -35.60
N LYS C 232 16.65 4.44 -35.41
CA LYS C 232 15.79 3.43 -34.81
C LYS C 232 16.05 2.07 -35.45
N SER C 233 16.51 1.12 -34.63
CA SER C 233 16.86 -0.20 -35.10
C SER C 233 16.05 -1.27 -34.36
N TYR C 234 16.12 -2.48 -34.89
CA TYR C 234 15.30 -3.58 -34.38
C TYR C 234 16.13 -4.86 -34.34
N ALA C 235 15.68 -5.78 -33.50
CA ALA C 235 16.27 -7.12 -33.37
C ALA C 235 15.23 -8.17 -33.65
N ILE C 236 15.63 -9.22 -34.38
CA ILE C 236 14.78 -10.31 -34.81
C ILE C 236 15.31 -11.61 -34.24
N PHE C 237 14.41 -12.42 -33.71
CA PHE C 237 14.78 -13.71 -33.12
C PHE C 237 14.68 -14.81 -34.17
N ASP C 238 15.84 -15.30 -34.61
CA ASP C 238 15.97 -16.16 -35.78
C ASP C 238 16.61 -17.48 -35.38
N THR C 239 15.81 -18.56 -35.43
CA THR C 239 16.35 -19.90 -35.24
C THR C 239 16.79 -20.49 -36.57
N GLY C 240 16.65 -19.75 -37.66
CA GLY C 240 17.08 -20.21 -38.95
C GLY C 240 18.53 -19.94 -39.27
N THR C 241 19.22 -19.27 -38.36
CA THR C 241 20.64 -19.01 -38.49
C THR C 241 21.32 -19.38 -37.19
N SER C 242 22.55 -19.88 -37.32
CA SER C 242 23.35 -20.17 -36.14
C SER C 242 24.03 -18.93 -35.60
N TYR C 243 24.37 -18.00 -36.48
CA TYR C 243 25.16 -16.83 -36.12
C TYR C 243 24.26 -15.64 -35.80
N ASN C 244 24.73 -14.78 -34.89
CA ASN C 244 24.12 -13.46 -34.79
C ASN C 244 24.60 -12.60 -35.95
N THR C 245 23.85 -11.55 -36.27
CA THR C 245 24.15 -10.81 -37.47
C THR C 245 24.03 -9.31 -37.22
N MET C 246 24.51 -8.55 -38.21
CA MET C 246 24.39 -7.11 -38.25
C MET C 246 24.30 -6.70 -39.72
N PRO C 247 23.77 -5.51 -40.00
CA PRO C 247 23.75 -5.03 -41.39
C PRO C 247 25.15 -4.80 -41.96
N SER C 248 25.22 -4.42 -43.24
CA SER C 248 26.51 -4.33 -43.93
C SER C 248 27.43 -3.31 -43.27
N ALA C 249 26.91 -2.11 -42.99
CA ALA C 249 27.75 -1.02 -42.48
C ALA C 249 28.40 -1.40 -41.16
N GLN C 250 27.58 -1.68 -40.14
CA GLN C 250 28.11 -1.96 -38.80
C GLN C 250 28.99 -3.20 -38.76
N MET C 251 28.92 -4.07 -39.76
CA MET C 251 29.72 -5.29 -39.73
C MET C 251 31.21 -4.99 -39.81
N LYS C 252 31.60 -4.02 -40.63
CA LYS C 252 33.00 -3.62 -40.71
C LYS C 252 33.52 -3.14 -39.35
N GLY C 253 32.83 -2.16 -38.77
CA GLY C 253 33.21 -1.63 -37.46
C GLY C 253 33.28 -2.68 -36.37
N PHE C 254 32.62 -3.82 -36.57
CA PHE C 254 32.61 -4.86 -35.56
C PHE C 254 33.88 -5.69 -35.56
N PHE C 255 34.28 -6.20 -36.73
CA PHE C 255 35.47 -7.03 -36.84
C PHE C 255 36.76 -6.26 -36.57
N ASP C 256 36.70 -4.93 -36.51
CA ASP C 256 37.85 -4.15 -36.08
C ASP C 256 38.06 -4.24 -34.57
N VAL C 257 37.01 -4.59 -33.83
CA VAL C 257 37.11 -4.74 -32.39
C VAL C 257 37.05 -6.21 -31.97
N VAL C 258 36.49 -7.10 -32.79
CA VAL C 258 36.43 -8.51 -32.49
C VAL C 258 37.21 -9.27 -33.56
N PRO C 259 38.51 -9.48 -33.38
CA PRO C 259 39.28 -10.26 -34.38
C PRO C 259 39.39 -11.72 -34.03
N SER C 260 39.68 -12.55 -35.02
CA SER C 260 39.94 -13.97 -34.82
C SER C 260 41.39 -14.22 -34.44
N ALA C 261 41.67 -15.46 -34.04
CA ALA C 261 43.02 -15.85 -33.62
C ALA C 261 43.10 -17.36 -33.63
N PRO C 262 44.30 -17.93 -33.85
CA PRO C 262 44.43 -19.39 -33.79
C PRO C 262 44.18 -19.92 -32.38
N CYS C 263 43.50 -21.07 -32.32
CA CYS C 263 43.13 -21.66 -31.03
C CYS C 263 43.16 -23.18 -31.13
N THR C 264 43.56 -23.83 -30.04
CA THR C 264 43.49 -25.28 -29.93
C THR C 264 42.41 -25.61 -28.90
N GLU C 265 42.19 -26.90 -28.69
CA GLU C 265 41.11 -27.32 -27.79
C GLU C 265 41.29 -26.76 -26.38
N GLU C 266 42.53 -26.67 -25.91
CA GLU C 266 42.85 -26.18 -24.57
C GLU C 266 43.53 -24.81 -24.55
N ASN C 267 43.78 -24.20 -25.72
CA ASN C 267 44.58 -22.98 -25.79
C ASN C 267 43.78 -21.68 -25.72
N TYR C 268 42.47 -21.73 -25.88
CA TYR C 268 41.67 -20.50 -25.89
C TYR C 268 41.49 -19.88 -24.51
N GLN C 269 42.09 -20.35 -23.42
CA GLN C 269 41.78 -19.78 -22.11
C GLN C 269 42.23 -18.33 -22.00
N GLU C 270 43.38 -18.00 -22.57
CA GLU C 270 43.92 -16.65 -22.54
C GLU C 270 43.60 -15.84 -23.78
N VAL C 271 43.41 -16.48 -24.93
CA VAL C 271 43.11 -15.74 -26.15
C VAL C 271 41.83 -14.93 -25.97
N LEU C 272 40.78 -15.56 -25.45
CA LEU C 272 39.51 -14.92 -25.18
C LEU C 272 39.48 -14.18 -23.84
N LYS C 273 40.62 -13.95 -23.20
CA LYS C 273 40.60 -13.32 -21.88
C LYS C 273 40.42 -11.82 -21.98
N ASN C 274 41.01 -11.20 -22.99
CA ASN C 274 40.89 -9.76 -23.18
C ASN C 274 39.72 -9.36 -24.06
N TYR C 275 39.11 -10.32 -24.75
CA TYR C 275 38.04 -10.02 -25.69
C TYR C 275 36.89 -9.30 -25.00
N PRO C 276 36.20 -8.42 -25.71
CA PRO C 276 35.23 -7.53 -25.08
C PRO C 276 33.98 -8.28 -24.63
N VAL C 277 33.14 -7.55 -23.92
CA VAL C 277 31.82 -8.03 -23.51
C VAL C 277 30.79 -7.25 -24.30
N ILE C 278 30.03 -7.95 -25.13
CA ILE C 278 29.01 -7.32 -25.95
C ILE C 278 27.74 -7.15 -25.13
N LYS C 279 27.10 -5.98 -25.25
CA LYS C 279 25.86 -5.70 -24.53
C LYS C 279 24.77 -5.32 -25.52
N TYR C 280 23.60 -5.96 -25.39
CA TYR C 280 22.41 -5.62 -26.14
C TYR C 280 21.46 -4.87 -25.22
N LEU C 281 21.07 -3.67 -25.62
CA LEU C 281 20.28 -2.77 -24.79
C LEU C 281 18.83 -2.80 -25.26
N PHE C 282 17.96 -3.38 -24.45
CA PHE C 282 16.51 -3.38 -24.69
C PHE C 282 15.90 -2.45 -23.64
N GLY C 283 16.00 -1.16 -23.91
CA GLY C 283 15.58 -0.16 -22.93
C GLY C 283 16.45 -0.27 -21.69
N ASP C 284 15.81 -0.46 -20.54
CA ASP C 284 16.55 -0.61 -19.29
C ASP C 284 17.24 -1.97 -19.18
N LEU C 285 16.80 -2.95 -19.97
CA LEU C 285 17.32 -4.29 -19.86
C LEU C 285 18.62 -4.42 -20.66
N VAL C 286 19.60 -5.10 -20.10
CA VAL C 286 20.91 -5.27 -20.73
C VAL C 286 21.24 -6.75 -20.83
N ILE C 287 21.34 -7.26 -22.06
CA ILE C 287 21.71 -8.64 -22.31
C ILE C 287 23.14 -8.64 -22.87
N GLU C 288 24.05 -9.27 -22.15
CA GLU C 288 25.46 -9.29 -22.51
C GLU C 288 25.89 -10.67 -22.99
N LEU C 289 26.88 -10.68 -23.88
CA LEU C 289 27.48 -11.90 -24.40
C LEU C 289 28.98 -11.87 -24.13
N LEU C 290 29.48 -12.90 -23.45
CA LEU C 290 30.87 -12.98 -23.02
C LEU C 290 31.73 -13.56 -24.13
N PRO C 291 33.07 -13.47 -24.01
CA PRO C 291 33.92 -14.00 -25.09
C PRO C 291 33.64 -15.44 -25.45
N GLU C 292 33.68 -16.37 -24.48
CA GLU C 292 33.38 -17.76 -24.80
C GLU C 292 31.92 -17.97 -25.20
N GLU C 293 31.07 -16.96 -25.08
CA GLU C 293 29.66 -17.11 -25.42
C GLU C 293 29.39 -16.83 -26.89
N TYR C 294 29.97 -15.76 -27.44
CA TYR C 294 29.80 -15.44 -28.85
C TYR C 294 30.99 -15.88 -29.70
N MET C 295 31.98 -16.55 -29.12
CA MET C 295 33.11 -17.04 -29.90
C MET C 295 33.01 -18.55 -30.13
N ILE C 296 33.32 -18.95 -31.35
CA ILE C 296 33.26 -20.34 -31.78
C ILE C 296 34.64 -20.77 -32.24
N LEU C 297 34.93 -22.05 -32.09
CA LEU C 297 36.19 -22.65 -32.53
C LEU C 297 35.91 -23.36 -33.86
N ASN C 298 36.64 -22.98 -34.89
CA ASN C 298 36.56 -23.64 -36.19
C ASN C 298 37.95 -23.81 -36.76
N GLU C 299 38.24 -25.01 -37.27
CA GLU C 299 39.53 -25.34 -37.88
C GLU C 299 40.69 -24.76 -37.08
N GLU C 300 40.70 -25.05 -35.78
CA GLU C 300 41.72 -24.55 -34.86
C GLU C 300 41.83 -23.03 -34.90
N SER C 301 40.68 -22.36 -34.70
CA SER C 301 40.61 -20.90 -34.75
C SER C 301 39.43 -20.41 -33.93
N CYS C 302 39.63 -19.26 -33.25
CA CYS C 302 38.61 -18.61 -32.39
C CYS C 302 37.92 -17.52 -33.19
N ILE C 303 36.75 -17.80 -33.72
CA ILE C 303 36.10 -16.85 -34.63
C ILE C 303 34.87 -16.13 -34.10
N PRO C 304 34.68 -14.86 -34.43
CA PRO C 304 33.45 -14.13 -34.02
C PRO C 304 32.25 -14.87 -34.58
N ALA C 305 31.32 -15.25 -33.73
CA ALA C 305 30.17 -16.01 -34.22
C ALA C 305 29.10 -15.08 -34.86
N TYR C 306 29.53 -13.95 -35.42
CA TYR C 306 28.64 -13.00 -36.08
C TYR C 306 28.88 -13.02 -37.58
N MET C 307 27.83 -12.77 -38.34
CA MET C 307 27.96 -12.68 -39.79
C MET C 307 27.11 -11.53 -40.28
N GLN C 308 27.26 -11.21 -41.56
CA GLN C 308 26.63 -10.04 -42.16
C GLN C 308 25.28 -10.40 -42.77
N ILE C 309 24.27 -9.60 -42.45
CA ILE C 309 22.94 -9.72 -43.04
C ILE C 309 22.32 -8.33 -43.20
N ASP C 310 22.02 -7.96 -44.44
CA ASP C 310 21.25 -6.75 -44.74
C ASP C 310 19.82 -7.17 -44.98
N VAL C 311 18.96 -6.89 -44.02
CA VAL C 311 17.56 -7.31 -44.12
C VAL C 311 16.88 -6.54 -45.24
N PRO C 312 16.06 -7.19 -46.07
CA PRO C 312 15.45 -6.49 -47.21
C PRO C 312 14.62 -5.29 -46.80
N SER C 313 13.67 -5.46 -45.87
CA SER C 313 12.77 -4.35 -45.57
C SER C 313 13.44 -3.29 -44.69
N GLU C 314 14.38 -3.70 -43.85
CA GLU C 314 15.16 -2.81 -43.01
C GLU C 314 16.60 -2.90 -43.52
N LYS C 315 17.03 -1.90 -44.30
CA LYS C 315 18.35 -1.93 -44.92
C LYS C 315 19.46 -2.16 -43.89
N ASN C 316 19.55 -1.29 -42.89
CA ASN C 316 20.57 -1.43 -41.86
C ASN C 316 19.99 -1.19 -40.47
N HIS C 317 18.73 -1.56 -40.27
CA HIS C 317 18.05 -1.29 -39.01
C HIS C 317 17.64 -2.57 -38.28
N ALA C 318 18.04 -3.73 -38.79
CA ALA C 318 17.65 -5.00 -38.21
C ALA C 318 18.88 -5.84 -37.89
N TYR C 319 18.98 -6.30 -36.65
CA TYR C 319 20.09 -7.13 -36.19
C TYR C 319 19.54 -8.48 -35.78
N LEU C 320 20.15 -9.53 -36.29
CA LEU C 320 19.63 -10.85 -36.04
C LEU C 320 20.31 -11.44 -34.81
N LEU C 321 19.57 -12.32 -34.13
CA LEU C 321 20.04 -13.02 -32.95
C LEU C 321 19.82 -14.51 -33.19
N GLY C 322 20.92 -15.27 -33.25
CA GLY C 322 20.87 -16.65 -33.69
C GLY C 322 20.82 -17.67 -32.59
N SER C 323 20.88 -18.94 -32.99
CA SER C 323 20.71 -20.04 -32.04
C SER C 323 21.98 -20.27 -31.24
N ILE C 324 23.13 -20.18 -31.91
CA ILE C 324 24.39 -20.52 -31.27
C ILE C 324 24.99 -19.36 -30.49
N ALA C 325 24.84 -18.12 -30.96
CA ALA C 325 25.45 -16.98 -30.30
C ALA C 325 24.53 -16.28 -29.32
N PHE C 326 23.28 -16.72 -29.18
CA PHE C 326 22.36 -16.09 -28.24
C PHE C 326 21.47 -17.13 -27.58
N MET C 327 20.57 -17.74 -28.35
CA MET C 327 19.62 -18.68 -27.77
C MET C 327 20.32 -19.84 -27.07
N ARG C 328 21.51 -20.21 -27.51
CA ARG C 328 22.28 -21.21 -26.78
C ARG C 328 22.57 -20.74 -25.36
N HIS C 329 22.63 -19.43 -25.15
CA HIS C 329 22.85 -18.85 -23.83
C HIS C 329 21.59 -18.30 -23.19
N TYR C 330 20.53 -18.06 -23.96
CA TYR C 330 19.31 -17.44 -23.43
C TYR C 330 18.08 -18.22 -23.87
N TYR C 331 17.35 -18.76 -22.91
CA TYR C 331 16.03 -19.34 -23.13
C TYR C 331 15.07 -18.28 -23.64
N THR C 332 14.39 -18.56 -24.74
CA THR C 332 13.51 -17.61 -25.42
C THR C 332 12.11 -18.16 -25.52
N VAL C 333 11.13 -17.33 -25.18
CA VAL C 333 9.71 -17.68 -25.26
C VAL C 333 9.07 -16.79 -26.31
N PHE C 334 8.13 -17.35 -27.06
CA PHE C 334 7.41 -16.64 -28.11
C PHE C 334 5.92 -16.70 -27.80
N VAL C 335 5.32 -15.54 -27.61
CA VAL C 335 3.90 -15.45 -27.23
C VAL C 335 3.14 -14.86 -28.41
N ARG C 336 2.30 -15.67 -29.03
CA ARG C 336 1.48 -15.23 -30.15
C ARG C 336 0.26 -14.47 -29.63
N GLY C 337 0.11 -13.22 -30.06
CA GLY C 337 -1.06 -12.46 -29.70
C GLY C 337 -2.29 -12.97 -30.42
N ALA C 338 -3.39 -12.21 -30.28
CA ALA C 338 -4.66 -12.54 -30.90
C ALA C 338 -5.63 -11.37 -30.78
N GLY C 339 -6.17 -10.91 -31.88
CA GLY C 339 -7.05 -9.76 -31.83
C GLY C 339 -6.30 -8.56 -31.27
N GLY C 340 -6.78 -8.05 -30.14
CA GLY C 340 -6.18 -6.85 -29.56
C GLY C 340 -4.84 -7.10 -28.90
N GLN C 341 -4.69 -8.25 -28.24
CA GLN C 341 -3.51 -8.49 -27.41
C GLN C 341 -2.25 -8.61 -28.27
N PRO C 342 -1.12 -8.09 -27.81
CA PRO C 342 0.10 -8.11 -28.62
C PRO C 342 1.00 -9.30 -28.34
N SER C 343 1.79 -9.63 -29.36
CA SER C 343 2.84 -10.63 -29.21
C SER C 343 4.10 -10.03 -28.61
N MET C 344 4.86 -10.87 -27.90
CA MET C 344 6.10 -10.41 -27.29
C MET C 344 7.05 -11.60 -27.11
N VAL C 345 8.34 -11.28 -27.03
CA VAL C 345 9.39 -12.28 -26.87
C VAL C 345 10.01 -12.14 -25.48
N GLY C 346 10.02 -13.24 -24.73
CA GLY C 346 10.59 -13.30 -23.40
C GLY C 346 11.92 -14.04 -23.40
N VAL C 347 12.93 -13.44 -22.76
CA VAL C 347 14.27 -14.01 -22.66
C VAL C 347 14.65 -14.16 -21.19
N ALA C 348 15.33 -15.27 -20.89
CA ALA C 348 15.85 -15.54 -19.55
C ALA C 348 17.13 -16.34 -19.70
N LYS C 349 17.86 -16.49 -18.60
CA LYS C 349 19.11 -17.25 -18.64
C LYS C 349 18.82 -18.73 -18.92
N ALA C 350 19.63 -19.31 -19.80
CA ALA C 350 19.51 -20.72 -20.15
C ALA C 350 20.16 -21.61 -19.10
N ARG C 351 19.50 -22.69 -18.78
CA ARG C 351 20.04 -23.64 -17.82
C ARG C 351 21.19 -24.39 -18.49
N ALA C 352 22.42 -23.99 -18.15
CA ALA C 352 23.60 -24.54 -18.77
C ALA C 352 23.93 -25.89 -18.14
N ALA C 353 24.25 -26.85 -18.98
CA ALA C 353 24.67 -28.15 -18.48
C ALA C 353 26.18 -28.14 -18.39
N ALA C 354 26.70 -28.99 -17.52
CA ALA C 354 28.11 -29.03 -17.21
C ALA C 354 29.02 -29.01 -18.45
N VAL D 9 -4.67 10.36 17.96
CA VAL D 9 -3.97 11.53 17.47
C VAL D 9 -3.04 12.05 18.58
N VAL D 10 -2.86 11.25 19.62
CA VAL D 10 -1.91 11.58 20.70
C VAL D 10 -1.40 10.28 21.29
N GLU D 11 -0.09 10.21 21.54
CA GLU D 11 0.51 9.02 22.10
C GLU D 11 0.70 9.18 23.61
N GLN D 12 0.51 8.10 24.35
CA GLN D 12 0.71 8.13 25.79
C GLN D 12 2.02 7.44 26.10
N THR D 13 2.71 7.94 27.11
CA THR D 13 3.96 7.36 27.54
C THR D 13 3.71 6.23 28.53
N GLU D 14 4.77 5.50 28.85
CA GLU D 14 4.62 4.31 29.69
C GLU D 14 5.95 3.95 30.33
N GLU D 15 5.87 3.37 31.54
CA GLU D 15 6.95 2.92 32.43
C GLU D 15 7.64 4.09 33.13
N ASN D 16 7.44 5.31 32.66
CA ASN D 16 7.92 6.55 33.29
C ASN D 16 6.71 7.26 33.88
N VAL D 17 5.85 6.48 34.54
CA VAL D 17 4.57 6.93 35.07
C VAL D 17 4.51 6.68 36.57
N PHE D 18 4.08 7.69 37.33
CA PHE D 18 4.05 7.63 38.78
C PHE D 18 2.61 7.51 39.26
N LEU D 19 2.39 6.65 40.25
CA LEU D 19 1.05 6.25 40.70
C LEU D 19 0.74 6.83 42.08
N ILE D 20 -0.40 7.50 42.18
CA ILE D 20 -0.94 7.99 43.45
C ILE D 20 -2.20 7.18 43.77
N PRO D 21 -2.16 6.30 44.78
CA PRO D 21 -3.35 5.55 45.15
C PRO D 21 -4.44 6.44 45.71
N LEU D 22 -5.69 6.07 45.42
CA LEU D 22 -6.87 6.79 45.88
C LEU D 22 -7.75 5.85 46.71
N LYS D 23 -8.04 6.26 47.94
CA LYS D 23 -8.90 5.48 48.83
C LYS D 23 -10.33 6.03 48.78
N HIS D 24 -11.30 5.14 48.65
CA HIS D 24 -12.72 5.52 48.61
C HIS D 24 -13.28 5.54 50.02
N LEU D 25 -13.47 6.74 50.57
CA LEU D 25 -14.00 6.88 51.90
C LEU D 25 -15.49 6.51 51.91
N ARG D 26 -16.00 6.21 53.11
CA ARG D 26 -17.39 5.81 53.27
C ARG D 26 -18.38 6.92 52.93
N ASP D 27 -17.90 8.12 52.59
CA ASP D 27 -18.76 9.23 52.17
C ASP D 27 -18.62 9.56 50.69
N SER D 28 -18.15 8.62 49.87
CA SER D 28 -18.03 8.74 48.42
C SER D 28 -16.87 9.63 47.96
N GLN D 29 -15.91 9.92 48.84
CA GLN D 29 -14.75 10.72 48.46
C GLN D 29 -13.62 9.82 47.97
N PHE D 30 -13.08 10.15 46.78
CA PHE D 30 -11.87 9.52 46.25
C PHE D 30 -10.68 10.40 46.58
N VAL D 31 -9.97 10.07 47.65
CA VAL D 31 -8.93 10.94 48.19
C VAL D 31 -7.57 10.29 48.01
N GLY D 32 -6.56 11.12 47.78
CA GLY D 32 -5.18 10.67 47.66
C GLY D 32 -4.28 11.36 48.67
N THR D 33 -2.97 11.27 48.49
CA THR D 33 -2.02 11.87 49.42
C THR D 33 -1.27 13.02 48.76
N LEU D 34 -1.14 14.12 49.49
CA LEU D 34 -0.42 15.30 49.03
C LEU D 34 0.37 15.86 50.20
N LEU D 35 1.64 16.20 49.95
CA LEU D 35 2.54 16.70 50.98
C LEU D 35 2.65 18.23 50.88
N VAL D 36 2.41 18.91 52.00
CA VAL D 36 2.40 20.36 52.06
C VAL D 36 3.45 20.78 53.09
N GLY D 37 4.19 21.84 52.76
CA GLY D 37 5.08 22.47 53.71
C GLY D 37 6.44 21.77 53.85
N VAL D 38 7.27 22.37 54.69
CA VAL D 38 8.62 21.87 54.99
C VAL D 38 8.91 22.03 56.47
N PRO D 39 9.01 20.91 57.22
CA PRO D 39 8.84 19.50 56.81
C PRO D 39 7.45 19.19 56.26
N PRO D 40 7.35 18.08 55.52
CA PRO D 40 6.06 17.75 54.88
C PRO D 40 4.95 17.55 55.89
N GLN D 41 3.75 17.98 55.51
CA GLN D 41 2.54 17.73 56.27
C GLN D 41 1.57 17.00 55.35
N GLU D 42 1.04 15.88 55.82
CA GLU D 42 0.24 14.99 54.98
C GLU D 42 -1.23 15.36 55.06
N ILE D 43 -1.81 15.69 53.91
CA ILE D 43 -3.25 15.92 53.79
C ILE D 43 -3.78 15.03 52.66
N HIS D 44 -5.06 14.67 52.78
CA HIS D 44 -5.70 13.75 51.84
C HIS D 44 -6.77 14.47 51.02
N PRO D 45 -6.41 15.08 49.90
CA PRO D 45 -7.37 15.87 49.12
C PRO D 45 -8.10 15.05 48.06
N ILE D 46 -9.13 15.68 47.51
CA ILE D 46 -9.82 15.16 46.33
C ILE D 46 -9.11 15.70 45.10
N PHE D 47 -9.03 14.87 44.06
CA PHE D 47 -8.43 15.28 42.79
C PHE D 47 -9.55 15.55 41.79
N ASP D 48 -9.64 16.79 41.34
CA ASP D 48 -10.82 17.29 40.64
C ASP D 48 -10.41 17.79 39.25
N THR D 49 -11.04 17.24 38.22
CA THR D 49 -10.87 17.71 36.86
C THR D 49 -11.95 18.70 36.45
N GLY D 50 -12.74 19.18 37.41
CA GLY D 50 -13.73 20.20 37.18
C GLY D 50 -13.42 21.52 37.85
N SER D 51 -12.25 21.66 38.46
CA SER D 51 -11.80 22.91 39.06
C SER D 51 -10.29 22.88 39.08
N THR D 52 -9.67 24.06 38.96
CA THR D 52 -8.23 24.19 38.92
C THR D 52 -7.63 24.69 40.25
N ASN D 53 -8.46 25.17 41.17
CA ASN D 53 -7.93 25.74 42.40
C ASN D 53 -7.38 24.64 43.31
N LEU D 54 -6.28 24.96 44.00
CA LEU D 54 -5.66 24.03 44.95
C LEU D 54 -6.04 24.49 46.36
N TRP D 55 -6.98 23.79 46.95
CA TRP D 55 -7.47 24.09 48.30
C TRP D 55 -6.81 23.17 49.31
N VAL D 56 -6.46 23.75 50.46
CA VAL D 56 -5.86 23.02 51.57
C VAL D 56 -6.52 23.47 52.86
N VAL D 57 -7.09 22.52 53.61
CA VAL D 57 -7.66 22.83 54.91
C VAL D 57 -6.53 23.13 55.89
N THR D 58 -6.59 24.30 56.51
CA THR D 58 -5.54 24.75 57.40
C THR D 58 -6.06 24.82 58.84
N THR D 59 -5.16 25.14 59.75
CA THR D 59 -5.54 25.33 61.14
C THR D 59 -6.17 26.69 61.38
N ASP D 60 -6.24 27.54 60.35
CA ASP D 60 -6.99 28.78 60.42
C ASP D 60 -8.48 28.59 60.23
N CYS D 61 -8.94 27.34 60.06
CA CYS D 61 -10.37 27.04 60.06
C CYS D 61 -10.64 26.23 61.32
N GLU D 62 -11.31 26.85 62.29
CA GLU D 62 -11.58 26.22 63.57
C GLU D 62 -13.03 25.80 63.72
N GLU D 63 -13.74 25.60 62.62
CA GLU D 63 -15.13 25.20 62.68
C GLU D 63 -15.25 23.72 63.03
N GLU D 64 -16.49 23.29 63.25
CA GLU D 64 -16.74 21.90 63.64
C GLU D 64 -16.34 20.95 62.53
N SER D 65 -16.65 21.29 61.28
CA SER D 65 -16.30 20.44 60.14
C SER D 65 -14.83 20.55 59.77
N CYS D 66 -14.10 21.50 60.33
CA CYS D 66 -12.69 21.65 60.04
C CYS D 66 -11.78 20.97 61.05
N LYS D 67 -12.22 20.83 62.31
CA LYS D 67 -11.35 20.22 63.31
C LYS D 67 -11.30 18.70 63.21
N LYS D 68 -12.29 18.09 62.57
CA LYS D 68 -12.37 16.64 62.50
C LYS D 68 -11.35 16.02 61.55
N VAL D 69 -10.65 16.82 60.74
CA VAL D 69 -9.71 16.30 59.76
C VAL D 69 -8.30 16.71 60.17
N LYS D 70 -7.32 16.13 59.47
CA LYS D 70 -5.91 16.44 59.73
C LYS D 70 -5.62 17.78 59.06
N ARG D 71 -5.79 18.85 59.83
CA ARG D 71 -5.58 20.17 59.29
C ARG D 71 -4.10 20.46 59.11
N TYR D 72 -3.79 21.22 58.07
CA TYR D 72 -2.46 21.64 57.72
C TYR D 72 -2.14 22.95 58.44
N ASN D 73 -1.02 22.97 59.18
CA ASN D 73 -0.67 24.13 59.98
C ASN D 73 0.35 24.97 59.22
N PRO D 74 -0.05 26.07 58.57
CA PRO D 74 0.92 26.84 57.78
C PRO D 74 2.08 27.36 58.61
N TYR D 75 1.86 27.59 59.91
CA TYR D 75 2.87 28.15 60.79
C TYR D 75 3.90 27.13 61.25
N LYS D 76 3.71 25.84 60.95
CA LYS D 76 4.72 24.82 61.22
C LYS D 76 5.56 24.46 60.00
N SER D 77 5.21 24.97 58.82
CA SER D 77 5.94 24.70 57.60
C SER D 77 6.86 25.89 57.32
N LYS D 78 8.11 25.58 56.96
CA LYS D 78 9.09 26.64 56.75
C LYS D 78 8.97 27.31 55.39
N THR D 79 8.37 26.66 54.40
CA THR D 79 8.24 27.26 53.09
C THR D 79 6.97 28.09 52.92
N PHE D 80 6.09 28.09 53.91
CA PHE D 80 4.87 28.89 53.79
C PHE D 80 5.22 30.36 53.85
N ARG D 81 4.56 31.14 52.99
CA ARG D 81 4.75 32.59 52.89
C ARG D 81 3.42 33.16 52.46
N ARG D 82 2.78 33.95 53.32
CA ARG D 82 1.48 34.51 52.97
C ARG D 82 1.63 35.43 51.77
N SER D 83 0.93 35.07 50.69
CA SER D 83 0.91 35.81 49.44
C SER D 83 -0.51 36.33 49.18
N PHE D 84 -0.61 37.33 48.29
CA PHE D 84 -1.90 37.99 48.02
C PHE D 84 -2.55 38.40 49.34
N ILE D 85 -1.93 39.40 49.98
CA ILE D 85 -2.45 39.81 51.29
C ILE D 85 -3.78 40.52 51.15
N GLY D 86 -3.99 41.25 50.06
CA GLY D 86 -5.25 41.94 49.86
C GLY D 86 -6.31 41.15 49.14
N LYS D 87 -5.99 39.97 48.61
CA LYS D 87 -6.98 39.17 47.92
C LYS D 87 -7.58 38.11 48.85
N ASN D 88 -8.82 37.75 48.56
CA ASN D 88 -9.59 36.75 49.28
C ASN D 88 -9.98 35.64 48.32
N LEU D 89 -10.44 34.52 48.89
CA LEU D 89 -10.91 33.40 48.11
C LEU D 89 -12.24 32.96 48.72
N HIS D 90 -13.26 32.91 47.88
CA HIS D 90 -14.59 32.48 48.29
C HIS D 90 -15.19 31.75 47.12
N ILE D 91 -15.68 30.54 47.35
CA ILE D 91 -16.27 29.72 46.30
C ILE D 91 -17.58 29.16 46.83
N VAL D 92 -18.66 29.44 46.13
CA VAL D 92 -19.99 28.93 46.48
C VAL D 92 -20.43 28.04 45.36
N PHE D 93 -20.58 26.75 45.65
CA PHE D 93 -21.14 25.79 44.73
C PHE D 93 -22.48 25.31 45.27
N GLY D 94 -23.07 24.36 44.55
CA GLY D 94 -24.41 23.89 44.85
C GLY D 94 -24.63 23.54 46.31
N SER D 95 -23.83 22.62 46.82
CA SER D 95 -24.06 22.02 48.12
C SER D 95 -23.08 22.48 49.19
N GLY D 96 -22.73 23.77 49.21
CA GLY D 96 -21.85 24.26 50.25
C GLY D 96 -21.17 25.56 49.82
N SER D 97 -20.05 25.85 50.48
CA SER D 97 -19.29 27.06 50.24
C SER D 97 -17.90 26.88 50.84
N ILE D 98 -16.96 27.67 50.34
CA ILE D 98 -15.57 27.55 50.77
C ILE D 98 -14.94 28.93 50.77
N SER D 99 -14.17 29.24 51.81
CA SER D 99 -13.54 30.55 51.94
C SER D 99 -12.13 30.40 52.51
N GLY D 100 -11.29 31.37 52.18
CA GLY D 100 -9.94 31.36 52.69
C GLY D 100 -9.08 32.43 52.03
N SER D 101 -7.81 32.40 52.41
CA SER D 101 -6.80 33.31 51.88
C SER D 101 -5.93 32.59 50.86
N ILE D 102 -4.96 33.33 50.32
CA ILE D 102 -4.03 32.81 49.31
C ILE D 102 -2.65 32.70 49.97
N GLY D 103 -1.86 31.72 49.52
CA GLY D 103 -0.50 31.55 49.99
C GLY D 103 0.33 30.76 48.99
N LYS D 104 1.63 30.76 49.25
CA LYS D 104 2.60 30.01 48.46
C LYS D 104 3.24 28.94 49.32
N GLU D 105 3.39 27.72 48.79
CA GLU D 105 3.95 26.59 49.54
C GLU D 105 4.69 25.66 48.59
N THR D 106 5.46 24.74 49.17
CA THR D 106 6.23 23.76 48.42
C THR D 106 5.51 22.41 48.55
N PHE D 107 4.98 21.91 47.42
CA PHE D 107 4.17 20.71 47.42
C PHE D 107 4.89 19.54 46.76
N VAL D 108 4.58 18.35 47.22
CA VAL D 108 5.06 17.11 46.62
C VAL D 108 3.85 16.26 46.23
N LEU D 109 3.69 16.00 44.94
CA LEU D 109 2.63 15.13 44.44
C LEU D 109 3.29 13.93 43.77
N GLY D 110 3.25 12.78 44.45
CA GLY D 110 3.83 11.57 43.93
C GLY D 110 5.31 11.69 43.60
N ASP D 111 6.12 12.01 44.61
CA ASP D 111 7.57 12.09 44.54
C ASP D 111 8.08 13.22 43.64
N HIS D 112 7.21 14.11 43.19
CA HIS D 112 7.63 15.28 42.42
C HIS D 112 7.39 16.53 43.24
N THR D 113 8.40 17.39 43.30
CA THR D 113 8.31 18.61 44.09
C THR D 113 7.94 19.80 43.20
N VAL D 114 7.20 20.74 43.79
CA VAL D 114 6.75 21.98 43.17
C VAL D 114 6.94 23.12 44.15
N ARG D 115 7.55 24.20 43.68
CA ARG D 115 7.83 25.34 44.54
C ARG D 115 7.10 26.57 43.99
N ASN D 116 6.91 27.54 44.88
CA ASN D 116 6.18 28.78 44.59
C ASN D 116 4.79 28.48 44.04
N GLN D 117 4.12 27.51 44.64
CA GLN D 117 2.81 27.10 44.17
C GLN D 117 1.73 27.88 44.91
N THR D 118 0.95 28.67 44.15
CA THR D 118 -0.18 29.39 44.71
C THR D 118 -1.25 28.38 45.11
N PHE D 119 -1.78 28.54 46.31
CA PHE D 119 -2.83 27.67 46.81
C PHE D 119 -3.73 28.48 47.74
N GLY D 120 -4.89 27.91 48.03
CA GLY D 120 -5.86 28.52 48.91
C GLY D 120 -5.91 27.83 50.26
N LEU D 121 -5.90 28.65 51.31
CA LEU D 121 -6.00 28.14 52.68
C LEU D 121 -7.45 28.20 53.15
N VAL D 122 -8.10 27.04 53.28
CA VAL D 122 -9.48 27.01 53.75
C VAL D 122 -9.53 27.51 55.19
N GLU D 123 -10.37 28.52 55.43
CA GLU D 123 -10.57 29.07 56.76
C GLU D 123 -12.01 28.99 57.24
N SER D 124 -12.97 28.93 56.33
CA SER D 124 -14.36 28.74 56.69
C SER D 124 -14.99 27.77 55.70
N GLU D 125 -16.03 27.08 56.15
CA GLU D 125 -16.75 26.12 55.30
C GLU D 125 -18.24 26.30 55.45
N SER D 126 -18.72 27.54 55.42
CA SER D 126 -20.13 27.85 55.54
C SER D 126 -20.52 28.90 54.51
N ASN D 127 -21.78 28.82 54.07
CA ASN D 127 -22.30 29.70 53.04
C ASN D 127 -22.27 31.16 53.48
N ASN D 134 -24.42 22.98 54.98
CA ASN D 134 -23.21 22.60 54.25
C ASN D 134 -23.01 21.09 54.23
N ILE D 135 -22.36 20.59 53.17
CA ILE D 135 -22.08 19.17 53.04
C ILE D 135 -20.84 18.75 53.80
N PHE D 136 -20.01 19.72 54.20
CA PHE D 136 -18.77 19.41 54.88
C PHE D 136 -18.99 18.82 56.27
N ASP D 137 -20.24 18.80 56.74
CA ASP D 137 -20.57 18.10 57.97
C ASP D 137 -20.66 16.60 57.76
N TYR D 138 -20.97 16.17 56.54
CA TYR D 138 -21.03 14.77 56.16
C TYR D 138 -19.74 14.29 55.51
N ILE D 139 -18.75 15.16 55.40
CA ILE D 139 -17.56 14.90 54.60
C ILE D 139 -16.33 15.18 55.45
N ASP D 140 -15.35 14.27 55.38
CA ASP D 140 -14.03 14.53 55.98
C ASP D 140 -13.13 15.20 54.93
N PHE D 141 -13.45 16.47 54.68
CA PHE D 141 -12.82 17.25 53.63
C PHE D 141 -11.46 17.78 54.09
N GLU D 142 -10.46 17.68 53.21
CA GLU D 142 -9.13 18.18 53.53
C GLU D 142 -8.50 19.00 52.41
N GLY D 143 -9.14 19.14 51.26
CA GLY D 143 -8.60 19.95 50.19
C GLY D 143 -8.99 19.40 48.83
N ILE D 144 -8.67 20.19 47.81
CA ILE D 144 -8.96 19.87 46.42
C ILE D 144 -7.72 20.16 45.59
N VAL D 145 -7.33 19.21 44.76
CA VAL D 145 -6.25 19.40 43.80
C VAL D 145 -6.88 19.72 42.45
N GLY D 146 -6.62 20.92 41.95
CA GLY D 146 -7.23 21.35 40.71
C GLY D 146 -6.52 20.83 39.48
N LEU D 147 -7.23 20.08 38.64
CA LEU D 147 -6.66 19.54 37.42
C LEU D 147 -7.30 20.10 36.16
N GLY D 148 -8.32 20.94 36.28
CA GLY D 148 -8.90 21.58 35.12
C GLY D 148 -7.92 22.53 34.47
N PHE D 149 -8.38 23.18 33.42
CA PHE D 149 -7.50 24.05 32.66
C PHE D 149 -7.27 25.36 33.41
N PRO D 150 -6.20 26.07 33.09
CA PRO D 150 -5.83 27.26 33.88
C PRO D 150 -6.86 28.38 33.84
N GLU D 151 -7.68 28.45 32.78
CA GLU D 151 -8.69 29.51 32.67
C GLU D 151 -9.63 29.55 33.87
N MET D 152 -9.76 28.43 34.59
CA MET D 152 -10.66 28.27 35.72
C MET D 152 -10.03 28.66 37.06
N LEU D 153 -8.81 29.20 37.05
CA LEU D 153 -8.14 29.56 38.28
C LEU D 153 -8.81 30.79 38.90
N SER D 154 -9.07 30.74 40.21
CA SER D 154 -9.65 31.89 40.89
C SER D 154 -8.61 32.94 41.24
N ALA D 155 -7.38 32.52 41.52
CA ALA D 155 -6.29 33.45 41.78
C ALA D 155 -4.99 32.76 41.44
N GLY D 156 -4.02 33.56 41.01
CA GLY D 156 -2.77 32.97 40.59
C GLY D 156 -2.69 32.91 39.07
N LYS D 157 -1.46 32.91 38.56
CA LYS D 157 -1.21 32.88 37.13
C LYS D 157 -1.21 31.46 36.58
N VAL D 158 -0.56 30.52 37.29
CA VAL D 158 -0.27 29.18 36.78
C VAL D 158 -1.09 28.15 37.55
N SER D 159 -1.61 27.18 36.81
CA SER D 159 -2.29 26.04 37.42
C SER D 159 -1.29 25.14 38.13
N PHE D 160 -1.76 24.50 39.22
CA PHE D 160 -0.89 23.62 39.99
C PHE D 160 -0.26 22.54 39.11
N PHE D 161 -1.08 21.86 38.30
CA PHE D 161 -0.56 20.78 37.46
C PHE D 161 0.40 21.33 36.40
N ASP D 162 0.04 22.44 35.77
CA ASP D 162 0.94 23.09 34.82
C ASP D 162 2.27 23.43 35.48
N ASN D 163 2.23 23.96 36.70
CA ASN D 163 3.45 24.35 37.39
C ASN D 163 4.30 23.12 37.73
N LEU D 164 3.65 21.98 37.97
CA LEU D 164 4.39 20.74 38.23
C LEU D 164 5.16 20.28 37.00
N LEU D 165 4.54 20.34 35.82
CA LEU D 165 5.21 19.93 34.60
C LEU D 165 6.40 20.82 34.27
N SER D 166 6.27 22.13 34.54
CA SER D 166 7.35 23.05 34.21
C SER D 166 8.60 22.77 35.04
N GLN D 167 8.43 22.32 36.27
CA GLN D 167 9.56 22.08 37.15
C GLN D 167 10.06 20.65 37.08
N ASN D 168 9.36 19.78 36.36
CA ASN D 168 9.80 18.40 36.11
C ASN D 168 9.61 18.16 34.62
N LYS D 169 10.64 18.49 33.84
CA LYS D 169 10.55 18.39 32.38
C LYS D 169 10.61 16.96 31.88
N ASN D 170 10.87 15.98 32.75
CA ASN D 170 10.86 14.58 32.34
C ASN D 170 9.45 14.03 32.19
N LEU D 171 8.45 14.64 32.81
CA LEU D 171 7.08 14.18 32.77
C LEU D 171 6.37 14.71 31.53
N SER D 172 5.61 13.83 30.88
CA SER D 172 4.83 14.31 29.74
C SER D 172 3.51 14.92 30.23
N PRO D 173 3.00 15.91 29.52
CA PRO D 173 1.82 16.66 29.99
C PRO D 173 0.52 15.87 29.91
N GLN D 174 0.36 14.85 30.75
CA GLN D 174 -0.86 14.07 30.70
C GLN D 174 -1.00 13.22 31.96
N PHE D 175 -2.25 12.93 32.32
CA PHE D 175 -2.57 12.13 33.49
C PHE D 175 -3.82 11.31 33.22
N SER D 176 -4.13 10.40 34.14
CA SER D 176 -5.27 9.51 33.96
C SER D 176 -5.72 8.96 35.30
N PHE D 177 -7.01 8.60 35.37
CA PHE D 177 -7.66 8.08 36.58
C PHE D 177 -8.12 6.66 36.34
N TYR D 178 -7.95 5.81 37.35
CA TYR D 178 -8.53 4.47 37.37
C TYR D 178 -9.36 4.33 38.63
N ILE D 179 -10.68 4.27 38.49
CA ILE D 179 -11.61 4.20 39.61
C ILE D 179 -12.05 2.76 39.82
N SER D 180 -11.93 2.28 41.06
CA SER D 180 -12.41 0.95 41.43
C SER D 180 -12.65 0.89 42.93
N PRO D 181 -13.80 1.38 43.42
CA PRO D 181 -14.06 1.36 44.86
C PRO D 181 -14.24 -0.03 45.42
N GLU D 182 -14.80 -0.97 44.64
CA GLU D 182 -15.02 -2.33 45.15
C GLU D 182 -13.70 -2.93 45.63
N ASP D 183 -12.71 -3.00 44.75
CA ASP D 183 -11.39 -3.44 45.19
C ASP D 183 -10.68 -2.40 46.06
N ASN D 184 -11.17 -1.15 46.09
CA ASN D 184 -10.51 -0.07 46.83
C ASN D 184 -9.08 0.11 46.33
N THR D 185 -8.92 -0.03 45.02
CA THR D 185 -7.62 0.03 44.35
C THR D 185 -7.54 1.17 43.36
N SER D 186 -8.46 2.14 43.45
CA SER D 186 -8.44 3.29 42.56
C SER D 186 -7.08 3.99 42.63
N THR D 187 -6.62 4.48 41.48
CA THR D 187 -5.28 5.02 41.36
C THR D 187 -5.28 6.25 40.46
N PHE D 188 -4.48 7.25 40.82
CA PHE D 188 -4.25 8.44 40.04
C PHE D 188 -2.86 8.32 39.42
N LEU D 189 -2.79 8.43 38.10
CA LEU D 189 -1.54 8.26 37.37
C LEU D 189 -1.04 9.61 36.88
N VAL D 190 0.23 9.89 37.13
CA VAL D 190 0.85 11.16 36.73
C VAL D 190 1.83 10.86 35.61
N GLY D 191 1.65 11.53 34.48
CA GLY D 191 2.59 11.44 33.39
C GLY D 191 2.31 10.35 32.37
N GLY D 192 1.14 9.74 32.37
CA GLY D 192 0.85 8.71 31.39
C GLY D 192 -0.21 7.75 31.90
N VAL D 193 -0.18 6.54 31.32
CA VAL D 193 -1.15 5.51 31.64
C VAL D 193 -0.41 4.20 31.90
N SER D 194 -1.15 3.21 32.41
CA SER D 194 -0.65 1.88 32.66
C SER D 194 -1.60 0.84 32.09
N LYS D 195 -1.05 -0.17 31.42
CA LYS D 195 -1.85 -1.22 30.81
C LYS D 195 -2.57 -2.08 31.84
N SER D 196 -2.27 -1.91 33.12
CA SER D 196 -2.89 -2.71 34.17
C SER D 196 -4.26 -2.20 34.58
N PHE D 197 -4.68 -1.03 34.09
CA PHE D 197 -5.94 -0.44 34.48
C PHE D 197 -7.00 -0.47 33.39
N TYR D 198 -6.60 -0.70 32.14
CA TYR D 198 -7.53 -0.71 31.03
C TYR D 198 -7.23 -1.87 30.11
N GLU D 199 -8.27 -2.31 29.39
CA GLU D 199 -8.12 -3.32 28.36
C GLU D 199 -8.73 -2.81 27.06
N GLY D 200 -8.25 -3.36 25.96
CA GLY D 200 -8.68 -2.89 24.65
C GLY D 200 -7.88 -1.68 24.19
N SER D 201 -8.47 -0.94 23.26
CA SER D 201 -7.86 0.27 22.73
C SER D 201 -8.32 1.50 23.50
N ILE D 202 -7.58 2.59 23.34
CA ILE D 202 -7.88 3.87 23.96
C ILE D 202 -8.35 4.83 22.87
N TYR D 203 -9.54 5.40 23.05
CA TYR D 203 -10.13 6.30 22.08
C TYR D 203 -10.05 7.73 22.59
N MET D 204 -9.64 8.65 21.73
CA MET D 204 -9.38 10.03 22.12
C MET D 204 -10.54 10.94 21.73
N LEU D 205 -10.78 11.95 22.56
CA LEU D 205 -11.85 12.93 22.34
C LEU D 205 -11.27 14.33 22.49
N PRO D 206 -11.37 15.19 21.47
CA PRO D 206 -10.75 16.52 21.56
C PRO D 206 -11.51 17.44 22.50
N VAL D 207 -10.76 18.29 23.19
CA VAL D 207 -11.35 19.27 24.10
C VAL D 207 -11.76 20.50 23.29
N VAL D 208 -13.04 20.86 23.34
CA VAL D 208 -13.53 21.99 22.58
C VAL D 208 -13.03 23.30 23.18
N LYS D 209 -13.19 23.44 24.49
CA LYS D 209 -12.86 24.68 25.20
C LYS D 209 -11.94 24.33 26.36
N GLU D 210 -10.73 24.88 26.36
CA GLU D 210 -9.76 24.61 27.42
C GLU D 210 -10.16 25.39 28.68
N TYR D 211 -11.31 25.00 29.21
CA TYR D 211 -11.79 25.47 30.51
C TYR D 211 -12.06 24.29 31.42
N TYR D 212 -13.11 23.52 31.18
CA TYR D 212 -13.21 22.16 31.68
C TYR D 212 -12.62 21.19 30.66
N TRP D 213 -12.46 19.94 31.07
CA TRP D 213 -12.19 18.89 30.10
C TRP D 213 -13.47 18.59 29.35
N GLU D 214 -13.73 19.32 28.27
CA GLU D 214 -15.03 19.37 27.63
C GLU D 214 -14.91 18.89 26.19
N VAL D 215 -15.80 17.98 25.81
CA VAL D 215 -15.80 17.40 24.46
C VAL D 215 -17.21 17.49 23.90
N GLU D 216 -17.30 17.49 22.57
CA GLU D 216 -18.59 17.56 21.91
C GLU D 216 -19.39 16.29 22.15
N LEU D 217 -20.69 16.45 22.40
CA LEU D 217 -21.62 15.33 22.58
C LEU D 217 -22.66 15.37 21.47
N ASP D 218 -22.77 14.27 20.73
CA ASP D 218 -23.68 14.22 19.59
C ASP D 218 -25.05 13.63 19.92
N GLY D 219 -25.16 12.82 20.97
CA GLY D 219 -26.47 12.28 21.32
C GLY D 219 -26.40 11.41 22.56
N ILE D 220 -27.60 11.16 23.12
CA ILE D 220 -27.79 10.28 24.26
C ILE D 220 -29.08 9.50 24.02
N TYR D 221 -29.02 8.18 24.18
CA TYR D 221 -30.15 7.29 24.00
C TYR D 221 -30.35 6.48 25.27
N VAL D 222 -31.55 6.54 25.84
CA VAL D 222 -31.92 5.71 26.98
C VAL D 222 -32.83 4.61 26.46
N GLY D 223 -32.27 3.42 26.28
CA GLY D 223 -32.97 2.37 25.57
C GLY D 223 -33.16 2.76 24.12
N GLU D 224 -34.41 2.83 23.69
CA GLU D 224 -34.77 3.19 22.33
C GLU D 224 -35.24 4.63 22.19
N LYS D 225 -35.29 5.38 23.29
CA LYS D 225 -35.77 6.75 23.31
C LYS D 225 -34.59 7.73 23.28
N LYS D 226 -34.66 8.71 22.37
CA LYS D 226 -33.61 9.71 22.20
C LYS D 226 -33.78 10.82 23.24
N ILE D 227 -32.86 10.86 24.22
CA ILE D 227 -32.85 11.96 25.18
C ILE D 227 -32.02 13.15 24.72
N CYS D 228 -31.02 12.93 23.87
CA CYS D 228 -30.13 13.99 23.43
C CYS D 228 -29.61 13.62 22.04
N CYS D 229 -29.26 14.62 21.22
CA CYS D 229 -29.08 16.02 21.59
C CYS D 229 -29.67 16.86 20.45
N GLU D 230 -30.60 17.76 20.75
CA GLU D 230 -31.21 18.55 19.70
C GLU D 230 -30.47 19.85 19.40
N GLU D 231 -29.63 20.31 20.33
CA GLU D 231 -28.81 21.49 20.11
C GLU D 231 -27.41 21.18 20.61
N LYS D 232 -26.41 21.81 19.98
CA LYS D 232 -25.02 21.51 20.26
C LYS D 232 -24.77 21.46 21.76
N SER D 233 -24.42 20.27 22.23
CA SER D 233 -24.19 20.00 23.64
C SER D 233 -22.79 19.44 23.83
N TYR D 234 -22.37 19.37 25.10
CA TYR D 234 -21.02 18.98 25.42
C TYR D 234 -21.03 18.07 26.63
N ALA D 235 -19.93 17.34 26.79
CA ALA D 235 -19.72 16.46 27.94
C ALA D 235 -18.49 16.93 28.71
N ILE D 236 -18.58 16.91 30.03
CA ILE D 236 -17.50 17.35 30.89
C ILE D 236 -17.06 16.16 31.74
N PHE D 237 -15.76 15.90 31.75
CA PHE D 237 -15.18 14.81 32.52
C PHE D 237 -14.78 15.34 33.88
N ASP D 238 -15.54 14.98 34.90
CA ASP D 238 -15.41 15.56 36.23
C ASP D 238 -15.16 14.46 37.26
N THR D 239 -13.97 14.48 37.87
CA THR D 239 -13.64 13.55 38.94
C THR D 239 -14.17 14.02 40.28
N GLY D 240 -14.83 15.17 40.33
CA GLY D 240 -15.35 15.75 41.56
C GLY D 240 -16.75 15.33 41.93
N THR D 241 -17.40 14.49 41.11
CA THR D 241 -18.73 13.99 41.43
C THR D 241 -18.78 12.49 41.31
N SER D 242 -19.59 11.89 42.17
CA SER D 242 -19.89 10.49 42.07
C SER D 242 -20.94 10.26 41.00
N TYR D 243 -21.85 11.22 40.86
CA TYR D 243 -23.01 11.10 40.00
C TYR D 243 -22.74 11.67 38.62
N ASN D 244 -23.29 11.01 37.59
CA ASN D 244 -23.41 11.65 36.29
C ASN D 244 -24.53 12.66 36.38
N THR D 245 -24.54 13.63 35.48
CA THR D 245 -25.46 14.74 35.66
C THR D 245 -26.13 15.08 34.34
N MET D 246 -27.20 15.89 34.45
CA MET D 246 -27.93 16.42 33.31
C MET D 246 -28.52 17.78 33.68
N PRO D 247 -28.82 18.62 32.69
CA PRO D 247 -29.49 19.90 32.97
C PRO D 247 -30.92 19.72 33.47
N SER D 248 -31.52 20.83 33.88
CA SER D 248 -32.87 20.78 34.48
C SER D 248 -33.90 20.25 33.49
N ALA D 249 -33.91 20.76 32.26
CA ALA D 249 -34.92 20.35 31.31
C ALA D 249 -34.80 18.86 31.02
N GLN D 250 -33.64 18.44 30.51
CA GLN D 250 -33.46 17.05 30.16
C GLN D 250 -33.51 16.12 31.36
N MET D 251 -33.33 16.65 32.58
CA MET D 251 -33.30 15.79 33.76
C MET D 251 -34.67 15.22 34.08
N LYS D 252 -35.72 16.05 33.98
CA LYS D 252 -37.08 15.57 34.27
C LYS D 252 -37.45 14.42 33.34
N GLY D 253 -37.33 14.62 32.02
CA GLY D 253 -37.62 13.58 31.06
C GLY D 253 -36.80 12.32 31.23
N PHE D 254 -35.67 12.41 31.93
CA PHE D 254 -34.81 11.24 32.10
C PHE D 254 -35.37 10.29 33.14
N PHE D 255 -35.80 10.83 34.28
CA PHE D 255 -36.29 9.97 35.37
C PHE D 255 -37.57 9.23 35.02
N ASP D 256 -38.29 9.63 33.97
CA ASP D 256 -39.47 8.89 33.56
C ASP D 256 -39.10 7.53 33.00
N VAL D 257 -37.86 7.37 32.56
CA VAL D 257 -37.39 6.12 32.01
C VAL D 257 -36.48 5.38 32.98
N VAL D 258 -35.79 6.09 33.89
CA VAL D 258 -34.94 5.44 34.87
C VAL D 258 -35.49 5.78 36.26
N PRO D 259 -36.42 4.99 36.79
CA PRO D 259 -36.95 5.25 38.13
C PRO D 259 -36.24 4.45 39.20
N SER D 260 -36.41 4.84 40.45
CA SER D 260 -35.88 4.07 41.56
C SER D 260 -36.83 2.91 41.89
N ALA D 261 -36.33 1.97 42.70
CA ALA D 261 -37.09 0.78 43.02
C ALA D 261 -36.49 0.11 44.25
N PRO D 262 -37.27 -0.63 45.02
CA PRO D 262 -36.70 -1.36 46.17
C PRO D 262 -35.74 -2.44 45.72
N CYS D 263 -34.65 -2.59 46.45
CA CYS D 263 -33.63 -3.56 46.10
C CYS D 263 -32.96 -4.12 47.36
N THR D 264 -32.62 -5.40 47.33
CA THR D 264 -31.86 -6.04 48.40
C THR D 264 -30.47 -6.40 47.88
N GLU D 265 -29.62 -6.93 48.77
CA GLU D 265 -28.25 -7.27 48.41
C GLU D 265 -28.19 -8.31 47.30
N GLU D 266 -29.08 -9.30 47.31
CA GLU D 266 -29.05 -10.36 46.30
C GLU D 266 -30.22 -10.34 45.31
N ASN D 267 -31.22 -9.47 45.48
CA ASN D 267 -32.39 -9.44 44.59
C ASN D 267 -32.29 -8.40 43.49
N TYR D 268 -31.28 -7.53 43.51
CA TYR D 268 -31.22 -6.45 42.53
C TYR D 268 -30.92 -6.95 41.12
N GLN D 269 -30.34 -8.13 40.97
CA GLN D 269 -29.99 -8.63 39.64
C GLN D 269 -31.23 -8.86 38.78
N GLU D 270 -32.35 -9.21 39.40
CA GLU D 270 -33.58 -9.47 38.64
C GLU D 270 -34.40 -8.20 38.45
N VAL D 271 -34.33 -7.26 39.39
CA VAL D 271 -35.05 -5.99 39.24
C VAL D 271 -34.51 -5.22 38.04
N LEU D 272 -33.18 -5.18 37.89
CA LEU D 272 -32.49 -4.46 36.82
C LEU D 272 -32.48 -5.22 35.50
N LYS D 273 -33.34 -6.22 35.33
CA LYS D 273 -33.34 -6.98 34.08
C LYS D 273 -34.02 -6.22 32.96
N ASN D 274 -35.04 -5.43 33.29
CA ASN D 274 -35.78 -4.66 32.30
C ASN D 274 -35.21 -3.26 32.08
N TYR D 275 -34.34 -2.78 32.96
CA TYR D 275 -33.83 -1.42 32.86
C TYR D 275 -33.10 -1.18 31.55
N PRO D 276 -33.16 0.04 31.03
CA PRO D 276 -32.61 0.32 29.69
C PRO D 276 -31.08 0.35 29.72
N VAL D 277 -30.51 0.45 28.52
CA VAL D 277 -29.07 0.60 28.34
C VAL D 277 -28.81 2.01 27.84
N ILE D 278 -28.03 2.77 28.61
CA ILE D 278 -27.71 4.14 28.23
C ILE D 278 -26.53 4.14 27.26
N LYS D 279 -26.67 4.90 26.18
CA LYS D 279 -25.61 5.00 25.16
C LYS D 279 -25.27 6.47 24.94
N TYR D 280 -23.97 6.77 24.98
CA TYR D 280 -23.45 8.10 24.68
C TYR D 280 -22.76 8.05 23.32
N LEU D 281 -23.19 8.92 22.40
CA LEU D 281 -22.69 8.91 21.04
C LEU D 281 -21.72 10.09 20.84
N PHE D 282 -20.45 9.76 20.67
CA PHE D 282 -19.40 10.73 20.34
C PHE D 282 -19.04 10.48 18.88
N GLY D 283 -19.86 10.99 17.98
CA GLY D 283 -19.68 10.70 16.57
C GLY D 283 -19.83 9.22 16.32
N ASP D 284 -18.80 8.61 15.73
CA ASP D 284 -18.84 7.19 15.45
C ASP D 284 -18.71 6.33 16.71
N LEU D 285 -18.20 6.89 17.82
CA LEU D 285 -17.95 6.13 19.03
C LEU D 285 -19.22 6.04 19.87
N VAL D 286 -19.47 4.85 20.43
CA VAL D 286 -20.63 4.60 21.28
C VAL D 286 -20.17 4.03 22.62
N ILE D 287 -20.41 4.76 23.69
CA ILE D 287 -20.07 4.34 25.06
C ILE D 287 -21.37 3.96 25.75
N GLU D 288 -21.45 2.72 26.22
CA GLU D 288 -22.65 2.20 26.84
C GLU D 288 -22.48 2.08 28.35
N LEU D 289 -23.58 2.33 29.07
CA LEU D 289 -23.64 2.12 30.51
C LEU D 289 -24.84 1.23 30.78
N LEU D 290 -24.59 0.09 31.40
CA LEU D 290 -25.63 -0.91 31.63
C LEU D 290 -26.35 -0.62 32.94
N PRO D 291 -27.51 -1.26 33.15
CA PRO D 291 -28.24 -1.00 34.41
C PRO D 291 -27.39 -1.26 35.64
N GLU D 292 -26.72 -2.41 35.73
CA GLU D 292 -25.88 -2.67 36.89
C GLU D 292 -24.69 -1.73 36.97
N GLU D 293 -24.40 -0.96 35.91
CA GLU D 293 -23.26 -0.06 35.93
C GLU D 293 -23.62 1.34 36.42
N TYR D 294 -24.73 1.92 35.95
CA TYR D 294 -25.12 3.25 36.37
C TYR D 294 -26.14 3.24 37.50
N MET D 295 -26.51 2.06 38.00
CA MET D 295 -27.41 1.96 39.14
C MET D 295 -26.62 1.64 40.40
N ILE D 296 -26.98 2.33 41.48
CA ILE D 296 -26.34 2.18 42.77
C ILE D 296 -27.39 1.77 43.80
N LEU D 297 -26.95 1.06 44.83
CA LEU D 297 -27.81 0.62 45.92
C LEU D 297 -27.61 1.57 47.08
N ASN D 298 -28.71 2.18 47.53
CA ASN D 298 -28.67 3.04 48.71
C ASN D 298 -29.88 2.77 49.57
N GLU D 299 -29.65 2.62 50.88
CA GLU D 299 -30.71 2.40 51.87
C GLU D 299 -31.78 1.44 51.35
N GLU D 300 -31.33 0.28 50.87
CA GLU D 300 -32.21 -0.75 50.32
C GLU D 300 -33.11 -0.17 49.23
N SER D 301 -32.49 0.49 48.26
CA SER D 301 -33.19 1.14 47.17
C SER D 301 -32.25 1.28 45.98
N CYS D 302 -32.79 1.10 44.76
CA CYS D 302 -32.06 1.18 43.48
C CYS D 302 -32.26 2.56 42.88
N ILE D 303 -31.28 3.44 43.05
CA ILE D 303 -31.39 4.83 42.62
C ILE D 303 -30.60 5.04 41.33
N PRO D 304 -31.17 5.74 40.33
CA PRO D 304 -30.38 6.13 39.15
C PRO D 304 -29.22 6.99 39.61
N ALA D 305 -28.00 6.63 39.21
CA ALA D 305 -26.88 7.41 39.73
C ALA D 305 -26.82 8.83 39.14
N TYR D 306 -27.71 9.17 38.22
CA TYR D 306 -27.63 10.49 37.61
C TYR D 306 -28.25 11.54 38.54
N MET D 307 -27.74 12.77 38.48
CA MET D 307 -28.27 13.88 39.29
C MET D 307 -28.43 15.10 38.40
N GLN D 308 -29.11 16.13 38.89
CA GLN D 308 -29.41 17.30 38.08
C GLN D 308 -28.39 18.41 38.29
N ILE D 309 -27.85 18.93 37.18
CA ILE D 309 -26.91 20.06 37.14
C ILE D 309 -27.08 20.88 35.87
N ASP D 310 -27.36 22.17 36.02
CA ASP D 310 -27.37 23.12 34.91
C ASP D 310 -26.02 23.82 34.90
N VAL D 311 -25.18 23.47 33.95
CA VAL D 311 -23.85 24.08 33.91
C VAL D 311 -23.98 25.57 33.57
N PRO D 312 -23.33 26.45 34.33
CA PRO D 312 -23.52 27.90 34.08
C PRO D 312 -23.08 28.36 32.70
N SER D 313 -21.85 28.01 32.30
CA SER D 313 -21.27 28.60 31.10
C SER D 313 -21.85 28.03 29.81
N GLU D 314 -22.30 26.78 29.83
CA GLU D 314 -22.84 26.14 28.63
C GLU D 314 -24.36 25.92 28.71
N LYS D 315 -25.06 26.76 29.48
CA LYS D 315 -26.52 26.69 29.61
C LYS D 315 -26.92 25.27 30.01
N ASN D 316 -28.04 24.75 29.53
CA ASN D 316 -28.49 23.38 29.79
C ASN D 316 -28.00 22.43 28.69
N HIS D 317 -26.81 22.68 28.15
CA HIS D 317 -26.26 21.89 27.05
C HIS D 317 -24.97 21.17 27.44
N ALA D 318 -24.66 21.10 28.73
CA ALA D 318 -23.43 20.47 29.19
C ALA D 318 -23.82 19.36 30.14
N TYR D 319 -23.31 18.15 29.87
CA TYR D 319 -23.65 16.96 30.65
C TYR D 319 -22.37 16.43 31.28
N LEU D 320 -22.37 16.22 32.59
CA LEU D 320 -21.18 15.73 33.28
C LEU D 320 -21.15 14.21 33.34
N LEU D 321 -19.93 13.68 33.41
CA LEU D 321 -19.66 12.25 33.54
C LEU D 321 -18.78 12.07 34.78
N GLY D 322 -19.31 11.39 35.79
CA GLY D 322 -18.70 11.29 37.09
C GLY D 322 -17.90 10.00 37.28
N SER D 323 -17.43 9.84 38.52
CA SER D 323 -16.52 8.74 38.86
C SER D 323 -17.22 7.40 39.02
N ILE D 324 -18.35 7.35 39.73
CA ILE D 324 -18.98 6.05 39.99
C ILE D 324 -19.85 5.62 38.82
N ALA D 325 -20.46 6.56 38.12
CA ALA D 325 -21.33 6.20 37.01
C ALA D 325 -20.62 6.20 35.67
N PHE D 326 -19.31 6.49 35.62
CA PHE D 326 -18.57 6.43 34.36
C PHE D 326 -17.13 5.93 34.54
N MET D 327 -16.27 6.73 35.18
CA MET D 327 -14.85 6.36 35.26
C MET D 327 -14.63 5.01 35.94
N ARG D 328 -15.49 4.63 36.87
CA ARG D 328 -15.38 3.29 37.44
C ARG D 328 -15.51 2.22 36.38
N HIS D 329 -16.20 2.52 35.27
CA HIS D 329 -16.34 1.58 34.17
C HIS D 329 -15.40 1.87 33.02
N TYR D 330 -14.86 3.09 32.93
CA TYR D 330 -14.03 3.50 31.82
C TYR D 330 -12.78 4.20 32.32
N TYR D 331 -11.62 3.61 32.03
CA TYR D 331 -10.35 4.29 32.27
C TYR D 331 -10.29 5.54 31.41
N THR D 332 -9.94 6.67 32.02
CA THR D 332 -9.94 7.97 31.35
C THR D 332 -8.55 8.56 31.38
N VAL D 333 -8.08 9.02 30.22
CA VAL D 333 -6.77 9.64 30.08
C VAL D 333 -6.97 11.09 29.71
N PHE D 334 -6.12 11.95 30.26
CA PHE D 334 -6.19 13.39 30.02
C PHE D 334 -4.85 13.87 29.47
N VAL D 335 -4.87 14.40 28.26
CA VAL D 335 -3.66 14.89 27.61
C VAL D 335 -3.81 16.40 27.48
N ARG D 336 -3.02 17.15 28.25
CA ARG D 336 -3.05 18.60 28.17
C ARG D 336 -2.22 19.05 26.99
N GLY D 337 -2.81 19.82 26.08
CA GLY D 337 -2.06 20.35 24.98
C GLY D 337 -1.07 21.40 25.44
N ALA D 338 -0.45 22.06 24.47
CA ALA D 338 0.57 23.07 24.74
C ALA D 338 0.91 23.85 23.48
N GLY D 339 0.82 25.16 23.53
CA GLY D 339 1.07 25.94 22.34
C GLY D 339 0.07 25.55 21.27
N GLY D 340 0.58 25.04 20.16
CA GLY D 340 -0.28 24.67 19.05
C GLY D 340 -1.08 23.41 19.32
N GLN D 341 -0.48 22.43 19.97
CA GLN D 341 -1.10 21.13 20.14
C GLN D 341 -2.32 21.20 21.07
N PRO D 342 -3.38 20.48 20.77
CA PRO D 342 -4.60 20.56 21.57
C PRO D 342 -4.68 19.49 22.66
N SER D 343 -5.49 19.80 23.67
CA SER D 343 -5.79 18.85 24.73
C SER D 343 -6.82 17.83 24.27
N MET D 344 -6.77 16.63 24.87
CA MET D 344 -7.64 15.54 24.51
C MET D 344 -7.93 14.66 25.71
N VAL D 345 -9.09 14.00 25.67
CA VAL D 345 -9.52 13.06 26.70
C VAL D 345 -9.56 11.67 26.08
N GLY D 346 -8.86 10.72 26.73
CA GLY D 346 -8.81 9.35 26.25
C GLY D 346 -9.72 8.44 27.08
N VAL D 347 -10.49 7.63 26.37
CA VAL D 347 -11.44 6.70 27.00
C VAL D 347 -11.08 5.27 26.59
N ALA D 348 -11.13 4.36 27.56
CA ALA D 348 -10.91 2.94 27.31
C ALA D 348 -11.70 2.15 28.36
N LYS D 349 -11.79 0.84 28.13
CA LYS D 349 -12.42 -0.04 29.10
C LYS D 349 -11.57 -0.17 30.36
N ALA D 350 -12.23 -0.15 31.51
CA ALA D 350 -11.57 -0.34 32.79
C ALA D 350 -11.30 -1.81 33.04
N ARG D 351 -10.15 -2.11 33.65
CA ARG D 351 -9.83 -3.47 34.04
C ARG D 351 -10.83 -3.91 35.10
N ALA D 352 -11.64 -4.91 34.78
CA ALA D 352 -12.62 -5.41 35.71
C ALA D 352 -11.92 -5.88 36.97
N ALA D 353 -12.45 -5.48 38.12
CA ALA D 353 -11.92 -5.92 39.40
C ALA D 353 -12.89 -6.97 39.88
N ALA D 354 -12.39 -8.18 40.06
CA ALA D 354 -13.17 -9.38 40.32
C ALA D 354 -14.42 -9.20 41.15
#